data_3KK6
#
_entry.id   3KK6
#
_cell.length_a   181.035
_cell.length_b   181.035
_cell.length_c   102.698
_cell.angle_alpha   90.00
_cell.angle_beta   90.00
_cell.angle_gamma   120.00
#
_symmetry.space_group_name_H-M   'P 65'
#
loop_
_entity.id
_entity.type
_entity.pdbx_description
1 polymer 'Prostaglandin G/H synthase 1'
2 branched alpha-D-mannopyranose-(1-3)-beta-D-mannopyranose-(1-4)-alpha-D-mannopyranose-(1-4)-2-acetamido-2-deoxy-beta-D-glucopyranose-(1-4)-2-acetamido-2-deoxy-beta-D-glucopyranose
3 branched 2-acetamido-2-deoxy-alpha-D-glucopyranose-(1-4)-2-acetamido-2-deoxy-beta-D-glucopyranose
4 branched beta-D-mannopyranose-(1-6)-alpha-D-mannopyranose-(1-4)-2-acetamido-2-deoxy-beta-D-glucopyranose-(1-4)-2-acetamido-2-deoxy-beta-D-glucopyranose
5 non-polymer 'PROTOPORPHYRIN IX CONTAINING FE'
6 non-polymer 4-[5-(4-METHYLPHENYL)-3-(TRIFLUOROMETHYL)-1H-PYRAZOL-1-YL]BENZENESULFONAMIDE
7 non-polymer 'octyl beta-D-glucopyranoside'
8 non-polymer 'CITRATE ANION'
9 water water
#
_entity_poly.entity_id   1
_entity_poly.type   'polypeptide(L)'
_entity_poly.pdbx_seq_one_letter_code
;PVNPCCYYPCQHQGICVRFGLDRYQCDCTRTGYSGPNCTIPEIWTWLRTTLRPSPSFIHFLLTHGRWLWDFVNATFIRDT
LMRLVLTVRSNLIPSPPTYNIAHDYISWESFSNVSYYTRILPSVPRDCPTPMGTKGKKQLPDAEFLSRRFLLRRKFIPDP
QGTNLMFAFFAQHFTHQFFKTSGKMGPGFTKALGHGVDLGHIYGDNLERQYQLRLFKDGKLKYQMLNGEVYPPSVEEAPV
LMHYPRGIPPQSQMAVGQEVFGLLPGLMLYATIWLREHNRVCDLLKAEHPTWGDEQLFQTARLILIGETIKIVIEEYVQQ
LSGYFLQLKFDPELLFGAQFQYRNRIAMEFNQLYHWHPLMPDSFRVGPQDYSYEQFLFNTSMLVDYGVEALVDAFSRQPA
GRIGGGRNIDHHILHVAVDVIKESRVLRLQPFNEYRKRFGMKPYTSFQELTGEKEMAAELEELYGDIDALEFYPGLLLEK
CHPNSIFGESMIEMGAPFSLKGLLGNPICSPEYWKASTFGGEVGFNLVKTATLKKLVCLNTKTCPYVSFHVPD
;
_entity_poly.pdbx_strand_id   A,B
#
loop_
_chem_comp.id
_chem_comp.type
_chem_comp.name
_chem_comp.formula
BMA D-saccharide, beta linking beta-D-mannopyranose 'C6 H12 O6'
BOG D-saccharide 'octyl beta-D-glucopyranoside' 'C14 H28 O6'
CEL non-polymer 4-[5-(4-METHYLPHENYL)-3-(TRIFLUOROMETHYL)-1H-PYRAZOL-1-YL]BENZENESULFONAMIDE 'C17 H14 F3 N3 O2 S'
FLC non-polymer 'CITRATE ANION' 'C6 H5 O7 -3'
HEM non-polymer 'PROTOPORPHYRIN IX CONTAINING FE' 'C34 H32 Fe N4 O4'
MAN D-saccharide, alpha linking alpha-D-mannopyranose 'C6 H12 O6'
NAG D-saccharide, beta linking 2-acetamido-2-deoxy-beta-D-glucopyranose 'C8 H15 N O6'
NDG D-saccharide, alpha linking 2-acetamido-2-deoxy-alpha-D-glucopyranose 'C8 H15 N O6'
#
# COMPACT_ATOMS: atom_id res chain seq x y z
N PRO A 1 10.68 -2.29 39.93
CA PRO A 1 10.14 -3.02 38.79
C PRO A 1 9.95 -2.04 37.68
N VAL A 2 10.64 -0.92 37.76
CA VAL A 2 10.40 0.17 36.82
C VAL A 2 10.68 -0.26 35.39
N ASN A 3 9.76 0.03 34.50
CA ASN A 3 9.91 -0.31 33.08
C ASN A 3 11.23 0.26 32.54
N PRO A 4 12.18 -0.63 32.21
CA PRO A 4 13.50 -0.21 31.73
C PRO A 4 13.47 0.62 30.46
N CYS A 5 12.42 0.47 29.66
CA CYS A 5 12.33 1.16 28.38
C CYS A 5 11.84 2.60 28.54
N CYS A 6 11.74 3.07 29.77
CA CYS A 6 11.30 4.44 30.04
C CYS A 6 12.49 5.41 30.00
N TYR A 7 13.69 4.85 29.95
CA TYR A 7 14.90 5.66 29.89
C TYR A 7 15.32 5.88 28.44
N TYR A 8 14.58 5.25 27.54
CA TYR A 8 14.86 5.34 26.10
C TYR A 8 16.28 4.94 25.78
N PRO A 9 16.70 3.80 26.29
CA PRO A 9 18.07 3.32 26.14
C PRO A 9 18.49 3.20 24.68
N CYS A 10 17.66 2.54 23.89
CA CYS A 10 17.97 2.30 22.48
C CYS A 10 18.23 3.61 21.75
N GLN A 11 19.42 3.70 21.15
CA GLN A 11 19.84 4.90 20.43
C GLN A 11 19.80 4.67 18.93
N HIS A 12 19.67 5.75 18.17
CA HIS A 12 19.71 5.69 16.71
C HIS A 12 18.65 4.73 16.16
N GLN A 13 17.40 4.94 16.57
CA GLN A 13 16.29 4.17 16.03
C GLN A 13 16.35 2.69 16.43
N GLY A 14 16.69 2.45 17.69
CA GLY A 14 16.70 1.10 18.22
C GLY A 14 15.39 0.76 18.90
N ILE A 15 14.88 -0.44 18.64
CA ILE A 15 13.61 -0.88 19.19
C ILE A 15 13.82 -1.51 20.56
N CYS A 16 13.13 -0.99 21.57
CA CYS A 16 13.26 -1.49 22.93
C CYS A 16 12.15 -2.48 23.26
N VAL A 17 12.52 -3.74 23.47
CA VAL A 17 11.58 -4.78 23.85
C VAL A 17 11.83 -5.17 25.30
N ARG A 18 10.78 -5.54 26.01
CA ARG A 18 10.89 -5.89 27.42
C ARG A 18 10.99 -7.40 27.61
N PHE A 19 11.89 -7.81 28.49
CA PHE A 19 12.10 -9.23 28.79
C PHE A 19 12.02 -9.46 30.29
N GLY A 20 11.72 -10.70 30.68
CA GLY A 20 11.65 -11.07 32.08
C GLY A 20 10.74 -10.16 32.89
N LEU A 21 11.06 -10.01 34.18
CA LEU A 21 10.26 -9.18 35.06
C LEU A 21 10.74 -7.72 35.05
N ASP A 22 12.05 -7.54 34.94
CA ASP A 22 12.63 -6.20 35.01
C ASP A 22 13.85 -6.05 34.09
N ARG A 23 13.88 -6.82 33.02
CA ARG A 23 14.98 -6.74 32.06
C ARG A 23 14.51 -6.12 30.75
N TYR A 24 15.43 -6.03 29.79
CA TYR A 24 15.12 -5.48 28.47
C TYR A 24 16.27 -5.71 27.50
N GLN A 25 16.02 -5.47 26.22
CA GLN A 25 17.04 -5.59 25.19
C GLN A 25 16.77 -4.59 24.07
N CYS A 26 17.81 -4.27 23.30
CA CYS A 26 17.67 -3.34 22.19
C CYS A 26 18.05 -4.00 20.87
N ASP A 27 17.13 -3.97 19.92
CA ASP A 27 17.35 -4.56 18.60
C ASP A 27 18.11 -3.58 17.72
N CYS A 28 19.40 -3.85 17.52
CA CYS A 28 20.26 -2.94 16.75
C CYS A 28 20.43 -3.45 15.32
N THR A 29 19.37 -4.02 14.75
CA THR A 29 19.42 -4.55 13.39
C THR A 29 19.35 -3.43 12.36
N ARG A 30 20.42 -3.30 11.57
CA ARG A 30 20.48 -2.31 10.51
C ARG A 30 20.28 -0.88 11.01
N THR A 31 20.79 -0.60 12.21
CA THR A 31 20.77 0.76 12.74
C THR A 31 22.15 1.40 12.60
N GLY A 32 23.11 0.61 12.11
CA GLY A 32 24.47 1.09 11.93
C GLY A 32 25.26 1.00 13.21
N TYR A 33 24.65 0.45 14.26
CA TYR A 33 25.30 0.32 15.56
C TYR A 33 25.07 -1.07 16.14
N SER A 34 25.87 -1.42 17.14
CA SER A 34 25.70 -2.68 17.86
C SER A 34 25.83 -2.43 19.35
N GLY A 35 26.07 -3.49 20.12
CA GLY A 35 26.20 -3.36 21.56
C GLY A 35 24.84 -3.38 22.25
N PRO A 36 24.85 -3.25 23.58
CA PRO A 36 23.62 -3.30 24.38
C PRO A 36 22.62 -2.19 24.06
N ASN A 37 23.11 -1.05 23.60
CA ASN A 37 22.24 0.07 23.32
C ASN A 37 22.28 0.61 21.92
N CYS A 38 23.07 0.00 21.06
CA CYS A 38 23.22 0.46 19.69
C CYS A 38 23.94 1.81 19.67
N THR A 39 24.99 1.90 20.48
CA THR A 39 25.76 3.14 20.60
C THR A 39 27.14 3.01 19.95
N ILE A 40 27.67 1.81 19.99
CA ILE A 40 28.92 1.56 19.33
C ILE A 40 28.78 1.68 17.85
N PRO A 41 29.64 2.47 17.24
CA PRO A 41 29.53 2.65 15.79
C PRO A 41 30.09 1.47 14.99
N GLU A 42 29.57 1.27 13.79
CA GLU A 42 30.15 0.30 12.86
C GLU A 42 31.27 0.98 12.08
N ILE A 43 32.07 0.18 11.37
CA ILE A 43 33.22 0.71 10.64
C ILE A 43 32.83 1.83 9.68
N TRP A 44 31.71 1.65 8.97
CA TRP A 44 31.31 2.61 7.94
C TRP A 44 30.55 3.80 8.52
N THR A 45 29.69 3.56 9.50
CA THR A 45 28.87 4.61 10.08
C THR A 45 29.71 5.61 10.85
N TRP A 46 30.80 5.12 11.44
CA TRP A 46 31.72 5.98 12.18
C TRP A 46 32.39 6.97 11.24
N LEU A 47 32.69 6.53 10.03
CA LEU A 47 33.32 7.37 9.04
C LEU A 47 32.31 8.34 8.44
N ARG A 48 31.04 7.95 8.47
CA ARG A 48 29.97 8.75 7.88
C ARG A 48 29.57 9.90 8.80
N THR A 49 29.61 9.65 10.11
CA THR A 49 29.21 10.65 11.09
C THR A 49 30.36 11.62 11.36
N THR A 50 31.59 11.16 11.20
CA THR A 50 32.76 12.01 11.36
C THR A 50 32.80 13.06 10.26
N LEU A 51 32.38 12.66 9.07
CA LEU A 51 32.33 13.57 7.93
C LEU A 51 30.91 14.10 7.72
N ARG A 52 30.17 14.21 8.82
CA ARG A 52 28.80 14.69 8.77
C ARG A 52 28.69 16.10 9.33
N PRO A 53 28.56 17.11 8.45
CA PRO A 53 28.40 18.50 8.90
C PRO A 53 27.09 18.70 9.66
N SER A 54 27.06 19.65 10.59
CA SER A 54 25.85 19.93 11.35
C SER A 54 24.73 20.35 10.41
N PRO A 55 23.48 20.06 10.79
CA PRO A 55 22.32 20.43 9.97
C PRO A 55 22.26 21.92 9.69
N SER A 56 22.67 22.73 10.66
CA SER A 56 22.66 24.18 10.51
C SER A 56 23.74 24.65 9.56
N PHE A 57 24.83 23.90 9.48
CA PHE A 57 25.93 24.22 8.57
C PHE A 57 25.51 24.00 7.12
N ILE A 58 24.66 22.98 6.91
CA ILE A 58 24.18 22.67 5.58
C ILE A 58 23.05 23.60 5.18
N HIS A 59 22.43 24.19 6.20
CA HIS A 59 21.38 25.15 6.04
C HIS A 59 21.98 26.40 5.53
N PHE A 60 23.11 26.74 6.10
CA PHE A 60 23.84 27.95 5.77
C PHE A 60 24.30 27.90 4.33
N LEU A 61 24.72 26.72 3.88
CA LEU A 61 25.15 26.53 2.50
C LEU A 61 23.98 26.71 1.54
N LEU A 62 22.85 26.11 1.89
CA LEU A 62 21.66 26.15 1.03
C LEU A 62 20.97 27.50 1.05
N THR A 63 21.48 28.43 1.87
CA THR A 63 20.88 29.76 1.97
C THR A 63 21.93 30.86 1.76
N HIS A 64 23.10 30.47 1.27
CA HIS A 64 24.16 31.43 0.99
C HIS A 64 24.93 31.03 -0.28
N GLY A 65 25.79 31.94 -0.75
CA GLY A 65 26.57 31.69 -1.94
C GLY A 65 25.72 31.69 -3.19
N ARG A 66 25.13 32.84 -3.47
CA ARG A 66 24.24 33.00 -4.58
C ARG A 66 24.90 32.68 -5.89
N TRP A 67 26.12 33.12 -6.01
CA TRP A 67 26.92 32.90 -7.21
C TRP A 67 27.10 31.41 -7.47
N LEU A 68 27.31 30.65 -6.40
CA LEU A 68 27.53 29.21 -6.51
C LEU A 68 26.26 28.49 -6.95
N TRP A 69 25.10 28.99 -6.53
CA TRP A 69 23.83 28.34 -6.83
C TRP A 69 23.24 28.78 -8.17
N ASP A 70 23.77 29.87 -8.72
CA ASP A 70 23.40 30.28 -10.06
C ASP A 70 24.04 29.32 -11.05
N PHE A 71 25.21 28.81 -10.69
CA PHE A 71 25.90 27.74 -11.41
C PHE A 71 25.35 26.34 -11.26
N VAL A 72 25.11 25.95 -10.02
CA VAL A 72 24.56 24.64 -9.71
C VAL A 72 23.18 24.43 -10.32
N ASN A 73 22.35 25.45 -10.28
CA ASN A 73 21.00 25.38 -10.84
C ASN A 73 21.02 25.11 -12.34
N ALA A 74 22.02 25.65 -13.02
CA ALA A 74 22.13 25.49 -14.47
C ALA A 74 23.07 24.35 -14.84
N THR A 75 23.14 23.34 -13.98
CA THR A 75 24.00 22.19 -14.16
C THR A 75 23.35 20.93 -13.66
N PHE A 76 23.93 19.78 -13.98
CA PHE A 76 23.35 18.51 -13.58
C PHE A 76 23.40 18.31 -12.06
N ILE A 77 23.97 19.29 -11.36
CA ILE A 77 24.12 19.20 -9.91
C ILE A 77 22.80 19.50 -9.23
N ARG A 78 21.87 20.10 -9.97
CA ARG A 78 20.53 20.34 -9.46
C ARG A 78 19.83 19.01 -9.21
N ASP A 79 20.28 17.98 -9.91
CA ASP A 79 19.71 16.64 -9.78
C ASP A 79 20.50 15.80 -8.79
N THR A 80 21.80 16.07 -8.70
CA THR A 80 22.65 15.35 -7.75
C THR A 80 22.33 15.77 -6.33
N LEU A 81 21.86 17.01 -6.17
CA LEU A 81 21.53 17.54 -4.87
C LEU A 81 20.05 17.35 -4.56
N MET A 82 19.23 17.32 -5.60
CA MET A 82 17.80 17.06 -5.42
C MET A 82 17.58 15.63 -4.97
N ARG A 83 18.05 14.68 -5.77
CA ARG A 83 17.94 13.27 -5.43
C ARG A 83 18.51 13.01 -4.03
N LEU A 84 19.54 13.77 -3.68
CA LEU A 84 20.20 13.62 -2.39
C LEU A 84 19.27 14.07 -1.26
N VAL A 85 18.57 15.18 -1.49
CA VAL A 85 17.61 15.68 -0.50
C VAL A 85 16.43 14.72 -0.38
N LEU A 86 16.05 14.09 -1.48
CA LEU A 86 14.90 13.20 -1.51
C LEU A 86 15.20 11.90 -0.76
N THR A 87 16.03 11.05 -1.35
CA THR A 87 16.37 9.77 -0.75
C THR A 87 16.78 9.89 0.72
N VAL A 88 17.71 10.79 1.01
CA VAL A 88 18.24 10.94 2.36
C VAL A 88 17.16 11.33 3.37
N ARG A 89 16.40 12.37 3.05
CA ARG A 89 15.35 12.86 3.95
C ARG A 89 14.28 11.80 4.20
N SER A 90 13.77 11.23 3.11
CA SER A 90 12.64 10.30 3.19
C SER A 90 13.02 8.93 3.74
N ASN A 91 14.32 8.67 3.83
CA ASN A 91 14.80 7.39 4.37
C ASN A 91 14.74 7.35 5.89
N LEU A 92 14.47 8.50 6.50
CA LEU A 92 14.28 8.56 7.95
C LEU A 92 12.87 8.13 8.32
N ILE A 93 12.04 7.96 7.33
CA ILE A 93 10.68 7.65 7.56
C ILE A 93 10.49 6.22 7.22
N PRO A 94 9.95 5.48 8.14
CA PRO A 94 9.74 4.05 7.98
C PRO A 94 8.76 3.70 6.93
N SER A 95 9.03 2.64 6.18
CA SER A 95 8.07 2.18 5.20
C SER A 95 8.23 0.71 4.93
N PRO A 96 7.17 -0.07 4.99
CA PRO A 96 5.83 0.35 5.45
C PRO A 96 5.86 1.00 6.83
N PRO A 97 4.75 1.62 7.25
CA PRO A 97 4.60 2.27 8.56
C PRO A 97 5.03 1.36 9.70
N THR A 98 5.18 1.93 10.90
CA THR A 98 5.70 1.16 12.03
C THR A 98 4.70 1.00 13.18
N TYR A 99 4.19 2.11 13.70
CA TYR A 99 3.31 2.06 14.87
C TYR A 99 2.07 2.93 14.70
N ASN A 100 1.18 2.86 15.68
CA ASN A 100 0.03 3.75 15.75
C ASN A 100 -0.40 3.95 17.21
N ILE A 101 -1.49 4.69 17.40
CA ILE A 101 -1.95 5.02 18.75
C ILE A 101 -2.22 3.78 19.60
N ALA A 102 -2.64 2.70 18.97
CA ALA A 102 -3.05 1.50 19.70
C ALA A 102 -1.91 0.52 19.93
N HIS A 103 -0.85 0.64 19.13
CA HIS A 103 0.25 -0.32 19.20
C HIS A 103 1.61 0.38 19.27
N ASP A 104 2.47 -0.10 20.15
CA ASP A 104 3.83 0.42 20.26
C ASP A 104 4.81 -0.62 19.73
N TYR A 105 4.39 -1.33 18.68
CA TYR A 105 5.19 -2.40 18.10
C TYR A 105 4.69 -2.75 16.70
N ILE A 106 5.57 -3.31 15.88
CA ILE A 106 5.19 -3.71 14.53
C ILE A 106 4.14 -4.81 14.61
N SER A 107 2.99 -4.56 13.98
CA SER A 107 1.90 -5.53 13.98
C SER A 107 1.12 -5.46 12.67
N TRP A 108 0.38 -6.51 12.36
CA TRP A 108 -0.36 -6.57 11.11
C TRP A 108 -1.58 -5.66 11.15
N GLU A 109 -2.10 -5.39 12.32
CA GLU A 109 -3.20 -4.49 12.48
C GLU A 109 -2.75 -3.09 12.16
N SER A 110 -1.49 -2.83 12.44
CA SER A 110 -0.92 -1.49 12.30
C SER A 110 -0.64 -1.18 10.83
N PHE A 111 -0.36 -2.21 10.05
CA PHE A 111 -0.07 -2.04 8.63
C PHE A 111 -1.33 -2.16 7.77
N SER A 112 -2.29 -2.95 8.25
CA SER A 112 -3.51 -3.19 7.50
C SER A 112 -4.54 -2.10 7.77
N ASN A 113 -4.61 -1.66 9.01
CA ASN A 113 -5.58 -0.64 9.42
C ASN A 113 -5.15 0.75 8.99
N VAL A 114 -5.98 1.41 8.18
CA VAL A 114 -5.66 2.73 7.66
C VAL A 114 -6.28 3.85 8.50
N SER A 115 -7.36 3.54 9.22
CA SER A 115 -8.04 4.53 10.03
C SER A 115 -7.17 5.06 11.17
N TYR A 116 -5.94 4.56 11.25
CA TYR A 116 -5.00 4.99 12.27
C TYR A 116 -4.03 6.05 11.74
N TYR A 117 -3.58 6.94 12.63
CA TYR A 117 -2.45 7.80 12.35
C TYR A 117 -1.19 7.09 12.81
N THR A 118 -0.31 6.77 11.87
CA THR A 118 0.95 6.12 12.24
C THR A 118 1.76 7.06 13.11
N ARG A 119 2.87 6.58 13.65
CA ARG A 119 3.73 7.41 14.49
C ARG A 119 5.19 6.98 14.39
N ILE A 120 6.05 7.93 14.10
CA ILE A 120 7.48 7.67 13.92
C ILE A 120 8.09 7.05 15.18
N LEU A 121 7.66 7.53 16.35
CA LEU A 121 8.16 7.01 17.62
C LEU A 121 7.03 6.47 18.47
N PRO A 122 7.32 5.43 19.28
CA PRO A 122 6.33 4.86 20.19
C PRO A 122 5.91 5.86 21.26
N SER A 123 4.84 5.53 21.99
CA SER A 123 4.36 6.40 23.07
C SER A 123 5.11 6.11 24.36
N VAL A 124 4.92 6.97 25.35
CA VAL A 124 5.56 6.81 26.64
C VAL A 124 4.71 5.88 27.52
N PRO A 125 5.24 4.68 27.83
CA PRO A 125 4.48 3.71 28.62
C PRO A 125 3.80 4.33 29.84
N ARG A 126 2.51 4.07 30.00
CA ARG A 126 1.75 4.61 31.13
C ARG A 126 2.31 4.11 32.46
N ASP A 127 3.10 3.04 32.41
CA ASP A 127 3.70 2.49 33.61
C ASP A 127 5.07 3.09 33.88
N CYS A 128 5.23 4.35 33.48
CA CYS A 128 6.47 5.09 33.74
C CYS A 128 6.25 6.10 34.85
N PRO A 129 7.31 6.37 35.64
CA PRO A 129 7.23 7.32 36.76
C PRO A 129 6.67 8.68 36.35
N THR A 130 7.41 9.41 35.53
CA THR A 130 6.99 10.74 35.10
C THR A 130 6.20 10.63 33.79
N PRO A 131 5.33 11.62 33.52
CA PRO A 131 4.50 11.59 32.30
C PRO A 131 5.31 11.44 31.01
N MET A 132 6.53 11.96 30.98
CA MET A 132 7.34 11.94 29.77
C MET A 132 8.50 10.94 29.87
N GLY A 133 8.33 9.90 30.68
CA GLY A 133 9.34 8.87 30.80
C GLY A 133 9.97 8.81 32.19
N THR A 134 11.11 9.47 32.35
CA THR A 134 11.81 9.50 33.63
C THR A 134 12.21 10.93 34.02
N LYS A 135 12.38 11.79 33.03
CA LYS A 135 12.82 13.16 33.27
C LYS A 135 11.64 14.12 33.39
N GLY A 136 11.82 15.19 34.16
CA GLY A 136 10.80 16.22 34.28
C GLY A 136 10.05 16.15 35.59
N LYS A 137 9.10 17.08 35.76
CA LYS A 137 8.29 17.13 36.97
C LYS A 137 7.13 16.14 36.88
N LYS A 138 6.54 15.82 38.04
CA LYS A 138 5.43 14.88 38.09
C LYS A 138 4.24 15.37 37.27
N GLN A 139 4.17 16.69 37.07
CA GLN A 139 3.08 17.29 36.30
C GLN A 139 3.63 18.20 35.21
N LEU A 140 2.95 18.20 34.06
CA LEU A 140 3.34 19.06 32.94
C LEU A 140 2.55 20.36 32.99
N PRO A 141 3.13 21.44 32.46
CA PRO A 141 2.54 22.78 32.52
C PRO A 141 1.11 22.81 31.98
N ASP A 142 0.32 23.78 32.46
CA ASP A 142 -1.04 23.96 31.97
C ASP A 142 -1.02 24.32 30.50
N ALA A 143 -1.80 23.60 29.70
CA ALA A 143 -1.83 23.82 28.26
C ALA A 143 -2.25 25.26 27.93
N GLU A 144 -3.24 25.77 28.66
CA GLU A 144 -3.74 27.11 28.44
C GLU A 144 -2.72 28.17 28.82
N PHE A 145 -2.00 27.94 29.92
CA PHE A 145 -1.01 28.89 30.40
C PHE A 145 0.21 28.95 29.48
N LEU A 146 0.54 27.82 28.88
CA LEU A 146 1.66 27.75 27.95
C LEU A 146 1.36 28.56 26.70
N SER A 147 0.09 28.60 26.32
CA SER A 147 -0.32 29.30 25.11
C SER A 147 -0.55 30.78 25.38
N ARG A 148 -0.74 31.13 26.64
CA ARG A 148 -1.01 32.51 27.03
C ARG A 148 0.26 33.23 27.49
N ARG A 149 1.39 32.53 27.43
CA ARG A 149 2.64 33.10 27.91
C ARG A 149 3.79 32.90 26.91
N PHE A 150 3.67 31.90 26.04
CA PHE A 150 4.74 31.59 25.09
C PHE A 150 4.24 31.48 23.65
N LEU A 151 2.93 31.40 23.47
CA LEU A 151 2.35 31.29 22.14
C LEU A 151 1.43 32.47 21.80
N LEU A 152 0.96 33.16 22.83
CA LEU A 152 0.02 34.27 22.63
C LEU A 152 0.71 35.45 21.96
N ARG A 153 0.05 36.02 20.96
CA ARG A 153 0.62 37.12 20.19
C ARG A 153 0.37 38.48 20.85
N ARG A 154 1.44 39.25 21.01
CA ARG A 154 1.34 40.62 21.49
C ARG A 154 1.38 41.58 20.30
N LYS A 155 2.54 41.63 19.65
CA LYS A 155 2.69 42.43 18.44
C LYS A 155 2.94 41.50 17.25
N PHE A 156 2.36 41.83 16.10
CA PHE A 156 2.48 41.00 14.91
C PHE A 156 3.93 40.90 14.45
N ILE A 157 4.44 39.67 14.38
CA ILE A 157 5.80 39.41 13.90
C ILE A 157 5.74 38.72 12.55
N PRO A 158 5.85 39.50 11.46
CA PRO A 158 5.74 38.96 10.10
C PRO A 158 6.83 37.94 9.78
N ASP A 159 6.67 37.22 8.68
CA ASP A 159 7.68 36.27 8.23
C ASP A 159 8.82 37.01 7.53
N PRO A 160 10.07 36.77 7.97
CA PRO A 160 11.23 37.45 7.40
C PRO A 160 11.46 37.13 5.92
N GLN A 161 10.76 36.10 5.46
CA GLN A 161 10.95 35.52 4.15
C GLN A 161 10.04 36.15 3.15
N GLY A 162 9.06 36.87 3.65
CA GLY A 162 8.09 37.57 2.84
C GLY A 162 6.83 36.77 2.59
N THR A 163 6.80 35.53 3.05
CA THR A 163 5.64 34.66 2.89
C THR A 163 4.35 35.46 3.10
N ASN A 164 3.33 35.14 2.30
CA ASN A 164 2.06 35.85 2.38
C ASN A 164 0.91 34.92 2.76
N LEU A 165 -0.31 35.46 2.75
CA LEU A 165 -1.49 34.68 3.13
C LEU A 165 -1.94 33.76 2.01
N MET A 166 -1.54 34.07 0.79
CA MET A 166 -1.82 33.20 -0.34
C MET A 166 -1.18 31.84 -0.07
N PHE A 167 -0.01 31.87 0.55
CA PHE A 167 0.69 30.65 0.93
C PHE A 167 0.05 30.02 2.16
N ALA A 168 -0.43 30.87 3.06
CA ALA A 168 -1.03 30.41 4.31
C ALA A 168 -2.29 29.59 4.06
N PHE A 169 -3.07 29.98 3.05
CA PHE A 169 -4.32 29.31 2.75
C PHE A 169 -4.10 28.11 1.84
N PHE A 170 -2.99 28.12 1.09
CA PHE A 170 -2.62 26.98 0.27
C PHE A 170 -2.09 25.86 1.17
N ALA A 171 -1.56 26.23 2.32
CA ALA A 171 -1.02 25.27 3.26
C ALA A 171 -2.15 24.57 4.00
N GLN A 172 -3.09 25.35 4.52
CA GLN A 172 -4.22 24.82 5.26
C GLN A 172 -5.15 24.02 4.35
N HIS A 173 -5.20 24.42 3.08
CA HIS A 173 -6.08 23.78 2.11
C HIS A 173 -5.50 22.44 1.64
N PHE A 174 -4.22 22.44 1.31
CA PHE A 174 -3.55 21.25 0.79
C PHE A 174 -3.17 20.27 1.89
N THR A 175 -3.22 20.71 3.14
CA THR A 175 -2.80 19.87 4.27
C THR A 175 -3.99 19.13 4.88
N HIS A 176 -5.19 19.66 4.67
CA HIS A 176 -6.39 19.09 5.28
C HIS A 176 -6.97 17.93 4.47
N GLN A 177 -6.23 17.46 3.48
CA GLN A 177 -6.67 16.32 2.68
C GLN A 177 -6.12 15.02 3.24
N PHE A 178 -5.14 15.12 4.13
CA PHE A 178 -4.60 13.95 4.82
C PHE A 178 -4.62 14.14 6.34
N PHE A 179 -5.25 15.22 6.80
CA PHE A 179 -5.43 15.46 8.23
C PHE A 179 -6.91 15.63 8.55
N LYS A 180 -7.55 14.54 8.94
CA LYS A 180 -8.96 14.59 9.32
C LYS A 180 -9.21 13.83 10.63
N THR A 181 -8.56 14.24 11.68
CA THR A 181 -8.65 13.48 12.86
C THR A 181 -10.13 13.34 13.11
N SER A 182 -10.56 12.10 13.24
CA SER A 182 -11.96 11.75 13.47
C SER A 182 -12.37 12.07 14.90
N GLY A 183 -13.47 12.81 15.04
CA GLY A 183 -13.99 13.15 16.36
C GLY A 183 -14.68 11.97 17.01
N LYS A 184 -15.25 11.10 16.19
CA LYS A 184 -15.94 9.92 16.70
C LYS A 184 -14.95 8.91 17.27
N MET A 185 -14.03 8.45 16.44
CA MET A 185 -13.03 7.49 16.86
C MET A 185 -12.04 8.11 17.83
N GLY A 186 -12.02 9.44 17.88
CA GLY A 186 -11.14 10.17 18.78
C GLY A 186 -9.77 10.40 18.20
N PRO A 187 -8.86 10.97 19.01
CA PRO A 187 -7.48 11.26 18.60
C PRO A 187 -6.74 10.00 18.16
N GLY A 188 -5.82 10.16 17.21
CA GLY A 188 -5.04 9.03 16.71
C GLY A 188 -5.74 8.28 15.60
N PHE A 189 -6.74 8.92 15.00
CA PHE A 189 -7.48 8.33 13.90
C PHE A 189 -7.74 9.36 12.81
N THR A 190 -7.90 8.91 11.57
CA THR A 190 -8.09 9.83 10.45
C THR A 190 -9.25 9.40 9.56
N LYS A 191 -9.98 10.38 9.04
CA LYS A 191 -11.08 10.12 8.11
C LYS A 191 -10.53 10.08 6.69
N ALA A 192 -9.48 10.86 6.44
CA ALA A 192 -8.81 10.88 5.15
C ALA A 192 -7.86 9.70 5.07
N LEU A 193 -8.33 8.60 4.49
CA LEU A 193 -7.55 7.38 4.40
C LEU A 193 -6.56 7.43 3.23
N GLY A 194 -6.59 8.52 2.48
CA GLY A 194 -5.66 8.71 1.38
C GLY A 194 -4.23 8.80 1.86
N HIS A 195 -4.05 9.38 3.06
CA HIS A 195 -2.74 9.52 3.66
C HIS A 195 -1.72 10.12 2.71
N GLY A 196 -2.17 11.05 1.86
CA GLY A 196 -1.29 11.71 0.92
C GLY A 196 -2.02 12.66 -0.01
N VAL A 197 -1.43 12.90 -1.17
CA VAL A 197 -2.02 13.81 -2.15
C VAL A 197 -3.00 13.07 -3.04
N ASP A 198 -4.15 12.73 -2.47
CA ASP A 198 -5.21 12.05 -3.21
C ASP A 198 -6.30 13.04 -3.62
N LEU A 199 -6.03 14.33 -3.37
CA LEU A 199 -7.02 15.37 -3.61
C LEU A 199 -8.37 14.96 -3.03
N GLY A 200 -8.34 14.44 -1.82
CA GLY A 200 -9.55 14.04 -1.12
C GLY A 200 -10.35 15.26 -0.68
N HIS A 201 -9.68 16.40 -0.64
CA HIS A 201 -10.32 17.65 -0.28
C HIS A 201 -10.99 18.30 -1.49
N ILE A 202 -11.04 17.54 -2.59
CA ILE A 202 -11.71 18.00 -3.81
C ILE A 202 -12.75 16.98 -4.25
N TYR A 203 -12.37 15.70 -4.23
CA TYR A 203 -13.27 14.62 -4.63
C TYR A 203 -13.68 13.78 -3.44
N GLY A 204 -12.69 13.42 -2.62
CA GLY A 204 -12.91 12.55 -1.48
C GLY A 204 -13.85 13.14 -0.44
N ASP A 205 -13.81 12.60 0.77
CA ASP A 205 -12.86 11.56 1.15
C ASP A 205 -13.36 10.15 0.81
N ASN A 206 -14.59 10.06 0.31
CA ASN A 206 -15.16 8.76 -0.06
C ASN A 206 -15.84 8.79 -1.42
N LEU A 207 -16.26 7.61 -1.88
CA LEU A 207 -16.81 7.47 -3.22
C LEU A 207 -18.27 7.91 -3.31
N GLU A 208 -19.06 7.58 -2.30
CA GLU A 208 -20.46 7.94 -2.27
C GLU A 208 -20.62 9.45 -2.38
N ARG A 209 -19.72 10.19 -1.74
CA ARG A 209 -19.72 11.63 -1.77
C ARG A 209 -19.22 12.15 -3.11
N GLN A 210 -18.28 11.42 -3.70
CA GLN A 210 -17.67 11.81 -4.96
C GLN A 210 -18.70 11.95 -6.08
N TYR A 211 -19.57 10.95 -6.21
CA TYR A 211 -20.59 10.96 -7.24
C TYR A 211 -21.53 12.14 -7.09
N GLN A 212 -21.80 12.51 -5.84
CA GLN A 212 -22.72 13.62 -5.55
C GLN A 212 -22.12 14.93 -6.02
N LEU A 213 -20.80 14.99 -6.11
CA LEU A 213 -20.07 16.18 -6.52
C LEU A 213 -19.82 16.21 -8.03
N ARG A 214 -20.01 15.07 -8.69
CA ARG A 214 -19.72 14.95 -10.11
C ARG A 214 -20.96 15.21 -10.96
N LEU A 215 -20.76 15.84 -12.11
CA LEU A 215 -21.83 16.11 -13.06
C LEU A 215 -22.13 14.88 -13.91
N PHE A 216 -21.19 13.95 -13.93
CA PHE A 216 -21.34 12.70 -14.69
C PHE A 216 -21.42 12.94 -16.20
N LYS A 217 -20.91 14.08 -16.65
CA LYS A 217 -20.82 14.35 -18.09
C LYS A 217 -19.49 15.02 -18.40
N ASP A 218 -18.75 14.44 -19.35
CA ASP A 218 -17.45 14.96 -19.73
C ASP A 218 -16.47 14.86 -18.56
N GLY A 219 -16.75 13.95 -17.64
CA GLY A 219 -15.89 13.74 -16.49
C GLY A 219 -15.74 14.97 -15.63
N LYS A 220 -16.68 15.90 -15.73
CA LYS A 220 -16.63 17.14 -14.99
C LYS A 220 -17.26 17.01 -13.60
N LEU A 221 -17.18 18.08 -12.82
CA LEU A 221 -17.83 18.15 -11.52
C LEU A 221 -18.95 19.18 -11.56
N LYS A 222 -20.07 18.87 -10.91
CA LYS A 222 -21.17 19.81 -10.80
C LYS A 222 -20.64 21.18 -10.39
N TYR A 223 -21.37 22.24 -10.73
CA TYR A 223 -20.98 23.58 -10.35
C TYR A 223 -22.17 24.53 -10.27
N GLN A 224 -21.90 25.79 -9.96
CA GLN A 224 -22.93 26.81 -9.76
C GLN A 224 -22.50 28.12 -10.41
N MET A 225 -23.45 28.80 -11.04
CA MET A 225 -23.15 30.03 -11.78
C MET A 225 -23.65 31.28 -11.05
N LEU A 226 -22.72 31.98 -10.39
CA LEU A 226 -23.04 33.23 -9.71
C LEU A 226 -22.26 34.38 -10.32
N ASN A 227 -22.97 35.37 -10.84
CA ASN A 227 -22.34 36.53 -11.47
C ASN A 227 -21.53 36.14 -12.71
N GLY A 228 -22.01 35.14 -13.44
CA GLY A 228 -21.34 34.69 -14.64
C GLY A 228 -20.00 34.04 -14.37
N GLU A 229 -19.76 33.70 -13.10
CA GLU A 229 -18.50 33.07 -12.70
C GLU A 229 -18.77 31.63 -12.25
N VAL A 230 -17.70 30.86 -12.13
CA VAL A 230 -17.81 29.45 -11.76
C VAL A 230 -17.43 29.21 -10.29
N TYR A 231 -18.33 28.59 -9.55
CA TYR A 231 -18.09 28.21 -8.17
C TYR A 231 -18.61 26.80 -7.93
N PRO A 232 -18.36 26.23 -6.74
CA PRO A 232 -18.92 24.92 -6.43
C PRO A 232 -20.44 24.96 -6.33
N PRO A 233 -21.11 23.82 -6.54
CA PRO A 233 -22.57 23.74 -6.50
C PRO A 233 -23.15 24.07 -5.13
N SER A 234 -24.40 24.50 -5.09
CA SER A 234 -25.10 24.67 -3.81
C SER A 234 -25.47 23.29 -3.30
N VAL A 235 -25.58 23.11 -2.00
CA VAL A 235 -25.83 21.78 -1.50
C VAL A 235 -27.11 21.25 -2.06
N GLU A 236 -28.02 22.14 -2.38
CA GLU A 236 -29.28 21.70 -2.99
C GLU A 236 -29.02 20.91 -4.26
N GLU A 237 -28.19 21.50 -5.14
CA GLU A 237 -27.82 20.85 -6.39
C GLU A 237 -27.04 19.56 -6.13
N ALA A 238 -26.03 19.66 -5.26
CA ALA A 238 -25.20 18.52 -4.91
C ALA A 238 -25.21 18.30 -3.41
N PRO A 239 -26.18 17.49 -2.92
CA PRO A 239 -26.38 17.26 -1.48
C PRO A 239 -25.29 16.41 -0.84
N VAL A 240 -24.30 17.06 -0.22
CA VAL A 240 -23.27 16.36 0.54
C VAL A 240 -23.13 16.99 1.93
N LEU A 241 -22.59 16.23 2.87
CA LEU A 241 -22.46 16.69 4.25
C LEU A 241 -21.42 17.81 4.34
N MET A 242 -21.83 18.94 4.95
CA MET A 242 -20.93 20.06 5.17
C MET A 242 -21.13 20.60 6.60
N HIS A 243 -20.07 21.16 7.16
CA HIS A 243 -20.12 21.64 8.54
C HIS A 243 -20.35 23.15 8.63
N TYR A 244 -21.21 23.68 7.76
CA TYR A 244 -21.55 25.09 7.80
C TYR A 244 -22.17 25.42 9.16
N PRO A 245 -22.09 26.71 9.56
CA PRO A 245 -22.59 27.14 10.87
C PRO A 245 -24.04 26.73 11.12
N ARG A 246 -24.46 26.91 12.36
CA ARG A 246 -25.74 26.39 12.84
C ARG A 246 -26.87 27.32 12.44
N GLY A 247 -27.92 26.76 11.85
CA GLY A 247 -29.01 27.55 11.33
C GLY A 247 -28.52 28.43 10.19
N ILE A 248 -27.32 28.14 9.69
CA ILE A 248 -26.77 28.87 8.56
C ILE A 248 -27.86 29.01 7.52
N PRO A 249 -27.83 30.14 6.81
CA PRO A 249 -28.78 30.47 5.73
C PRO A 249 -28.39 30.14 4.28
N PRO A 250 -28.29 28.87 3.91
CA PRO A 250 -28.21 28.49 2.49
C PRO A 250 -29.58 28.91 2.03
N GLN A 251 -29.89 29.05 0.76
CA GLN A 251 -29.04 28.66 -0.35
C GLN A 251 -27.87 29.57 -0.30
N SER A 252 -26.82 29.20 -1.02
CA SER A 252 -25.55 29.92 -0.98
C SER A 252 -24.43 29.14 -0.26
N GLN A 253 -24.70 27.94 0.26
CA GLN A 253 -23.63 27.16 0.86
C GLN A 253 -23.13 26.18 -0.20
N MET A 254 -21.90 26.40 -0.67
CA MET A 254 -21.25 25.58 -1.68
C MET A 254 -20.78 24.25 -1.10
N ALA A 255 -20.70 23.23 -1.96
CA ALA A 255 -20.33 21.90 -1.53
C ALA A 255 -19.03 21.46 -2.20
N VAL A 256 -18.13 20.88 -1.41
CA VAL A 256 -16.84 20.42 -1.92
C VAL A 256 -16.51 19.04 -1.35
N GLY A 257 -15.28 18.60 -1.58
CA GLY A 257 -14.84 17.29 -1.09
C GLY A 257 -14.52 17.32 0.39
N GLN A 258 -13.71 18.29 0.79
CA GLN A 258 -13.32 18.44 2.20
C GLN A 258 -14.29 19.37 2.92
N GLU A 259 -14.82 18.92 4.02
CA GLU A 259 -15.80 19.71 4.74
C GLU A 259 -15.05 20.75 5.55
N VAL A 260 -15.77 21.46 6.38
CA VAL A 260 -15.18 22.59 7.10
C VAL A 260 -14.35 23.50 6.19
N PHE A 261 -14.71 23.51 4.90
CA PHE A 261 -14.08 24.39 3.94
C PHE A 261 -14.94 25.63 3.69
N GLY A 262 -16.21 25.53 4.09
CA GLY A 262 -17.12 26.65 3.98
C GLY A 262 -16.99 27.61 5.15
N LEU A 263 -16.17 27.22 6.14
CA LEU A 263 -15.95 28.05 7.31
C LEU A 263 -14.82 29.04 7.07
N LEU A 264 -14.35 29.12 5.83
CA LEU A 264 -13.30 30.04 5.45
C LEU A 264 -13.33 30.32 3.95
N PRO A 265 -13.53 31.59 3.57
CA PRO A 265 -13.51 31.97 2.16
C PRO A 265 -12.20 31.63 1.47
N GLY A 266 -11.15 31.46 2.27
CA GLY A 266 -9.84 31.11 1.75
C GLY A 266 -9.78 29.69 1.26
N LEU A 267 -10.38 28.78 2.01
CA LEU A 267 -10.40 27.37 1.63
C LEU A 267 -11.40 27.11 0.52
N MET A 268 -12.44 27.95 0.45
CA MET A 268 -13.43 27.83 -0.60
C MET A 268 -12.93 28.52 -1.87
N LEU A 269 -11.91 29.35 -1.73
CA LEU A 269 -11.29 30.01 -2.87
C LEU A 269 -10.47 29.01 -3.66
N TYR A 270 -9.74 28.15 -2.95
CA TYR A 270 -8.94 27.11 -3.58
C TYR A 270 -9.82 25.94 -4.03
N ALA A 271 -10.96 25.79 -3.39
CA ALA A 271 -11.93 24.79 -3.79
C ALA A 271 -12.55 25.18 -5.13
N THR A 272 -12.61 26.49 -5.37
CA THR A 272 -13.13 27.02 -6.62
C THR A 272 -12.05 26.97 -7.71
N ILE A 273 -10.81 27.23 -7.32
CA ILE A 273 -9.70 27.24 -8.26
C ILE A 273 -9.46 25.85 -8.85
N TRP A 274 -9.32 24.86 -7.97
CA TRP A 274 -9.10 23.49 -8.40
C TRP A 274 -10.32 22.92 -9.11
N LEU A 275 -11.49 23.49 -8.82
CA LEU A 275 -12.73 23.06 -9.45
C LEU A 275 -12.74 23.46 -10.93
N ARG A 276 -12.42 24.72 -11.20
CA ARG A 276 -12.34 25.21 -12.57
C ARG A 276 -11.18 24.55 -13.29
N GLU A 277 -10.20 24.08 -12.53
CA GLU A 277 -9.02 23.44 -13.09
C GLU A 277 -9.34 22.02 -13.56
N HIS A 278 -10.27 21.38 -12.85
CA HIS A 278 -10.68 20.02 -13.19
C HIS A 278 -11.54 20.03 -14.45
N ASN A 279 -12.51 20.94 -14.50
CA ASN A 279 -13.40 21.04 -15.64
C ASN A 279 -12.68 21.52 -16.89
N ARG A 280 -11.66 22.36 -16.70
CA ARG A 280 -10.88 22.85 -17.82
C ARG A 280 -10.04 21.72 -18.41
N VAL A 281 -9.52 20.86 -17.54
CA VAL A 281 -8.75 19.70 -17.98
C VAL A 281 -9.65 18.73 -18.73
N CYS A 282 -10.92 18.68 -18.34
CA CYS A 282 -11.89 17.81 -18.99
C CYS A 282 -12.21 18.30 -20.41
N ASP A 283 -12.05 19.59 -20.63
CA ASP A 283 -12.28 20.18 -21.95
C ASP A 283 -11.10 19.87 -22.86
N LEU A 284 -9.91 19.75 -22.27
CA LEU A 284 -8.71 19.43 -23.02
C LEU A 284 -8.66 17.95 -23.35
N LEU A 285 -9.25 17.13 -22.48
CA LEU A 285 -9.23 15.69 -22.66
C LEU A 285 -10.37 15.22 -23.57
N LYS A 286 -11.44 15.99 -23.61
CA LYS A 286 -12.61 15.66 -24.42
C LYS A 286 -12.29 15.89 -25.90
N ALA A 287 -11.58 16.98 -26.17
CA ALA A 287 -11.18 17.32 -27.53
C ALA A 287 -10.20 16.29 -28.07
N GLU A 288 -9.29 15.84 -27.22
CA GLU A 288 -8.27 14.88 -27.61
C GLU A 288 -8.87 13.48 -27.78
N HIS A 289 -9.91 13.20 -27.00
CA HIS A 289 -10.55 11.88 -27.04
C HIS A 289 -12.07 12.01 -27.05
N PRO A 290 -12.65 12.22 -28.24
CA PRO A 290 -14.11 12.30 -28.38
C PRO A 290 -14.80 10.98 -28.03
N THR A 291 -14.06 9.88 -28.15
CA THR A 291 -14.61 8.56 -27.88
C THR A 291 -14.67 8.28 -26.38
N TRP A 292 -13.75 8.88 -25.63
CA TRP A 292 -13.70 8.69 -24.18
C TRP A 292 -15.04 8.99 -23.53
N GLY A 293 -15.33 8.29 -22.44
CA GLY A 293 -16.58 8.45 -21.73
C GLY A 293 -16.45 9.35 -20.51
N ASP A 294 -17.49 9.37 -19.68
CA ASP A 294 -17.51 10.21 -18.49
C ASP A 294 -16.49 9.73 -17.46
N GLU A 295 -16.49 8.43 -17.20
CA GLU A 295 -15.66 7.86 -16.15
C GLU A 295 -14.17 8.07 -16.41
N GLN A 296 -13.74 7.88 -17.66
CA GLN A 296 -12.32 7.98 -18.00
C GLN A 296 -11.87 9.44 -18.06
N LEU A 297 -12.77 10.33 -18.46
CA LEU A 297 -12.45 11.76 -18.54
C LEU A 297 -12.27 12.35 -17.15
N PHE A 298 -12.98 11.81 -16.17
CA PHE A 298 -12.92 12.31 -14.81
C PHE A 298 -11.70 11.75 -14.06
N GLN A 299 -11.59 10.43 -14.05
CA GLN A 299 -10.54 9.77 -13.29
C GLN A 299 -9.15 10.09 -13.85
N THR A 300 -9.12 10.48 -15.12
CA THR A 300 -7.87 10.88 -15.76
C THR A 300 -7.52 12.31 -15.37
N ALA A 301 -8.51 13.18 -15.42
CA ALA A 301 -8.33 14.58 -15.04
C ALA A 301 -7.92 14.67 -13.57
N ARG A 302 -8.27 13.66 -12.80
CA ARG A 302 -7.95 13.63 -11.37
C ARG A 302 -6.46 13.36 -11.17
N LEU A 303 -5.89 12.52 -12.01
CA LEU A 303 -4.45 12.23 -11.95
C LEU A 303 -3.65 13.43 -12.44
N ILE A 304 -4.25 14.22 -13.34
CA ILE A 304 -3.59 15.39 -13.89
C ILE A 304 -3.50 16.50 -12.85
N LEU A 305 -4.52 16.60 -12.01
CA LEU A 305 -4.52 17.59 -10.93
C LEU A 305 -3.58 17.17 -9.81
N ILE A 306 -3.55 15.88 -9.51
CA ILE A 306 -2.66 15.35 -8.50
C ILE A 306 -1.20 15.59 -8.88
N GLY A 307 -0.94 15.59 -10.18
CA GLY A 307 0.41 15.84 -10.69
C GLY A 307 0.77 17.30 -10.60
N GLU A 308 -0.20 18.17 -10.91
CA GLU A 308 0.02 19.61 -10.85
C GLU A 308 0.22 20.07 -9.42
N THR A 309 -0.38 19.34 -8.47
CA THR A 309 -0.27 19.69 -7.06
C THR A 309 1.16 19.51 -6.56
N ILE A 310 1.72 18.33 -6.79
CA ILE A 310 3.07 18.02 -6.34
C ILE A 310 4.09 18.89 -7.06
N LYS A 311 3.77 19.26 -8.30
CA LYS A 311 4.65 20.10 -9.10
C LYS A 311 4.77 21.50 -8.50
N ILE A 312 3.65 22.01 -8.00
CA ILE A 312 3.61 23.33 -7.40
C ILE A 312 4.05 23.29 -5.95
N VAL A 313 3.96 22.11 -5.33
CA VAL A 313 4.30 21.96 -3.93
C VAL A 313 5.81 21.87 -3.73
N ILE A 314 6.52 21.43 -4.76
CA ILE A 314 7.97 21.25 -4.67
C ILE A 314 8.74 22.44 -5.25
N GLU A 315 8.40 22.80 -6.46
CA GLU A 315 9.15 23.81 -7.10
C GLU A 315 8.64 25.17 -6.75
N GLU A 316 7.59 25.25 -5.98
CA GLU A 316 7.04 26.53 -5.60
C GLU A 316 6.71 26.71 -4.13
N TYR A 317 5.97 25.77 -3.58
CA TYR A 317 5.59 25.84 -2.18
C TYR A 317 6.73 25.67 -1.22
N VAL A 318 7.58 24.68 -1.45
CA VAL A 318 8.72 24.46 -0.56
C VAL A 318 9.90 25.33 -0.99
N GLN A 319 9.76 25.99 -2.11
CA GLN A 319 10.76 26.94 -2.51
C GLN A 319 10.72 28.13 -1.59
N GLN A 320 9.53 28.61 -1.34
CA GLN A 320 9.32 29.75 -0.49
C GLN A 320 9.63 29.47 0.93
N LEU A 321 9.23 28.33 1.38
CA LEU A 321 9.36 27.96 2.75
C LEU A 321 10.78 27.73 3.15
N SER A 322 11.54 27.16 2.24
CA SER A 322 12.92 26.84 2.46
C SER A 322 13.79 28.04 2.24
N GLY A 323 13.51 28.77 1.18
CA GLY A 323 14.29 29.96 0.92
C GLY A 323 15.68 29.59 0.55
N TYR A 324 15.85 28.37 0.12
CA TYR A 324 17.11 27.89 -0.40
C TYR A 324 17.33 28.43 -1.82
N PHE A 325 18.60 28.59 -2.21
CA PHE A 325 19.03 29.04 -3.53
C PHE A 325 19.04 27.85 -4.48
N LEU A 326 18.87 26.66 -3.93
CA LEU A 326 18.77 25.45 -4.74
C LEU A 326 17.35 25.28 -5.26
N GLN A 327 17.18 25.36 -6.57
CA GLN A 327 15.86 25.18 -7.17
C GLN A 327 15.35 23.77 -6.98
N LEU A 328 14.40 23.62 -6.06
CA LEU A 328 13.74 22.34 -5.84
C LEU A 328 13.06 21.90 -7.13
N LYS A 329 13.19 20.62 -7.46
CA LYS A 329 12.67 20.10 -8.72
C LYS A 329 11.85 18.84 -8.50
N PHE A 330 10.67 18.85 -9.04
CA PHE A 330 9.83 17.71 -8.98
C PHE A 330 10.11 16.86 -10.19
N ASP A 331 10.80 15.77 -9.93
CA ASP A 331 11.06 14.81 -10.99
C ASP A 331 11.12 13.40 -10.39
N PRO A 332 10.04 12.62 -10.57
CA PRO A 332 9.97 11.27 -10.02
C PRO A 332 11.10 10.37 -10.47
N GLU A 333 11.72 10.69 -11.62
CA GLU A 333 12.77 9.85 -12.19
C GLU A 333 14.08 9.92 -11.41
N LEU A 334 14.13 10.79 -10.41
CA LEU A 334 15.34 10.92 -9.58
C LEU A 334 15.51 9.72 -8.68
N LEU A 335 14.40 9.13 -8.23
CA LEU A 335 14.44 7.97 -7.36
C LEU A 335 14.14 6.69 -8.14
N PHE A 336 14.22 6.76 -9.46
CA PHE A 336 14.05 5.59 -10.31
C PHE A 336 15.26 4.68 -10.21
N GLY A 337 16.38 5.24 -9.79
CA GLY A 337 17.59 4.47 -9.55
C GLY A 337 17.89 4.40 -8.07
N ALA A 338 16.85 4.53 -7.26
CA ALA A 338 17.01 4.52 -5.80
C ALA A 338 16.07 3.49 -5.17
N GLN A 339 16.44 3.01 -4.00
CA GLN A 339 15.63 2.04 -3.28
C GLN A 339 14.55 2.76 -2.48
N PHE A 340 13.44 3.08 -3.14
CA PHE A 340 12.40 3.90 -2.56
C PHE A 340 11.03 3.23 -2.61
N GLN A 341 10.28 3.33 -1.51
CA GLN A 341 8.93 2.80 -1.44
C GLN A 341 7.92 3.88 -1.82
N TYR A 342 7.04 3.55 -2.77
CA TYR A 342 6.00 4.49 -3.17
C TYR A 342 4.74 4.29 -2.34
N ARG A 343 4.92 4.36 -1.03
CA ARG A 343 3.83 4.25 -0.07
C ARG A 343 3.97 5.36 0.97
N ASN A 344 2.88 5.74 1.60
CA ASN A 344 2.91 6.78 2.60
C ASN A 344 1.85 6.61 3.68
N ARG A 345 2.22 6.95 4.92
CA ARG A 345 1.29 6.89 6.04
C ARG A 345 1.45 8.13 6.91
N ILE A 346 0.39 8.92 7.01
CA ILE A 346 0.43 10.16 7.77
C ILE A 346 0.73 9.90 9.25
N ALA A 347 1.78 10.54 9.75
CA ALA A 347 2.17 10.39 11.15
C ALA A 347 1.35 11.34 12.03
N MET A 348 1.39 11.10 13.34
CA MET A 348 0.64 11.92 14.29
C MET A 348 1.48 13.11 14.73
N GLU A 349 2.79 13.05 14.49
CA GLU A 349 3.68 14.18 14.77
C GLU A 349 3.78 15.10 13.55
N PHE A 350 3.40 14.59 12.38
CA PHE A 350 3.32 15.41 11.19
C PHE A 350 2.05 16.24 11.27
N ASN A 351 0.97 15.61 11.73
CA ASN A 351 -0.28 16.32 12.01
C ASN A 351 -0.08 17.31 13.14
N GLN A 352 0.78 16.94 14.09
CA GLN A 352 1.02 17.75 15.28
C GLN A 352 1.72 19.07 14.94
N LEU A 353 2.83 18.97 14.23
CA LEU A 353 3.68 20.14 13.97
C LEU A 353 3.15 21.02 12.85
N TYR A 354 2.25 20.48 12.04
CA TYR A 354 1.75 21.21 10.88
C TYR A 354 0.68 22.22 11.27
N HIS A 355 0.44 22.34 12.58
CA HIS A 355 -0.50 23.35 13.08
C HIS A 355 0.15 24.72 13.05
N TRP A 356 0.20 25.32 11.85
CA TRP A 356 0.81 26.64 11.69
C TRP A 356 -0.24 27.74 11.77
N HIS A 357 -0.80 27.94 12.96
CA HIS A 357 -1.78 29.00 13.18
C HIS A 357 -1.11 30.36 13.31
N PRO A 358 0.19 30.39 13.65
CA PRO A 358 0.91 31.67 13.66
C PRO A 358 0.88 32.39 12.32
N LEU A 359 0.60 31.66 11.24
CA LEU A 359 0.55 32.23 9.91
C LEU A 359 -0.61 33.23 9.77
N MET A 360 -1.66 33.04 10.54
CA MET A 360 -2.84 33.90 10.48
C MET A 360 -2.55 35.28 11.08
N PRO A 361 -2.95 36.34 10.39
CA PRO A 361 -2.66 37.72 10.81
C PRO A 361 -3.57 38.20 11.94
N ASP A 362 -3.54 39.51 12.20
CA ASP A 362 -4.44 40.13 13.15
C ASP A 362 -5.80 40.34 12.50
N SER A 363 -5.76 40.67 11.21
CA SER A 363 -6.99 40.87 10.43
C SER A 363 -6.78 40.39 9.00
N PHE A 364 -7.60 40.88 8.08
CA PHE A 364 -7.52 40.48 6.68
C PHE A 364 -7.83 41.66 5.76
N ARG A 365 -6.77 42.23 5.18
CA ARG A 365 -6.93 43.37 4.28
C ARG A 365 -7.39 42.93 2.89
N VAL A 366 -8.28 43.72 2.29
CA VAL A 366 -8.80 43.44 0.96
C VAL A 366 -8.92 44.74 0.18
N GLY A 367 -7.78 45.26 -0.29
CA GLY A 367 -7.77 46.51 -1.03
C GLY A 367 -8.00 47.71 -0.12
N PRO A 368 -9.14 48.37 -0.32
CA PRO A 368 -9.63 49.46 0.56
C PRO A 368 -10.20 49.03 1.94
N GLN A 369 -11.00 47.96 1.93
CA GLN A 369 -11.73 47.51 3.11
C GLN A 369 -10.90 46.58 3.98
N ASP A 370 -11.21 46.54 5.27
CA ASP A 370 -10.52 45.67 6.22
C ASP A 370 -11.51 44.89 7.08
N TYR A 371 -11.45 43.57 7.00
CA TYR A 371 -12.33 42.71 7.78
C TYR A 371 -11.59 42.06 8.94
N SER A 372 -12.26 41.93 10.07
CA SER A 372 -11.68 41.29 11.25
C SER A 372 -12.01 39.81 11.29
N TYR A 373 -11.61 39.14 12.37
CA TYR A 373 -11.89 37.72 12.53
C TYR A 373 -13.39 37.44 12.59
N GLU A 374 -14.15 38.38 13.13
CA GLU A 374 -15.59 38.22 13.27
C GLU A 374 -16.29 38.40 11.93
N GLN A 375 -15.73 39.24 11.07
CA GLN A 375 -16.33 39.54 9.78
C GLN A 375 -15.86 38.57 8.69
N PHE A 376 -14.80 37.83 8.97
CA PHE A 376 -14.17 36.98 7.96
C PHE A 376 -14.52 35.50 8.12
N LEU A 377 -14.74 35.07 9.36
CA LEU A 377 -15.02 33.67 9.62
C LEU A 377 -16.46 33.30 9.30
N PHE A 378 -16.65 32.08 8.80
CA PHE A 378 -17.99 31.59 8.46
C PHE A 378 -18.66 32.52 7.44
N ASN A 379 -17.85 33.11 6.56
CA ASN A 379 -18.36 34.04 5.58
C ASN A 379 -18.91 33.30 4.37
N THR A 380 -20.15 33.60 4.00
CA THR A 380 -20.84 32.87 2.94
C THR A 380 -20.92 33.66 1.64
N SER A 381 -21.02 34.98 1.75
CA SER A 381 -21.21 35.82 0.57
C SER A 381 -19.91 36.48 0.11
N MET A 382 -18.94 36.59 1.01
CA MET A 382 -17.69 37.26 0.70
C MET A 382 -17.01 36.70 -0.55
N LEU A 383 -17.04 35.39 -0.70
CA LEU A 383 -16.37 34.73 -1.82
C LEU A 383 -16.91 35.22 -3.16
N VAL A 384 -18.23 35.25 -3.29
CA VAL A 384 -18.88 35.63 -4.55
C VAL A 384 -19.02 37.14 -4.68
N ASP A 385 -18.73 37.87 -3.60
CA ASP A 385 -18.86 39.32 -3.60
C ASP A 385 -17.62 40.00 -4.19
N TYR A 386 -16.47 39.34 -4.05
CA TYR A 386 -15.22 39.89 -4.56
C TYR A 386 -14.74 39.15 -5.81
N GLY A 387 -15.14 37.89 -5.94
CA GLY A 387 -14.71 37.07 -7.06
C GLY A 387 -13.40 36.35 -6.75
N VAL A 388 -12.84 35.70 -7.76
CA VAL A 388 -11.60 34.94 -7.58
C VAL A 388 -10.37 35.80 -7.83
N GLU A 389 -10.34 36.48 -8.97
CA GLU A 389 -9.17 37.26 -9.36
C GLU A 389 -8.90 38.41 -8.38
N ALA A 390 -9.97 39.03 -7.89
CA ALA A 390 -9.82 40.18 -7.00
C ALA A 390 -9.39 39.76 -5.60
N LEU A 391 -9.65 38.51 -5.24
CA LEU A 391 -9.31 38.01 -3.91
C LEU A 391 -7.88 37.47 -3.86
N VAL A 392 -7.48 36.72 -4.88
CA VAL A 392 -6.13 36.18 -4.97
C VAL A 392 -5.13 37.33 -4.94
N ASP A 393 -5.54 38.49 -5.42
CA ASP A 393 -4.69 39.67 -5.45
C ASP A 393 -4.47 40.23 -4.05
N ALA A 394 -5.46 40.04 -3.18
CA ALA A 394 -5.39 40.56 -1.82
C ALA A 394 -4.48 39.71 -0.93
N PHE A 395 -4.64 38.38 -1.00
CA PHE A 395 -3.86 37.48 -0.17
C PHE A 395 -2.38 37.55 -0.51
N SER A 396 -2.09 37.74 -1.80
CA SER A 396 -0.71 37.78 -2.27
C SER A 396 -0.02 39.10 -1.90
N ARG A 397 -0.81 40.09 -1.52
CA ARG A 397 -0.26 41.40 -1.15
C ARG A 397 -0.19 41.59 0.36
N GLN A 398 -0.61 40.57 1.11
CA GLN A 398 -0.58 40.64 2.56
C GLN A 398 0.35 39.59 3.15
N PRO A 399 1.29 40.02 4.02
CA PRO A 399 2.22 39.08 4.65
C PRO A 399 1.55 38.22 5.70
N ALA A 400 2.11 37.04 5.94
CA ALA A 400 1.61 36.14 6.97
C ALA A 400 2.47 36.28 8.24
N GLY A 401 2.29 35.36 9.18
CA GLY A 401 2.98 35.44 10.46
C GLY A 401 4.04 34.37 10.63
N ARG A 402 5.20 34.78 11.15
CA ARG A 402 6.29 33.83 11.36
C ARG A 402 5.83 32.74 12.31
N ILE A 403 6.23 31.51 12.03
CA ILE A 403 5.74 30.31 12.71
C ILE A 403 6.59 29.96 13.93
N GLY A 404 7.90 30.12 13.82
CA GLY A 404 8.80 29.68 14.86
C GLY A 404 9.26 30.79 15.78
N GLY A 405 9.83 30.40 16.93
CA GLY A 405 10.32 31.36 17.90
C GLY A 405 9.27 31.78 18.90
N GLY A 406 8.08 32.11 18.40
CA GLY A 406 7.03 32.63 19.24
C GLY A 406 7.44 33.96 19.84
N ARG A 407 6.52 34.68 20.46
CA ARG A 407 5.13 34.23 20.61
C ARG A 407 4.26 34.95 19.59
N ASN A 408 3.72 34.19 18.63
CA ASN A 408 3.00 34.78 17.51
C ASN A 408 1.77 33.98 17.08
N ILE A 409 0.80 33.85 17.98
CA ILE A 409 -0.47 33.19 17.65
C ILE A 409 -1.62 34.06 18.12
N ASP A 410 -2.44 34.52 17.16
CA ASP A 410 -3.57 35.38 17.47
C ASP A 410 -4.43 34.77 18.58
N HIS A 411 -5.06 35.63 19.36
CA HIS A 411 -5.85 35.20 20.51
C HIS A 411 -7.13 34.46 20.08
N HIS A 412 -7.46 34.54 18.80
CA HIS A 412 -8.66 33.89 18.29
C HIS A 412 -8.43 32.39 18.04
N ILE A 413 -7.26 32.06 17.51
CA ILE A 413 -6.96 30.68 17.14
C ILE A 413 -6.06 30.01 18.17
N LEU A 414 -5.96 30.61 19.36
CA LEU A 414 -5.10 30.08 20.41
C LEU A 414 -5.74 28.87 21.08
N HIS A 415 -7.05 28.73 20.93
CA HIS A 415 -7.76 27.60 21.52
C HIS A 415 -7.44 26.30 20.78
N VAL A 416 -6.87 26.43 19.58
CA VAL A 416 -6.44 25.27 18.82
C VAL A 416 -5.04 24.85 19.29
N ALA A 417 -4.22 25.82 19.62
CA ALA A 417 -2.87 25.56 20.11
C ALA A 417 -2.90 24.81 21.42
N VAL A 418 -3.96 25.01 22.21
CA VAL A 418 -4.13 24.32 23.47
C VAL A 418 -4.76 22.95 23.27
N ASP A 419 -5.53 22.80 22.19
CA ASP A 419 -6.13 21.53 21.85
C ASP A 419 -5.16 20.65 21.08
N VAL A 420 -3.99 21.20 20.76
CA VAL A 420 -2.94 20.44 20.11
C VAL A 420 -1.99 19.87 21.15
N ILE A 421 -1.68 20.66 22.17
CA ILE A 421 -0.84 20.21 23.27
C ILE A 421 -1.63 19.24 24.15
N LYS A 422 -2.94 19.45 24.20
CA LYS A 422 -3.82 18.57 24.95
C LYS A 422 -3.92 17.22 24.26
N GLU A 423 -3.92 17.24 22.93
CA GLU A 423 -3.97 16.02 22.13
C GLU A 423 -2.62 15.32 22.18
N SER A 424 -1.58 16.08 22.49
CA SER A 424 -0.23 15.54 22.59
C SER A 424 -0.13 14.59 23.77
N ARG A 425 -0.75 14.97 24.90
CA ARG A 425 -0.71 14.16 26.11
C ARG A 425 -1.66 12.97 26.02
N VAL A 426 -2.70 13.10 25.20
CA VAL A 426 -3.63 12.00 24.96
C VAL A 426 -2.94 10.90 24.17
N LEU A 427 -2.13 11.29 23.20
CA LEU A 427 -1.38 10.36 22.37
C LEU A 427 -0.14 9.87 23.10
N ARG A 428 0.26 10.60 24.14
CA ARG A 428 1.45 10.27 24.92
C ARG A 428 2.71 10.32 24.05
N LEU A 429 2.89 11.44 23.36
CA LEU A 429 4.10 11.66 22.57
C LEU A 429 5.33 11.70 23.47
N GLN A 430 6.49 11.38 22.91
CA GLN A 430 7.74 11.43 23.65
C GLN A 430 8.24 12.86 23.76
N PRO A 431 9.24 13.09 24.61
CA PRO A 431 9.82 14.42 24.81
C PRO A 431 10.32 15.06 23.52
N PHE A 432 10.91 16.24 23.62
CA PHE A 432 11.35 16.99 22.45
C PHE A 432 12.72 16.53 21.99
N ASN A 433 13.60 16.24 22.95
CA ASN A 433 14.96 15.82 22.64
C ASN A 433 15.00 14.40 22.09
N GLU A 434 14.02 13.59 22.44
CA GLU A 434 13.96 12.21 21.96
C GLU A 434 13.66 12.17 20.46
N TYR A 435 12.81 13.09 20.01
CA TYR A 435 12.50 13.21 18.60
C TYR A 435 13.65 13.86 17.85
N ARG A 436 14.43 14.69 18.55
CA ARG A 436 15.61 15.29 17.95
C ARG A 436 16.64 14.21 17.62
N LYS A 437 16.76 13.24 18.51
CA LYS A 437 17.65 12.11 18.30
C LYS A 437 17.20 11.28 17.11
N ARG A 438 15.88 11.21 16.92
CA ARG A 438 15.29 10.39 15.86
C ARG A 438 15.57 10.97 14.48
N PHE A 439 15.61 12.30 14.38
CA PHE A 439 15.79 12.97 13.10
C PHE A 439 17.20 13.53 12.94
N GLY A 440 18.19 12.80 13.43
CA GLY A 440 19.58 13.18 13.28
C GLY A 440 19.90 14.57 13.83
N MET A 441 19.69 14.73 15.13
CA MET A 441 19.99 15.99 15.80
C MET A 441 20.40 15.76 17.25
N LYS A 442 21.35 16.54 17.74
CA LYS A 442 21.85 16.41 19.09
C LYS A 442 20.91 17.09 20.09
N PRO A 443 20.50 16.35 21.13
CA PRO A 443 19.57 16.88 22.15
C PRO A 443 20.07 18.17 22.77
N TYR A 444 19.13 19.05 23.15
CA TYR A 444 19.48 20.28 23.84
C TYR A 444 19.82 19.97 25.30
N THR A 445 20.89 20.60 25.79
CA THR A 445 21.34 20.36 27.15
C THR A 445 20.63 21.28 28.14
N SER A 446 20.17 22.42 27.65
CA SER A 446 19.48 23.39 28.49
C SER A 446 18.35 24.09 27.73
N PHE A 447 17.44 24.72 28.48
CA PHE A 447 16.35 25.46 27.88
C PHE A 447 16.85 26.74 27.22
N GLN A 448 17.99 27.24 27.69
CA GLN A 448 18.59 28.44 27.14
C GLN A 448 19.19 28.15 25.76
N GLU A 449 19.51 26.90 25.51
CA GLU A 449 20.08 26.49 24.23
C GLU A 449 18.97 26.36 23.18
N LEU A 450 17.73 26.22 23.65
CA LEU A 450 16.59 26.07 22.76
C LEU A 450 16.10 27.43 22.25
N THR A 451 15.82 28.34 23.16
CA THR A 451 15.30 29.65 22.81
C THR A 451 16.33 30.59 22.31
N GLY A 452 17.51 30.50 22.87
CA GLY A 452 18.61 31.39 22.50
C GLY A 452 18.64 32.65 23.33
N GLU A 453 17.83 32.70 24.38
CA GLU A 453 17.79 33.84 25.28
C GLU A 453 17.39 33.40 26.69
N LYS A 454 17.67 34.26 27.66
CA LYS A 454 17.53 33.89 29.08
C LYS A 454 16.12 34.05 29.62
N GLU A 455 15.32 34.96 29.09
CA GLU A 455 14.01 35.23 29.66
C GLU A 455 12.92 34.17 29.65
N MET A 456 12.61 33.64 28.48
CA MET A 456 11.72 32.49 28.40
C MET A 456 12.38 31.26 28.95
N ALA A 457 13.63 31.05 28.59
CA ALA A 457 14.38 29.86 28.99
C ALA A 457 14.25 29.59 30.48
N ALA A 458 14.37 30.61 31.30
CA ALA A 458 14.16 30.43 32.73
C ALA A 458 12.72 30.14 33.06
N GLU A 459 11.79 30.82 32.41
CA GLU A 459 10.42 30.58 32.77
C GLU A 459 10.05 29.15 32.48
N LEU A 460 10.84 28.50 31.64
CA LEU A 460 10.54 27.13 31.25
C LEU A 460 11.22 26.13 32.17
N GLU A 461 12.39 26.51 32.68
CA GLU A 461 13.13 25.68 33.62
C GLU A 461 12.28 25.45 34.88
N GLU A 462 11.39 26.39 35.15
CA GLU A 462 10.52 26.30 36.32
C GLU A 462 9.35 25.36 36.09
N LEU A 463 8.81 25.39 34.87
CA LEU A 463 7.63 24.62 34.53
C LEU A 463 7.95 23.14 34.28
N TYR A 464 8.71 22.88 33.23
CA TYR A 464 9.03 21.50 32.86
C TYR A 464 10.08 20.88 33.79
N GLY A 465 11.05 21.68 34.21
CA GLY A 465 12.08 21.21 35.11
C GLY A 465 13.32 20.75 34.37
N ASP A 466 13.17 19.74 33.52
CA ASP A 466 14.28 19.22 32.74
C ASP A 466 14.09 19.48 31.26
N ILE A 467 15.18 19.55 30.51
CA ILE A 467 15.13 19.80 29.08
C ILE A 467 14.71 18.53 28.33
N ASP A 468 15.03 17.38 28.90
CA ASP A 468 14.68 16.10 28.29
C ASP A 468 13.20 15.77 28.48
N ALA A 469 12.48 16.65 29.16
CA ALA A 469 11.07 16.45 29.43
C ALA A 469 10.19 17.46 28.69
N LEU A 470 10.83 18.36 27.95
CA LEU A 470 10.11 19.34 27.16
C LEU A 470 9.16 18.66 26.19
N GLU A 471 7.96 19.20 26.04
CA GLU A 471 6.97 18.62 25.14
C GLU A 471 7.38 18.80 23.68
N PHE A 472 6.77 18.01 22.81
CA PHE A 472 7.11 18.01 21.39
C PHE A 472 6.65 19.30 20.70
N TYR A 473 5.35 19.56 20.72
CA TYR A 473 4.79 20.70 20.01
C TYR A 473 5.35 22.03 20.50
N PRO A 474 5.37 22.24 21.82
CA PRO A 474 5.92 23.50 22.36
C PRO A 474 7.39 23.68 22.03
N GLY A 475 8.11 22.58 21.85
CA GLY A 475 9.54 22.64 21.56
C GLY A 475 9.83 23.25 20.20
N LEU A 476 8.97 22.96 19.23
CA LEU A 476 9.16 23.46 17.87
C LEU A 476 8.91 24.96 17.77
N LEU A 477 7.88 25.43 18.46
CA LEU A 477 7.46 26.83 18.34
C LEU A 477 8.29 27.78 19.18
N LEU A 478 8.87 27.28 20.26
CA LEU A 478 9.66 28.11 21.16
C LEU A 478 11.13 28.12 20.79
N GLU A 479 11.51 27.28 19.82
CA GLU A 479 12.88 27.22 19.36
C GLU A 479 13.21 28.42 18.48
N LYS A 480 14.37 29.03 18.73
CA LYS A 480 14.80 30.19 17.94
C LYS A 480 15.05 29.77 16.49
N CYS A 481 15.08 30.75 15.62
CA CYS A 481 15.25 30.47 14.21
C CYS A 481 16.41 31.23 13.65
N HIS A 482 16.92 30.73 12.55
CA HIS A 482 18.00 31.42 11.91
C HIS A 482 17.37 32.64 11.30
N PRO A 483 18.05 33.74 11.52
CA PRO A 483 17.48 35.08 11.42
C PRO A 483 16.48 35.32 10.35
N ASN A 484 16.64 34.79 9.17
CA ASN A 484 15.68 35.05 8.13
C ASN A 484 14.80 33.86 7.89
N SER A 485 14.69 32.97 8.86
CA SER A 485 13.93 31.75 8.62
C SER A 485 12.52 31.88 9.17
N ILE A 486 11.63 31.02 8.73
CA ILE A 486 10.24 31.07 9.16
C ILE A 486 9.98 30.28 10.41
N PHE A 487 10.82 29.30 10.66
CA PHE A 487 10.74 28.49 11.88
C PHE A 487 12.05 27.85 12.30
N GLY A 488 12.08 27.28 13.50
CA GLY A 488 13.30 26.74 14.07
C GLY A 488 13.92 25.60 13.28
N GLU A 489 15.08 25.15 13.72
CA GLU A 489 15.81 24.08 13.05
C GLU A 489 15.09 22.77 13.11
N SER A 490 14.27 22.61 14.13
CA SER A 490 13.58 21.35 14.33
C SER A 490 12.37 21.22 13.41
N MET A 491 11.75 22.35 13.09
CA MET A 491 10.59 22.35 12.21
C MET A 491 10.99 21.96 10.79
N ILE A 492 12.25 22.19 10.46
CA ILE A 492 12.77 21.91 9.15
C ILE A 492 13.26 20.51 9.10
N GLU A 493 13.92 20.14 10.15
CA GLU A 493 14.63 18.88 10.13
C GLU A 493 13.74 17.73 10.49
N MET A 494 12.52 18.03 10.88
CA MET A 494 11.53 16.99 11.14
C MET A 494 10.43 17.02 10.08
N GLY A 495 10.14 18.18 9.54
CA GLY A 495 9.07 18.25 8.58
C GLY A 495 9.52 17.97 7.19
N ALA A 496 10.76 18.26 6.90
CA ALA A 496 11.29 18.00 5.56
C ALA A 496 11.12 16.54 5.18
N PRO A 497 11.51 15.61 6.08
CA PRO A 497 11.35 14.18 5.80
C PRO A 497 9.90 13.79 5.53
N PHE A 498 8.99 14.13 6.45
CA PHE A 498 7.60 13.72 6.34
C PHE A 498 6.96 14.12 5.03
N SER A 499 7.19 15.36 4.68
CA SER A 499 6.67 16.00 3.51
C SER A 499 7.16 15.41 2.20
N LEU A 500 8.42 15.08 2.17
CA LEU A 500 9.12 14.59 0.98
C LEU A 500 8.76 13.14 0.68
N LYS A 501 8.53 12.36 1.71
CA LYS A 501 8.10 10.99 1.60
C LYS A 501 6.68 10.88 1.06
N GLY A 502 5.85 11.85 1.40
CA GLY A 502 4.44 11.83 1.02
C GLY A 502 4.19 12.39 -0.37
N LEU A 503 5.14 13.16 -0.88
CA LEU A 503 5.02 13.75 -2.21
C LEU A 503 5.44 12.77 -3.28
N LEU A 504 6.67 12.27 -3.17
CA LEU A 504 7.21 11.35 -4.17
C LEU A 504 6.82 9.90 -3.87
N GLY A 505 6.34 9.67 -2.64
CA GLY A 505 5.81 8.37 -2.28
C GLY A 505 4.49 8.11 -2.97
N ASN A 506 3.95 9.16 -3.60
CA ASN A 506 2.69 9.05 -4.33
C ASN A 506 2.82 8.06 -5.49
N PRO A 507 1.76 7.26 -5.71
CA PRO A 507 1.76 6.25 -6.79
C PRO A 507 2.13 6.80 -8.16
N ILE A 508 1.65 7.99 -8.49
CA ILE A 508 1.88 8.57 -9.82
C ILE A 508 3.36 8.76 -10.12
N CYS A 509 4.17 8.89 -9.07
CA CYS A 509 5.61 9.09 -9.22
C CYS A 509 6.32 7.80 -9.58
N SER A 510 5.78 6.67 -9.13
CA SER A 510 6.38 5.37 -9.39
C SER A 510 6.62 5.14 -10.88
N PRO A 511 7.48 4.17 -11.22
CA PRO A 511 7.80 3.83 -12.60
C PRO A 511 6.57 3.37 -13.40
N GLU A 512 5.68 2.67 -12.72
CA GLU A 512 4.39 2.17 -13.45
CA GLU A 512 4.39 2.15 -13.42
C GLU A 512 3.45 3.39 -13.78
N TYR A 513 3.32 4.38 -12.92
CA TYR A 513 2.30 5.41 -13.09
C TYR A 513 2.81 6.66 -13.80
N TRP A 514 4.13 6.81 -13.87
CA TRP A 514 4.72 8.05 -14.40
C TRP A 514 4.90 7.99 -15.92
N LYS A 515 3.88 7.50 -16.62
CA LYS A 515 3.91 7.46 -18.07
C LYS A 515 3.10 8.61 -18.65
N ALA A 516 3.16 8.77 -19.97
CA ALA A 516 2.41 9.82 -20.64
C ALA A 516 0.97 9.40 -20.88
N SER A 517 0.76 8.10 -21.07
CA SER A 517 -0.57 7.55 -21.31
C SER A 517 -1.41 7.59 -20.05
N THR A 518 -0.76 7.68 -18.90
CA THR A 518 -1.45 7.74 -17.62
C THR A 518 -2.20 9.06 -17.48
N PHE A 519 -1.79 10.06 -18.25
CA PHE A 519 -2.42 11.38 -18.20
C PHE A 519 -3.13 11.70 -19.51
N GLY A 520 -3.35 10.68 -20.33
CA GLY A 520 -4.06 10.85 -21.59
C GLY A 520 -3.21 11.51 -22.65
N GLY A 521 -2.03 10.95 -22.90
CA GLY A 521 -1.14 11.47 -23.93
C GLY A 521 -0.18 12.52 -23.40
N GLU A 522 0.55 13.15 -24.30
CA GLU A 522 1.53 14.18 -23.94
C GLU A 522 0.86 15.46 -23.46
N VAL A 523 -0.37 15.69 -23.94
CA VAL A 523 -1.11 16.89 -23.57
C VAL A 523 -1.26 17.00 -22.05
N GLY A 524 -1.73 15.91 -21.45
CA GLY A 524 -1.96 15.88 -20.00
C GLY A 524 -0.68 15.74 -19.21
N PHE A 525 0.35 15.18 -19.84
CA PHE A 525 1.62 14.96 -19.18
C PHE A 525 2.47 16.23 -19.18
N ASN A 526 2.09 17.19 -20.02
CA ASN A 526 2.77 18.48 -20.08
C ASN A 526 2.18 19.46 -19.07
N LEU A 527 0.87 19.39 -18.88
CA LEU A 527 0.18 20.24 -17.92
C LEU A 527 0.75 20.03 -16.51
N VAL A 528 1.26 18.82 -16.27
CA VAL A 528 1.83 18.48 -14.98
C VAL A 528 3.26 19.00 -14.85
N LYS A 529 3.99 18.99 -15.96
CA LYS A 529 5.39 19.40 -15.98
C LYS A 529 5.56 20.91 -16.02
N THR A 530 4.48 21.63 -16.32
CA THR A 530 4.52 23.08 -16.41
C THR A 530 3.53 23.71 -15.43
N ALA A 531 3.10 22.94 -14.45
CA ALA A 531 2.15 23.44 -13.46
C ALA A 531 2.76 24.57 -12.66
N THR A 532 2.04 25.69 -12.58
CA THR A 532 2.48 26.85 -11.82
C THR A 532 1.31 27.43 -11.03
N LEU A 533 1.61 28.06 -9.91
CA LEU A 533 0.56 28.69 -9.10
C LEU A 533 -0.08 29.84 -9.87
N LYS A 534 0.66 30.38 -10.84
CA LYS A 534 0.18 31.50 -11.63
C LYS A 534 -0.76 31.02 -12.73
N LYS A 535 -0.48 29.84 -13.27
CA LYS A 535 -1.32 29.28 -14.32
C LYS A 535 -2.53 28.57 -13.74
N LEU A 536 -2.45 28.19 -12.48
CA LEU A 536 -3.56 27.52 -11.80
C LEU A 536 -4.67 28.52 -11.51
N VAL A 537 -4.32 29.80 -11.47
CA VAL A 537 -5.28 30.84 -11.14
C VAL A 537 -5.71 31.61 -12.39
N CYS A 538 -4.75 32.18 -13.12
CA CYS A 538 -5.03 33.04 -14.26
C CYS A 538 -5.79 32.33 -15.38
N LEU A 539 -5.43 31.08 -15.66
CA LEU A 539 -6.05 30.34 -16.76
C LEU A 539 -7.54 30.11 -16.52
N ASN A 540 -7.95 30.09 -15.26
CA ASN A 540 -9.34 29.86 -14.91
C ASN A 540 -10.12 31.15 -14.71
N THR A 541 -9.40 32.28 -14.65
CA THR A 541 -10.02 33.57 -14.43
C THR A 541 -10.11 34.37 -15.73
N LYS A 542 -10.61 35.61 -15.62
CA LYS A 542 -10.68 36.52 -16.76
C LYS A 542 -9.55 37.53 -16.67
N THR A 543 -9.46 38.19 -15.51
CA THR A 543 -8.38 39.14 -15.24
C THR A 543 -7.25 38.41 -14.54
N CYS A 544 -6.02 38.90 -14.72
CA CYS A 544 -4.86 38.27 -14.10
C CYS A 544 -4.32 39.14 -12.96
N PRO A 545 -4.55 38.70 -11.71
CA PRO A 545 -4.11 39.45 -10.53
C PRO A 545 -2.68 39.14 -10.14
N TYR A 546 -2.29 39.51 -8.92
CA TYR A 546 -0.99 39.14 -8.38
C TYR A 546 -1.11 37.84 -7.61
N VAL A 547 -0.46 36.80 -8.12
CA VAL A 547 -0.53 35.48 -7.50
C VAL A 547 0.87 34.95 -7.20
N SER A 548 1.12 34.65 -5.93
CA SER A 548 2.43 34.15 -5.49
C SER A 548 2.36 33.67 -4.05
N PHE A 549 3.48 33.13 -3.58
CA PHE A 549 3.58 32.66 -2.21
C PHE A 549 4.25 33.66 -1.33
N HIS A 550 4.59 34.80 -1.91
CA HIS A 550 5.28 35.86 -1.18
C HIS A 550 4.77 37.23 -1.60
N VAL A 551 4.70 38.16 -0.65
CA VAL A 551 4.25 39.52 -0.91
C VAL A 551 5.10 40.19 -1.98
N PRO A 552 4.58 41.25 -2.59
CA PRO A 552 5.30 41.98 -3.64
C PRO A 552 6.70 42.40 -3.21
N ASP A 553 6.78 43.23 -2.18
CA ASP A 553 8.07 43.70 -1.68
C ASP A 553 8.83 44.46 -2.75
N PRO B 1 -15.82 2.82 -37.82
CA PRO B 1 -14.71 3.34 -37.03
C PRO B 1 -14.37 2.34 -35.95
N VAL B 2 -13.87 1.20 -36.38
CA VAL B 2 -13.51 0.10 -35.50
C VAL B 2 -12.42 0.52 -34.52
N ASN B 3 -12.63 0.23 -33.25
CA ASN B 3 -11.66 0.55 -32.21
C ASN B 3 -10.29 -0.04 -32.55
N PRO B 4 -9.32 0.82 -32.86
CA PRO B 4 -7.97 0.39 -33.27
C PRO B 4 -7.25 -0.47 -32.23
N CYS B 5 -7.61 -0.30 -30.96
CA CYS B 5 -6.94 -1.01 -29.87
C CYS B 5 -7.45 -2.43 -29.70
N CYS B 6 -8.28 -2.89 -30.63
CA CYS B 6 -8.82 -4.25 -30.58
C CYS B 6 -7.87 -5.24 -31.26
N TYR B 7 -6.86 -4.70 -31.94
CA TYR B 7 -5.86 -5.54 -32.61
C TYR B 7 -4.67 -5.78 -31.70
N TYR B 8 -4.74 -5.22 -30.49
CA TYR B 8 -3.64 -5.32 -29.54
C TYR B 8 -2.31 -4.95 -30.20
N PRO B 9 -2.25 -3.75 -30.80
CA PRO B 9 -1.05 -3.30 -31.50
C PRO B 9 0.17 -3.19 -30.59
N CYS B 10 -0.01 -2.53 -29.45
CA CYS B 10 1.08 -2.30 -28.50
C CYS B 10 1.71 -3.62 -28.08
N GLN B 11 3.01 -3.74 -28.30
CA GLN B 11 3.75 -4.95 -27.97
C GLN B 11 4.63 -4.74 -26.75
N HIS B 12 4.93 -5.82 -26.07
CA HIS B 12 5.82 -5.77 -24.91
C HIS B 12 5.36 -4.88 -23.78
N GLN B 13 4.11 -4.99 -23.42
CA GLN B 13 3.55 -4.20 -22.33
C GLN B 13 3.39 -2.73 -22.69
N GLY B 14 2.91 -2.48 -23.91
CA GLY B 14 2.64 -1.12 -24.35
C GLY B 14 1.19 -0.74 -24.10
N ILE B 15 0.97 0.46 -23.59
CA ILE B 15 -0.38 0.92 -23.27
C ILE B 15 -1.02 1.56 -24.50
N CYS B 16 -2.19 1.06 -24.89
CA CYS B 16 -2.88 1.58 -26.06
C CYS B 16 -3.96 2.58 -25.68
N VAL B 17 -3.74 3.84 -26.07
CA VAL B 17 -4.72 4.89 -25.82
C VAL B 17 -5.38 5.31 -27.13
N ARG B 18 -6.64 5.70 -27.07
CA ARG B 18 -7.39 6.06 -28.27
C ARG B 18 -7.39 7.57 -28.49
N PHE B 19 -7.18 7.97 -29.73
CA PHE B 19 -7.17 9.39 -30.10
C PHE B 19 -8.12 9.64 -31.26
N GLY B 20 -8.56 10.89 -31.40
CA GLY B 20 -9.44 11.28 -32.48
C GLY B 20 -10.67 10.39 -32.59
N LEU B 21 -11.19 10.25 -33.80
CA LEU B 21 -12.38 9.44 -34.03
C LEU B 21 -12.02 7.97 -34.30
N ASP B 22 -10.91 7.76 -35.00
CA ASP B 22 -10.51 6.41 -35.39
C ASP B 22 -8.99 6.23 -35.39
N ARG B 23 -8.31 6.99 -34.55
CA ARG B 23 -6.85 6.89 -34.42
C ARG B 23 -6.46 6.25 -33.11
N TYR B 24 -5.15 6.14 -32.88
CA TYR B 24 -4.63 5.58 -31.64
C TYR B 24 -3.12 5.79 -31.55
N GLN B 25 -2.57 5.53 -30.37
CA GLN B 25 -1.13 5.63 -30.16
C GLN B 25 -0.69 4.62 -29.09
N CYS B 26 0.60 4.28 -29.10
CA CYS B 26 1.13 3.34 -28.12
C CYS B 26 2.24 3.99 -27.29
N ASP B 27 2.06 3.95 -25.98
CA ASP B 27 3.03 4.52 -25.05
C ASP B 27 4.16 3.52 -24.79
N CYS B 28 5.31 3.76 -25.41
CA CYS B 28 6.44 2.84 -25.30
C CYS B 28 7.45 3.33 -24.26
N THR B 29 6.95 3.91 -23.16
CA THR B 29 7.81 4.43 -22.11
C THR B 29 8.35 3.30 -21.24
N ARG B 30 9.67 3.13 -21.25
CA ARG B 30 10.34 2.13 -20.42
C ARG B 30 9.85 0.72 -20.70
N THR B 31 9.53 0.44 -21.96
CA THR B 31 9.17 -0.91 -22.39
C THR B 31 10.35 -1.56 -23.10
N GLY B 32 11.43 -0.80 -23.26
CA GLY B 32 12.60 -1.31 -23.94
C GLY B 32 12.48 -1.22 -25.44
N TYR B 33 11.38 -0.66 -25.91
CA TYR B 33 11.12 -0.52 -27.34
C TYR B 33 10.62 0.87 -27.67
N SER B 34 10.68 1.23 -28.96
CA SER B 34 10.14 2.48 -29.44
C SER B 34 9.35 2.24 -30.72
N GLY B 35 9.10 3.31 -31.48
CA GLY B 35 8.34 3.19 -32.71
C GLY B 35 6.86 3.25 -32.45
N PRO B 36 6.05 3.13 -33.52
CA PRO B 36 4.59 3.21 -33.43
C PRO B 36 3.96 2.11 -32.57
N ASN B 37 4.61 0.97 -32.48
CA ASN B 37 4.04 -0.18 -31.79
C ASN B 37 4.87 -0.67 -30.60
N CYS B 38 6.06 -0.11 -30.43
CA CYS B 38 6.99 -0.59 -29.41
C CYS B 38 7.56 -1.94 -29.83
N THR B 39 7.92 -2.06 -31.10
CA THR B 39 8.44 -3.30 -31.66
C THR B 39 9.92 -3.20 -31.95
N ILE B 40 10.37 -2.02 -32.36
CA ILE B 40 11.77 -1.81 -32.68
C ILE B 40 12.59 -1.81 -31.39
N PRO B 41 13.56 -2.74 -31.28
CA PRO B 41 14.34 -2.92 -30.05
C PRO B 41 15.29 -1.77 -29.76
N GLU B 42 15.60 -1.56 -28.48
CA GLU B 42 16.63 -0.62 -28.09
C GLU B 42 17.99 -1.33 -28.12
N ILE B 43 19.07 -0.55 -28.03
CA ILE B 43 20.41 -1.11 -28.13
C ILE B 43 20.65 -2.23 -27.12
N TRP B 44 20.18 -2.04 -25.89
CA TRP B 44 20.45 -3.00 -24.82
C TRP B 44 19.48 -4.17 -24.83
N THR B 45 18.21 -3.90 -25.10
CA THR B 45 17.18 -4.93 -25.06
C THR B 45 17.37 -5.94 -26.20
N TRP B 46 17.91 -5.46 -27.32
CA TRP B 46 18.18 -6.33 -28.46
C TRP B 46 19.26 -7.34 -28.11
N LEU B 47 20.23 -6.91 -27.31
CA LEU B 47 21.32 -7.79 -26.89
C LEU B 47 20.84 -8.74 -25.80
N ARG B 48 19.81 -8.33 -25.07
CA ARG B 48 19.29 -9.12 -23.96
C ARG B 48 18.39 -10.24 -24.45
N THR B 49 17.65 -9.98 -25.52
CA THR B 49 16.73 -10.97 -26.08
C THR B 49 17.47 -11.96 -26.97
N THR B 50 18.56 -11.51 -27.58
CA THR B 50 19.38 -12.38 -28.41
C THR B 50 20.05 -13.44 -27.55
N LEU B 51 20.43 -13.06 -26.33
CA LEU B 51 21.06 -13.98 -25.40
C LEU B 51 20.04 -14.49 -24.38
N ARG B 52 18.78 -14.55 -24.80
CA ARG B 52 17.77 -15.07 -23.91
C ARG B 52 17.38 -16.45 -24.39
N PRO B 53 17.65 -17.44 -23.55
CA PRO B 53 17.22 -18.82 -23.80
C PRO B 53 15.72 -18.99 -23.63
N SER B 54 15.13 -19.93 -24.36
CA SER B 54 13.70 -20.19 -24.25
C SER B 54 13.35 -20.58 -22.82
N PRO B 55 12.12 -20.27 -22.38
CA PRO B 55 11.68 -20.63 -21.04
C PRO B 55 11.77 -22.13 -20.77
N SER B 56 11.51 -22.93 -21.79
CA SER B 56 11.55 -24.38 -21.65
C SER B 56 12.98 -24.89 -21.53
N PHE B 57 13.92 -24.15 -22.13
CA PHE B 57 15.33 -24.50 -22.04
C PHE B 57 15.86 -24.28 -20.63
N ILE B 58 15.34 -23.25 -19.97
CA ILE B 58 15.75 -22.94 -18.61
C ILE B 58 15.05 -23.86 -17.61
N HIS B 59 13.89 -24.38 -18.01
CA HIS B 59 13.17 -25.34 -17.19
C HIS B 59 13.89 -26.69 -17.24
N PHE B 60 14.49 -26.99 -18.37
CA PHE B 60 15.26 -28.21 -18.55
C PHE B 60 16.48 -28.19 -17.65
N LEU B 61 17.11 -27.02 -17.56
CA LEU B 61 18.29 -26.85 -16.71
C LEU B 61 17.91 -27.02 -15.24
N LEU B 62 16.82 -26.40 -14.84
CA LEU B 62 16.38 -26.42 -13.45
C LEU B 62 15.78 -27.77 -13.05
N THR B 63 15.67 -28.69 -14.00
CA THR B 63 15.12 -30.01 -13.73
C THR B 63 16.06 -31.13 -14.18
N HIS B 64 17.30 -30.77 -14.49
CA HIS B 64 18.30 -31.74 -14.89
C HIS B 64 19.67 -31.39 -14.35
N GLY B 65 20.63 -32.30 -14.48
CA GLY B 65 21.97 -32.07 -13.99
C GLY B 65 22.03 -32.08 -12.47
N ARG B 66 21.59 -33.15 -11.87
CA ARG B 66 21.62 -33.28 -10.43
C ARG B 66 22.96 -32.95 -9.86
N TRP B 67 24.01 -33.52 -10.44
CA TRP B 67 25.32 -33.30 -9.89
C TRP B 67 25.62 -31.84 -9.82
N LEU B 68 25.24 -31.10 -10.85
CA LEU B 68 25.51 -29.67 -10.90
C LEU B 68 24.77 -28.92 -9.79
N TRP B 69 23.59 -29.41 -9.43
CA TRP B 69 22.76 -28.73 -8.43
C TRP B 69 23.08 -29.18 -7.01
N ASP B 70 23.81 -30.28 -6.88
CA ASP B 70 24.31 -30.69 -5.58
C ASP B 70 25.44 -29.75 -5.17
N PHE B 71 26.11 -29.19 -6.17
CA PHE B 71 27.18 -28.23 -5.94
C PHE B 71 26.59 -26.84 -5.71
N VAL B 72 25.74 -26.40 -6.64
CA VAL B 72 25.14 -25.07 -6.58
C VAL B 72 24.41 -24.84 -5.25
N ASN B 73 23.69 -25.86 -4.78
CA ASN B 73 22.94 -25.76 -3.54
C ASN B 73 23.86 -25.50 -2.34
N ALA B 74 25.07 -26.06 -2.40
CA ALA B 74 26.02 -25.94 -1.31
C ALA B 74 27.02 -24.80 -1.56
N THR B 75 26.60 -23.83 -2.36
CA THR B 75 27.45 -22.68 -2.65
C THR B 75 26.64 -21.39 -2.55
N PHE B 76 27.29 -20.25 -2.78
CA PHE B 76 26.60 -18.96 -2.77
C PHE B 76 25.75 -18.75 -4.01
N ILE B 77 25.77 -19.73 -4.91
CA ILE B 77 25.02 -19.63 -6.16
C ILE B 77 23.54 -19.90 -5.92
N ARG B 78 23.23 -20.50 -4.78
CA ARG B 78 21.84 -20.71 -4.38
C ARG B 78 21.17 -19.35 -4.16
N ASP B 79 21.97 -18.34 -3.86
CA ASP B 79 21.46 -16.99 -3.64
C ASP B 79 21.52 -16.16 -4.91
N THR B 80 22.50 -16.44 -5.76
CA THR B 80 22.64 -15.73 -7.03
C THR B 80 21.52 -16.13 -7.98
N LEU B 81 21.03 -17.36 -7.82
CA LEU B 81 19.97 -17.87 -8.67
C LEU B 81 18.59 -17.65 -8.03
N MET B 82 18.56 -17.62 -6.71
CA MET B 82 17.32 -17.34 -5.99
C MET B 82 16.90 -15.89 -6.22
N ARG B 83 17.78 -14.96 -5.87
CA ARG B 83 17.51 -13.54 -6.08
C ARG B 83 17.14 -13.28 -7.53
N LEU B 84 17.74 -14.05 -8.44
CA LEU B 84 17.50 -13.91 -9.87
C LEU B 84 16.07 -14.33 -10.22
N VAL B 85 15.62 -15.43 -9.61
CA VAL B 85 14.26 -15.90 -9.82
C VAL B 85 13.25 -14.92 -9.23
N LEU B 86 13.63 -14.29 -8.12
CA LEU B 86 12.74 -13.37 -7.42
C LEU B 86 12.55 -12.08 -8.19
N THR B 87 13.58 -11.25 -8.22
CA THR B 87 13.52 -9.96 -8.91
C THR B 87 12.97 -10.09 -10.32
N VAL B 88 13.56 -10.98 -11.08
CA VAL B 88 13.31 -11.20 -12.49
C VAL B 88 11.91 -11.62 -12.86
N ARG B 89 11.35 -12.53 -12.09
N ARG B 89 11.34 -12.49 -12.05
CA ARG B 89 9.96 -12.88 -12.26
CA ARG B 89 9.95 -12.87 -12.23
C ARG B 89 8.99 -11.81 -11.87
C ARG B 89 9.02 -11.73 -12.00
N SER B 90 9.12 -11.33 -10.64
N SER B 90 9.18 -10.99 -10.93
CA SER B 90 8.15 -10.44 -10.03
CA SER B 90 8.44 -9.75 -10.81
C SER B 90 8.16 -9.08 -10.61
C SER B 90 8.88 -8.64 -11.79
N ASN B 91 9.17 -8.79 -11.36
N ASN B 91 10.18 -8.43 -11.91
CA ASN B 91 9.26 -7.52 -12.07
CA ASN B 91 10.69 -7.24 -12.64
C ASN B 91 8.30 -7.46 -13.26
C ASN B 91 10.33 -5.97 -11.90
N LEU B 92 7.69 -8.61 -13.56
N LEU B 92 9.72 -5.05 -12.66
CA LEU B 92 6.66 -8.74 -14.58
CA LEU B 92 9.06 -3.89 -12.14
C LEU B 92 5.35 -8.15 -14.09
C LEU B 92 7.78 -4.60 -11.78
N ILE B 93 5.22 -7.98 -12.79
N ILE B 93 6.70 -3.91 -11.50
CA ILE B 93 3.95 -7.51 -12.26
CA ILE B 93 5.57 -4.75 -11.07
C ILE B 93 4.05 -6.08 -11.78
C ILE B 93 6.12 -5.47 -9.87
N PRO B 94 3.14 -5.27 -12.29
N PRO B 94 6.57 -4.69 -8.90
CA PRO B 94 3.12 -3.83 -12.01
CA PRO B 94 5.96 -4.34 -7.63
C PRO B 94 2.93 -3.59 -10.52
C PRO B 94 5.36 -2.94 -7.73
N SER B 95 3.68 -2.62 -10.00
N SER B 95 5.41 -2.46 -8.96
CA SER B 95 3.56 -2.21 -8.60
CA SER B 95 4.96 -1.16 -9.36
C SER B 95 3.89 -0.73 -8.48
C SER B 95 3.58 -1.27 -9.01
N PRO B 96 2.90 0.10 -8.24
N PRO B 96 3.00 -0.21 -8.49
CA PRO B 96 1.56 -0.23 -7.80
CA PRO B 96 1.67 -0.34 -7.95
C PRO B 96 0.66 -0.86 -8.83
C PRO B 96 0.66 -0.76 -8.96
N PRO B 97 -0.42 -1.53 -8.40
N PRO B 97 -0.18 -1.68 -8.55
CA PRO B 97 -1.31 -2.17 -9.37
CA PRO B 97 -1.11 -2.28 -9.47
C PRO B 97 -1.64 -1.26 -10.54
C PRO B 97 -1.76 -1.21 -10.27
N THR B 98 -2.33 -1.76 -11.51
N THR B 98 -2.18 -1.57 -11.46
CA THR B 98 -2.58 -0.93 -12.59
CA THR B 98 -2.73 -0.62 -12.39
C THR B 98 -4.05 -0.84 -12.97
C THR B 98 -4.23 -0.66 -12.65
N TYR B 99 -4.72 -1.95 -13.25
N TYR B 99 -4.88 -1.82 -13.25
CA TYR B 99 -6.11 -1.87 -13.65
CA TYR B 99 -6.30 -1.90 -13.56
C TYR B 99 -7.03 -2.72 -12.78
C TYR B 99 -7.00 -2.85 -12.63
N ASN B 100 -8.33 -2.63 -13.03
CA ASN B 100 -9.32 -3.49 -12.39
C ASN B 100 -10.53 -3.67 -13.30
N ILE B 101 -11.54 -4.40 -12.81
CA ILE B 101 -12.72 -4.71 -13.62
C ILE B 101 -13.42 -3.46 -14.14
N ALA B 102 -13.35 -2.37 -13.39
CA ALA B 102 -14.09 -1.16 -13.72
C ALA B 102 -13.29 -0.19 -14.59
N HIS B 103 -11.98 -0.33 -14.59
CA HIS B 103 -11.11 0.59 -15.31
C HIS B 103 -10.07 -0.12 -16.17
N ASP B 104 -9.92 0.34 -17.39
CA ASP B 104 -8.90 -0.18 -18.30
C ASP B 104 -7.77 0.83 -18.45
N TYR B 105 -7.47 1.54 -17.36
CA TYR B 105 -6.44 2.58 -17.38
C TYR B 105 -6.01 2.92 -15.96
N ILE B 106 -4.80 3.46 -15.83
CA ILE B 106 -4.29 3.86 -14.52
C ILE B 106 -5.16 4.98 -13.95
N SER B 107 -5.72 4.74 -12.78
CA SER B 107 -6.57 5.73 -12.12
C SER B 107 -6.41 5.66 -10.60
N TRP B 108 -6.79 6.72 -9.92
CA TRP B 108 -6.64 6.78 -8.47
C TRP B 108 -7.66 5.89 -7.77
N GLU B 109 -8.79 5.65 -8.43
CA GLU B 109 -9.82 4.78 -7.88
C GLU B 109 -9.40 3.32 -8.01
N SER B 110 -8.41 3.07 -8.85
CA SER B 110 -7.90 1.72 -9.06
C SER B 110 -6.81 1.39 -8.06
N PHE B 111 -6.09 2.41 -7.60
CA PHE B 111 -5.01 2.23 -6.64
C PHE B 111 -5.51 2.36 -5.21
N SER B 112 -6.55 3.17 -5.01
CA SER B 112 -7.08 3.43 -3.69
C SER B 112 -8.09 2.36 -3.27
N ASN B 113 -8.89 1.92 -4.23
CA ASN B 113 -9.94 0.94 -3.94
C ASN B 113 -9.40 -0.48 -3.89
N VAL B 114 -9.55 -1.12 -2.74
CA VAL B 114 -9.02 -2.46 -2.51
C VAL B 114 -10.04 -3.56 -2.81
N SER B 115 -11.32 -3.22 -2.74
CA SER B 115 -12.39 -4.19 -2.98
C SER B 115 -12.37 -4.72 -4.41
N TYR B 116 -11.43 -4.24 -5.21
CA TYR B 116 -11.29 -4.69 -6.60
C TYR B 116 -10.21 -5.77 -6.74
N TYR B 117 -10.40 -6.65 -7.72
CA TYR B 117 -9.35 -7.54 -8.17
C TYR B 117 -8.59 -6.84 -9.29
N THR B 118 -7.31 -6.54 -9.07
CA THR B 118 -6.51 -5.92 -10.11
C THR B 118 -6.42 -6.86 -11.31
N ARG B 119 -5.83 -6.40 -12.40
CA ARG B 119 -5.66 -7.24 -13.58
C ARG B 119 -4.43 -6.84 -14.37
N ILE B 120 -3.59 -7.79 -14.68
CA ILE B 120 -2.38 -7.49 -15.39
C ILE B 120 -2.62 -6.91 -16.74
N LEU B 121 -3.62 -7.40 -17.42
CA LEU B 121 -3.97 -6.88 -18.74
C LEU B 121 -5.38 -6.31 -18.75
N PRO B 122 -5.60 -5.28 -19.58
CA PRO B 122 -6.93 -4.68 -19.72
C PRO B 122 -7.94 -5.66 -20.32
N SER B 123 -9.22 -5.32 -20.26
CA SER B 123 -10.26 -6.15 -20.83
C SER B 123 -10.43 -5.87 -22.32
N VAL B 124 -11.19 -6.72 -23.00
CA VAL B 124 -11.44 -6.54 -24.43
C VAL B 124 -12.64 -5.59 -24.63
N PRO B 125 -12.38 -4.53 -25.33
CA PRO B 125 -13.33 -3.45 -25.47
C PRO B 125 -14.69 -3.95 -25.86
N ARG B 126 -15.70 -3.42 -25.21
CA ARG B 126 -17.03 -3.92 -25.47
C ARG B 126 -17.45 -3.55 -26.88
N ASP B 127 -16.54 -2.96 -27.64
CA ASP B 127 -16.89 -2.40 -28.92
C ASP B 127 -16.10 -3.06 -29.99
N CYS B 128 -15.67 -4.27 -29.69
CA CYS B 128 -14.81 -4.95 -30.62
C CYS B 128 -15.62 -5.98 -31.38
N PRO B 129 -15.41 -6.06 -32.68
CA PRO B 129 -16.16 -6.99 -33.53
C PRO B 129 -16.39 -8.34 -32.86
N THR B 130 -15.32 -9.09 -32.64
CA THR B 130 -15.42 -10.42 -32.04
C THR B 130 -15.28 -10.31 -30.53
N PRO B 131 -15.83 -11.30 -29.79
CA PRO B 131 -15.77 -11.25 -28.32
C PRO B 131 -14.35 -11.13 -27.76
N MET B 132 -13.37 -11.69 -28.47
CA MET B 132 -11.99 -11.68 -27.98
C MET B 132 -11.10 -10.70 -28.76
N GLY B 133 -11.70 -9.65 -29.31
CA GLY B 133 -10.95 -8.63 -30.02
C GLY B 133 -11.27 -8.57 -31.49
N THR B 134 -10.45 -9.25 -32.30
CA THR B 134 -10.66 -9.28 -33.75
C THR B 134 -10.61 -10.71 -34.30
N LYS B 135 -9.91 -11.60 -33.59
CA LYS B 135 -9.72 -12.96 -34.06
C LYS B 135 -10.75 -13.89 -33.45
N GLY B 136 -11.09 -14.96 -34.17
CA GLY B 136 -11.99 -15.98 -33.66
C GLY B 136 -13.38 -15.88 -34.26
N LYS B 137 -14.26 -16.79 -33.82
CA LYS B 137 -15.64 -16.81 -34.30
C LYS B 137 -16.49 -15.81 -33.54
N LYS B 138 -17.65 -15.47 -34.11
CA LYS B 138 -18.55 -14.51 -33.50
C LYS B 138 -19.02 -14.99 -32.13
N GLN B 139 -18.99 -16.29 -31.92
CA GLN B 139 -19.41 -16.88 -30.66
C GLN B 139 -18.34 -17.81 -30.10
N LEU B 140 -18.20 -17.82 -28.78
CA LEU B 140 -17.24 -18.69 -28.11
C LEU B 140 -17.93 -19.98 -27.67
N PRO B 141 -17.16 -21.07 -27.59
CA PRO B 141 -17.71 -22.40 -27.28
C PRO B 141 -18.53 -22.42 -26.00
N ASP B 142 -19.47 -23.36 -25.91
CA ASP B 142 -20.28 -23.52 -24.70
C ASP B 142 -19.37 -23.89 -23.53
N ALA B 143 -19.51 -23.17 -22.43
CA ALA B 143 -18.68 -23.41 -21.24
C ALA B 143 -18.85 -24.84 -20.74
N GLU B 144 -20.09 -25.32 -20.74
CA GLU B 144 -20.39 -26.65 -20.24
C GLU B 144 -19.81 -27.73 -21.16
N PHE B 145 -19.89 -27.50 -22.47
CA PHE B 145 -19.41 -28.46 -23.45
C PHE B 145 -17.89 -28.56 -23.43
N LEU B 146 -17.23 -27.44 -23.15
CA LEU B 146 -15.78 -27.40 -23.08
C LEU B 146 -15.28 -28.22 -21.89
N SER B 147 -16.08 -28.24 -20.83
CA SER B 147 -15.71 -28.94 -19.61
C SER B 147 -16.08 -30.41 -19.68
N ARG B 148 -17.00 -30.75 -20.58
CA ARG B 148 -17.46 -32.12 -20.73
C ARG B 148 -16.74 -32.85 -21.85
N ARG B 149 -15.79 -32.17 -22.48
CA ARG B 149 -15.07 -32.75 -23.62
C ARG B 149 -13.55 -32.59 -23.49
N PHE B 150 -13.11 -31.60 -22.72
CA PHE B 150 -11.68 -31.32 -22.61
C PHE B 150 -11.21 -31.22 -21.17
N LEU B 151 -12.16 -31.12 -20.24
CA LEU B 151 -11.83 -31.01 -18.82
C LEU B 151 -12.38 -32.17 -17.99
N LEU B 152 -13.39 -32.86 -18.54
CA LEU B 152 -14.05 -33.94 -17.80
C LEU B 152 -13.12 -35.14 -17.68
N ARG B 153 -13.07 -35.72 -16.49
CA ARG B 153 -12.17 -36.83 -16.20
C ARG B 153 -12.79 -38.17 -16.58
N ARG B 154 -12.03 -38.96 -17.35
CA ARG B 154 -12.44 -40.32 -17.67
C ARG B 154 -11.72 -41.29 -16.74
N LYS B 155 -10.40 -41.37 -16.89
CA LYS B 155 -9.56 -42.18 -16.02
C LYS B 155 -8.64 -41.27 -15.22
N PHE B 156 -8.42 -41.61 -13.95
CA PHE B 156 -7.60 -40.79 -13.08
C PHE B 156 -6.16 -40.72 -13.57
N ILE B 157 -5.69 -39.51 -13.82
CA ILE B 157 -4.31 -39.28 -14.25
C ILE B 157 -3.53 -38.59 -13.13
N PRO B 158 -2.80 -39.38 -12.32
CA PRO B 158 -2.07 -38.85 -11.18
C PRO B 158 -0.99 -37.85 -11.57
N ASP B 159 -0.44 -37.14 -10.59
CA ASP B 159 0.65 -36.22 -10.84
C ASP B 159 1.97 -36.99 -10.95
N PRO B 160 2.71 -36.76 -12.05
CA PRO B 160 3.97 -37.47 -12.29
C PRO B 160 5.05 -37.17 -11.24
N GLN B 161 4.87 -36.08 -10.51
CA GLN B 161 5.82 -35.63 -9.49
C GLN B 161 5.59 -36.21 -8.14
N GLY B 162 4.49 -36.89 -7.98
CA GLY B 162 4.18 -37.58 -6.74
C GLY B 162 3.33 -36.76 -5.79
N THR B 163 3.06 -35.51 -6.17
CA THR B 163 2.24 -34.63 -5.34
C THR B 163 1.07 -35.40 -4.74
N ASN B 164 0.73 -35.08 -3.50
CA ASN B 164 -0.34 -35.76 -2.78
C ASN B 164 -1.48 -34.80 -2.41
N LEU B 165 -2.46 -35.32 -1.67
CA LEU B 165 -3.61 -34.53 -1.28
C LEU B 165 -3.30 -33.59 -0.12
N MET B 166 -2.25 -33.93 0.63
CA MET B 166 -1.78 -33.06 1.70
C MET B 166 -1.40 -31.72 1.10
N PHE B 167 -0.83 -31.75 -0.10
CA PHE B 167 -0.47 -30.55 -0.82
C PHE B 167 -1.71 -29.90 -1.43
N ALA B 168 -2.64 -30.72 -1.86
CA ALA B 168 -3.87 -30.25 -2.51
C ALA B 168 -4.71 -29.40 -1.55
N PHE B 169 -4.74 -29.79 -0.29
CA PHE B 169 -5.55 -29.09 0.71
C PHE B 169 -4.80 -27.91 1.31
N PHE B 170 -3.47 -27.95 1.23
CA PHE B 170 -2.66 -26.81 1.67
C PHE B 170 -2.75 -25.70 0.64
N ALA B 171 -3.01 -26.08 -0.61
CA ALA B 171 -3.12 -25.11 -1.69
C ALA B 171 -4.46 -24.38 -1.60
N GLN B 172 -5.54 -25.15 -1.47
CA GLN B 172 -6.88 -24.59 -1.38
C GLN B 172 -7.06 -23.78 -0.09
N HIS B 173 -6.35 -24.20 0.95
CA HIS B 173 -6.45 -23.54 2.26
C HIS B 173 -5.69 -22.23 2.29
N PHE B 174 -4.46 -22.25 1.77
CA PHE B 174 -3.60 -21.07 1.79
C PHE B 174 -3.93 -20.08 0.68
N THR B 175 -4.72 -20.52 -0.30
CA THR B 175 -5.05 -19.68 -1.45
C THR B 175 -6.34 -18.91 -1.22
N HIS B 176 -7.20 -19.42 -0.35
CA HIS B 176 -8.51 -18.83 -0.13
C HIS B 176 -8.47 -17.66 0.87
N GLN B 177 -7.27 -17.21 1.23
CA GLN B 177 -7.13 -16.07 2.13
C GLN B 177 -7.00 -14.77 1.35
N PHE B 178 -6.80 -14.90 0.05
CA PHE B 178 -6.75 -13.75 -0.82
C PHE B 178 -7.62 -13.92 -2.03
N PHE B 179 -8.42 -14.95 -2.03
CA PHE B 179 -9.43 -15.18 -3.07
C PHE B 179 -10.81 -15.32 -2.44
N LYS B 180 -11.54 -14.21 -2.37
CA LYS B 180 -12.90 -14.23 -1.84
C LYS B 180 -13.86 -13.46 -2.74
N THR B 181 -13.98 -13.90 -3.94
CA THR B 181 -14.78 -13.14 -4.82
C THR B 181 -16.07 -12.93 -4.08
N SER B 182 -16.55 -11.70 -4.04
CA SER B 182 -17.76 -11.43 -3.26
C SER B 182 -19.01 -11.72 -4.04
N GLY B 183 -20.00 -12.35 -3.41
CA GLY B 183 -21.24 -12.58 -4.12
C GLY B 183 -21.84 -11.23 -4.39
N LYS B 184 -22.17 -10.53 -3.35
CA LYS B 184 -22.80 -9.23 -3.47
C LYS B 184 -22.31 -8.44 -4.65
N MET B 185 -21.09 -7.94 -4.53
CA MET B 185 -20.51 -6.98 -5.47
C MET B 185 -20.31 -7.62 -6.84
N GLY B 186 -20.35 -8.95 -6.88
CA GLY B 186 -20.21 -9.67 -8.13
C GLY B 186 -18.76 -9.94 -8.50
N PRO B 187 -18.53 -10.52 -9.68
CA PRO B 187 -17.18 -10.83 -10.17
C PRO B 187 -16.30 -9.59 -10.26
N GLY B 188 -15.00 -9.77 -10.05
CA GLY B 188 -14.05 -8.68 -10.12
C GLY B 188 -13.94 -7.93 -8.81
N PHE B 189 -14.40 -8.55 -7.73
CA PHE B 189 -14.32 -7.96 -6.40
C PHE B 189 -13.90 -9.00 -5.37
N THR B 190 -13.32 -8.58 -4.28
CA THR B 190 -12.88 -9.53 -3.28
C THR B 190 -13.19 -9.06 -1.89
N LYS B 191 -13.46 -10.01 -1.02
CA LYS B 191 -13.77 -9.74 0.38
C LYS B 191 -12.49 -9.73 1.21
N ALA B 192 -11.52 -10.53 0.78
CA ALA B 192 -10.21 -10.57 1.42
C ALA B 192 -9.37 -9.42 0.92
N LEU B 193 -9.38 -8.31 1.65
CA LEU B 193 -8.67 -7.11 1.25
C LEU B 193 -7.19 -7.18 1.59
N GLY B 194 -6.78 -8.29 2.21
CA GLY B 194 -5.38 -8.50 2.54
C GLY B 194 -4.52 -8.60 1.29
N HIS B 195 -5.10 -9.17 0.24
CA HIS B 195 -4.42 -9.33 -1.03
C HIS B 195 -3.04 -9.97 -0.87
N GLY B 196 -2.92 -10.88 0.08
CA GLY B 196 -1.67 -11.58 0.32
C GLY B 196 -1.72 -12.52 1.49
N VAL B 197 -0.55 -12.79 2.08
CA VAL B 197 -0.45 -13.70 3.22
C VAL B 197 -0.70 -12.94 4.52
N ASP B 198 -1.96 -12.57 4.74
CA ASP B 198 -2.35 -11.88 5.97
C ASP B 198 -3.00 -12.85 6.94
N LEU B 199 -2.97 -14.14 6.59
CA LEU B 199 -3.63 -15.17 7.38
C LEU B 199 -5.05 -14.73 7.72
N GLY B 200 -5.76 -14.20 6.72
CA GLY B 200 -7.12 -13.77 6.90
C GLY B 200 -8.05 -14.97 7.03
N HIS B 201 -7.55 -16.12 6.59
CA HIS B 201 -8.30 -17.37 6.68
C HIS B 201 -8.13 -18.00 8.06
N ILE B 202 -7.52 -17.26 8.97
CA ILE B 202 -7.33 -17.72 10.35
C ILE B 202 -7.87 -16.68 11.32
N TYR B 203 -7.56 -15.42 11.08
CA TYR B 203 -8.01 -14.33 11.93
C TYR B 203 -9.04 -13.47 11.21
N GLY B 204 -8.73 -13.11 9.97
CA GLY B 204 -9.57 -12.22 9.18
C GLY B 204 -10.96 -12.78 8.92
N ASP B 205 -11.65 -12.24 7.91
CA ASP B 205 -11.08 -11.20 7.04
C ASP B 205 -11.25 -9.80 7.61
N ASN B 206 -11.94 -9.68 8.74
CA ASN B 206 -12.14 -8.38 9.37
C ASN B 206 -11.88 -8.41 10.88
N LEU B 207 -11.92 -7.24 11.50
CA LEU B 207 -11.55 -7.10 12.90
C LEU B 207 -12.67 -7.52 13.84
N GLU B 208 -13.91 -7.15 13.50
CA GLU B 208 -15.06 -7.49 14.32
C GLU B 208 -15.15 -9.00 14.51
N ARG B 209 -14.83 -9.74 13.45
CA ARG B 209 -14.85 -11.20 13.48
C ARG B 209 -13.64 -11.73 14.25
N GLN B 210 -12.53 -11.02 14.16
CA GLN B 210 -11.30 -11.44 14.81
C GLN B 210 -11.45 -11.56 16.33
N TYR B 211 -12.06 -10.58 16.94
CA TYR B 211 -12.22 -10.61 18.36
C TYR B 211 -13.09 -11.76 18.78
N GLN B 212 -14.09 -12.07 17.99
CA GLN B 212 -15.03 -13.15 18.30
C GLN B 212 -14.29 -14.49 18.32
N LEU B 213 -13.17 -14.57 17.61
CA LEU B 213 -12.37 -15.78 17.52
C LEU B 213 -11.27 -15.83 18.57
N ARG B 214 -11.01 -14.68 19.21
CA ARG B 214 -9.93 -14.59 20.19
C ARG B 214 -10.42 -14.83 21.61
N LEU B 215 -9.57 -15.48 22.42
CA LEU B 215 -9.88 -15.74 23.81
C LEU B 215 -9.58 -14.51 24.67
N PHE B 216 -8.79 -13.60 24.12
CA PHE B 216 -8.44 -12.36 24.80
C PHE B 216 -7.61 -12.61 26.07
N LYS B 217 -6.95 -13.75 26.13
CA LYS B 217 -6.02 -14.04 27.22
C LYS B 217 -4.78 -14.74 26.69
N ASP B 218 -3.62 -14.19 27.01
CA ASP B 218 -2.35 -14.74 26.53
C ASP B 218 -2.26 -14.64 25.01
N GLY B 219 -3.03 -13.72 24.44
CA GLY B 219 -3.02 -13.51 22.99
C GLY B 219 -3.43 -14.75 22.22
N LYS B 220 -4.15 -15.65 22.87
CA LYS B 220 -4.57 -16.90 22.24
C LYS B 220 -5.91 -16.72 21.51
N LEU B 221 -6.34 -17.80 20.85
CA LEU B 221 -7.63 -17.84 20.19
C LEU B 221 -8.52 -18.85 20.90
N LYS B 222 -9.80 -18.51 21.03
CA LYS B 222 -10.77 -19.43 21.61
C LYS B 222 -10.62 -20.81 20.96
N TYR B 223 -11.02 -21.86 21.68
CA TYR B 223 -10.96 -23.21 21.15
C TYR B 223 -11.99 -24.13 21.80
N GLN B 224 -11.98 -25.40 21.39
CA GLN B 224 -12.94 -26.38 21.85
C GLN B 224 -12.24 -27.71 22.12
N MET B 225 -12.64 -28.39 23.19
CA MET B 225 -11.98 -29.63 23.60
C MET B 225 -12.83 -30.85 23.32
N LEU B 226 -12.51 -31.56 22.24
CA LEU B 226 -13.20 -32.80 21.89
C LEU B 226 -12.22 -33.98 21.91
N ASN B 227 -12.51 -34.96 22.76
CA ASN B 227 -11.65 -36.13 22.91
C ASN B 227 -10.25 -35.77 23.40
N GLY B 228 -10.18 -34.77 24.27
CA GLY B 228 -8.91 -34.33 24.84
C GLY B 228 -7.99 -33.71 23.82
N GLU B 229 -8.54 -33.37 22.65
CA GLU B 229 -7.77 -32.74 21.58
C GLU B 229 -8.22 -31.31 21.37
N VAL B 230 -7.42 -30.55 20.62
CA VAL B 230 -7.70 -29.14 20.39
C VAL B 230 -8.27 -28.89 19.00
N TYR B 231 -9.42 -28.24 18.94
CA TYR B 231 -10.04 -27.86 17.67
C TYR B 231 -10.57 -26.43 17.80
N PRO B 232 -11.07 -25.87 16.70
CA PRO B 232 -11.68 -24.53 16.77
C PRO B 232 -12.97 -24.55 17.60
N PRO B 233 -13.35 -23.39 18.17
CA PRO B 233 -14.55 -23.29 19.01
C PRO B 233 -15.83 -23.61 18.26
N SER B 234 -16.87 -24.00 18.97
CA SER B 234 -18.19 -24.15 18.38
C SER B 234 -18.76 -22.76 18.18
N VAL B 235 -19.61 -22.59 17.16
CA VAL B 235 -20.17 -21.28 16.85
C VAL B 235 -20.87 -20.68 18.06
N GLU B 236 -21.34 -21.55 18.96
CA GLU B 236 -21.98 -21.09 20.19
C GLU B 236 -20.98 -20.33 21.06
N GLU B 237 -19.82 -20.93 21.27
CA GLU B 237 -18.76 -20.31 22.06
C GLU B 237 -18.26 -19.03 21.38
N ALA B 238 -17.97 -19.13 20.08
CA ALA B 238 -17.49 -18.00 19.31
C ALA B 238 -18.40 -17.78 18.10
N PRO B 239 -19.44 -16.94 18.28
CA PRO B 239 -20.46 -16.70 17.24
C PRO B 239 -19.95 -15.86 16.06
N VAL B 240 -19.55 -16.53 14.99
CA VAL B 240 -19.17 -15.84 13.76
C VAL B 240 -19.89 -16.46 12.56
N LEU B 241 -20.01 -15.69 11.49
CA LEU B 241 -20.72 -16.15 10.31
C LEU B 241 -19.98 -17.28 9.61
N MET B 242 -20.69 -18.39 9.36
CA MET B 242 -20.12 -19.52 8.65
C MET B 242 -21.14 -20.04 7.64
N HIS B 243 -20.65 -20.62 6.55
CA HIS B 243 -21.52 -21.10 5.47
C HIS B 243 -21.78 -22.60 5.55
N TYR B 244 -21.96 -23.12 6.76
CA TYR B 244 -22.30 -24.52 6.92
C TYR B 244 -23.61 -24.83 6.22
N PRO B 245 -23.89 -26.09 5.92
CA PRO B 245 -25.10 -26.43 5.17
C PRO B 245 -26.24 -26.44 6.11
N ARG B 246 -27.34 -27.05 5.69
CA ARG B 246 -28.40 -27.24 6.67
C ARG B 246 -28.86 -25.91 7.27
N GLY B 247 -29.34 -25.87 8.52
CA GLY B 247 -29.46 -27.02 9.40
C GLY B 247 -28.23 -27.22 10.27
N ILE B 248 -28.14 -28.44 10.79
CA ILE B 248 -27.03 -28.87 11.64
C ILE B 248 -27.29 -28.38 13.05
N PRO B 249 -26.50 -28.90 13.97
CA PRO B 249 -26.40 -28.36 15.33
C PRO B 249 -25.25 -27.37 15.47
N PRO B 250 -25.46 -26.30 16.27
CA PRO B 250 -24.41 -25.28 16.48
C PRO B 250 -23.23 -25.82 17.29
N GLN B 251 -23.47 -26.83 18.11
CA GLN B 251 -22.45 -27.35 19.01
C GLN B 251 -21.34 -28.09 18.28
N SER B 252 -21.70 -28.61 17.10
CA SER B 252 -20.84 -29.43 16.25
C SER B 252 -20.20 -28.70 15.06
N GLN B 253 -20.39 -27.39 14.98
CA GLN B 253 -19.86 -26.61 13.88
C GLN B 253 -18.78 -25.65 14.37
N MET B 254 -17.55 -25.91 13.95
CA MET B 254 -16.40 -25.10 14.36
C MET B 254 -16.34 -23.78 13.61
N ALA B 255 -15.75 -22.78 14.25
CA ALA B 255 -15.67 -21.44 13.68
C ALA B 255 -14.22 -21.04 13.44
N VAL B 256 -13.96 -20.46 12.27
CA VAL B 256 -12.62 -20.03 11.91
C VAL B 256 -12.66 -18.66 11.25
N GLY B 257 -11.53 -18.23 10.69
CA GLY B 257 -11.45 -16.93 10.03
C GLY B 257 -12.07 -16.95 8.65
N GLN B 258 -11.69 -17.93 7.84
CA GLN B 258 -12.21 -18.08 6.49
C GLN B 258 -13.44 -18.98 6.48
N GLU B 259 -14.56 -18.48 6.00
CA GLU B 259 -15.77 -19.27 5.92
C GLU B 259 -15.72 -20.22 4.75
N VAL B 260 -16.75 -21.01 4.60
CA VAL B 260 -16.73 -22.14 3.67
C VAL B 260 -15.53 -23.07 3.93
N PHE B 261 -15.05 -23.09 5.17
CA PHE B 261 -13.98 -23.98 5.56
C PHE B 261 -14.56 -25.20 6.28
N GLY B 262 -15.81 -25.09 6.72
CA GLY B 262 -16.49 -26.19 7.36
C GLY B 262 -17.09 -27.14 6.34
N LEU B 263 -17.03 -26.77 5.07
CA LEU B 263 -17.57 -27.58 3.99
C LEU B 263 -16.54 -28.60 3.51
N LEU B 264 -15.44 -28.71 4.23
CA LEU B 264 -14.38 -29.66 3.90
C LEU B 264 -13.51 -29.94 5.12
N PRO B 265 -13.47 -31.21 5.57
CA PRO B 265 -12.62 -31.60 6.70
C PRO B 265 -11.14 -31.29 6.45
N GLY B 266 -10.78 -31.14 5.18
CA GLY B 266 -9.41 -30.82 4.82
C GLY B 266 -9.04 -29.39 5.16
N LEU B 267 -9.95 -28.46 4.92
CA LEU B 267 -9.72 -27.05 5.23
C LEU B 267 -9.84 -26.80 6.73
N MET B 268 -10.65 -27.61 7.39
CA MET B 268 -10.83 -27.49 8.84
C MET B 268 -9.68 -28.19 9.56
N LEU B 269 -8.96 -29.05 8.83
CA LEU B 269 -7.79 -29.73 9.38
C LEU B 269 -6.64 -28.75 9.52
N TYR B 270 -6.46 -27.90 8.51
CA TYR B 270 -5.42 -26.88 8.53
C TYR B 270 -5.84 -25.71 9.41
N ALA B 271 -7.14 -25.52 9.59
CA ALA B 271 -7.66 -24.50 10.49
C ALA B 271 -7.35 -24.90 11.92
N THR B 272 -7.28 -26.21 12.16
CA THR B 272 -6.96 -26.73 13.48
C THR B 272 -5.46 -26.73 13.71
N ILE B 273 -4.70 -27.00 12.65
CA ILE B 273 -3.24 -27.04 12.74
C ILE B 273 -2.68 -25.66 13.07
N TRP B 274 -3.06 -24.67 12.28
CA TRP B 274 -2.59 -23.30 12.49
C TRP B 274 -3.15 -22.72 13.79
N LEU B 275 -4.27 -23.26 14.24
CA LEU B 275 -4.88 -22.81 15.50
C LEU B 275 -4.01 -23.23 16.69
N ARG B 276 -3.62 -24.50 16.71
CA ARG B 276 -2.75 -25.01 17.76
C ARG B 276 -1.38 -24.36 17.65
N GLU B 277 -1.03 -23.92 16.45
CA GLU B 277 0.27 -23.30 16.20
C GLU B 277 0.31 -21.88 16.76
N HIS B 278 -0.84 -21.21 16.75
CA HIS B 278 -0.93 -19.86 17.27
C HIS B 278 -0.86 -19.86 18.79
N ASN B 279 -1.64 -20.75 19.41
CA ASN B 279 -1.68 -20.84 20.86
C ASN B 279 -0.36 -21.35 21.43
N ARG B 280 0.32 -22.22 20.67
CA ARG B 280 1.62 -22.73 21.10
C ARG B 280 2.66 -21.62 21.08
N VAL B 281 2.57 -20.76 20.06
CA VAL B 281 3.48 -19.62 19.95
C VAL B 281 3.22 -18.63 21.09
N CYS B 282 1.97 -18.56 21.53
CA CYS B 282 1.61 -17.67 22.63
C CYS B 282 2.19 -18.17 23.95
N ASP B 283 2.41 -19.48 24.05
CA ASP B 283 3.01 -20.06 25.24
C ASP B 283 4.51 -19.79 25.26
N LEU B 284 5.10 -19.69 24.07
CA LEU B 284 6.53 -19.40 23.96
C LEU B 284 6.79 -17.92 24.19
N LEU B 285 5.82 -17.08 23.84
CA LEU B 285 5.97 -15.64 23.97
C LEU B 285 5.61 -15.17 25.38
N LYS B 286 4.76 -15.92 26.05
CA LYS B 286 4.32 -15.56 27.41
C LYS B 286 5.45 -15.82 28.40
N ALA B 287 6.16 -16.93 28.20
CA ALA B 287 7.29 -17.28 29.07
C ALA B 287 8.41 -16.27 28.91
N GLU B 288 8.64 -15.84 27.67
CA GLU B 288 9.71 -14.90 27.37
C GLU B 288 9.37 -13.49 27.85
N HIS B 289 8.07 -13.18 27.87
CA HIS B 289 7.61 -11.86 28.27
C HIS B 289 6.39 -11.96 29.18
N PRO B 290 6.63 -12.17 30.49
CA PRO B 290 5.54 -12.23 31.47
C PRO B 290 4.81 -10.89 31.59
N THR B 291 5.50 -9.80 31.26
CA THR B 291 4.92 -8.47 31.36
C THR B 291 3.99 -8.16 30.19
N TRP B 292 4.26 -8.79 29.04
CA TRP B 292 3.45 -8.58 27.85
C TRP B 292 1.97 -8.85 28.12
N GLY B 293 1.10 -8.13 27.42
CA GLY B 293 -0.33 -8.26 27.59
C GLY B 293 -0.96 -9.15 26.55
N ASP B 294 -2.30 -9.15 26.51
CA ASP B 294 -3.04 -9.96 25.57
C ASP B 294 -2.84 -9.50 24.13
N GLU B 295 -2.97 -8.19 23.91
CA GLU B 295 -2.91 -7.63 22.56
C GLU B 295 -1.57 -7.88 21.89
N GLN B 296 -0.48 -7.71 22.63
CA GLN B 296 0.85 -7.84 22.07
C GLN B 296 1.24 -9.30 21.85
N LEU B 297 0.73 -10.19 22.70
CA LEU B 297 1.01 -11.61 22.58
C LEU B 297 0.32 -12.20 21.36
N PHE B 298 -0.83 -11.63 21.00
CA PHE B 298 -1.60 -12.11 19.87
C PHE B 298 -1.07 -11.58 18.55
N GLN B 299 -0.95 -10.26 18.46
CA GLN B 299 -0.55 -9.61 17.22
C GLN B 299 0.89 -9.96 16.85
N THR B 300 1.67 -10.37 17.84
CA THR B 300 3.05 -10.80 17.61
C THR B 300 3.06 -12.23 17.10
N ALA B 301 2.27 -13.09 17.73
CA ALA B 301 2.16 -14.48 17.32
C ALA B 301 1.61 -14.57 15.90
N ARG B 302 0.89 -13.53 15.48
CA ARG B 302 0.29 -13.49 14.15
C ARG B 302 1.37 -13.26 13.10
N LEU B 303 2.36 -12.44 13.43
CA LEU B 303 3.47 -12.17 12.53
C LEU B 303 4.39 -13.38 12.45
N ILE B 304 4.43 -14.17 13.52
CA ILE B 304 5.26 -15.36 13.56
C ILE B 304 4.68 -16.46 12.69
N LEU B 305 3.37 -16.54 12.63
CA LEU B 305 2.70 -17.52 11.76
C LEU B 305 2.80 -17.10 10.30
N ILE B 306 2.67 -15.80 10.04
CA ILE B 306 2.79 -15.28 8.68
C ILE B 306 4.18 -15.56 8.12
N GLY B 307 5.17 -15.56 9.00
CA GLY B 307 6.54 -15.85 8.61
C GLY B 307 6.75 -17.32 8.33
N GLU B 308 6.15 -18.17 9.16
CA GLU B 308 6.25 -19.62 8.99
C GLU B 308 5.54 -20.06 7.71
N THR B 309 4.52 -19.31 7.31
CA THR B 309 3.76 -19.65 6.13
C THR B 309 4.60 -19.49 4.87
N ILE B 310 5.21 -18.32 4.71
CA ILE B 310 6.03 -18.03 3.54
C ILE B 310 7.27 -18.92 3.52
N LYS B 311 7.75 -19.31 4.70
CA LYS B 311 8.92 -20.17 4.81
C LYS B 311 8.62 -21.56 4.27
N ILE B 312 7.42 -22.04 4.55
CA ILE B 312 6.99 -23.37 4.09
C ILE B 312 6.49 -23.32 2.66
N VAL B 313 6.07 -22.13 2.22
CA VAL B 313 5.50 -21.97 0.89
C VAL B 313 6.60 -21.90 -0.17
N ILE B 314 7.79 -21.49 0.23
CA ILE B 314 8.90 -21.34 -0.71
C ILE B 314 9.84 -22.54 -0.70
N GLU B 315 10.29 -22.89 0.48
CA GLU B 315 11.21 -23.96 0.62
C GLU B 315 10.59 -25.32 0.59
N GLU B 316 9.27 -25.37 0.69
CA GLU B 316 8.59 -26.64 0.59
C GLU B 316 7.49 -26.71 -0.43
N TYR B 317 6.58 -25.78 -0.40
CA TYR B 317 5.44 -25.85 -1.28
C TYR B 317 5.79 -25.72 -2.74
N VAL B 318 6.61 -24.75 -3.04
CA VAL B 318 7.00 -24.53 -4.41
C VAL B 318 8.11 -25.49 -4.82
N GLN B 319 8.67 -26.16 -3.85
CA GLN B 319 9.74 -27.08 -4.15
C GLN B 319 9.17 -28.38 -4.63
N GLN B 320 8.02 -28.75 -4.15
CA GLN B 320 7.34 -29.94 -4.64
C GLN B 320 6.67 -29.64 -5.98
N LEU B 321 6.09 -28.47 -6.11
CA LEU B 321 5.43 -28.11 -7.33
C LEU B 321 6.41 -27.92 -8.46
N SER B 322 7.43 -27.19 -8.13
CA SER B 322 8.51 -26.83 -9.02
C SER B 322 9.30 -28.01 -9.54
N GLY B 323 9.62 -28.93 -8.65
CA GLY B 323 10.33 -30.14 -9.01
C GLY B 323 11.76 -29.85 -9.37
N TYR B 324 12.20 -28.62 -9.13
CA TYR B 324 13.55 -28.23 -9.47
C TYR B 324 14.56 -28.83 -8.55
N PHE B 325 15.80 -28.85 -9.02
CA PHE B 325 16.92 -29.31 -8.22
C PHE B 325 17.52 -28.14 -7.45
N LEU B 326 17.09 -26.93 -7.80
CA LEU B 326 17.52 -25.73 -7.10
C LEU B 326 16.69 -25.55 -5.83
N GLN B 327 17.33 -25.63 -4.68
CA GLN B 327 16.64 -25.44 -3.41
C GLN B 327 16.14 -24.01 -3.27
N LEU B 328 14.83 -23.83 -3.43
CA LEU B 328 14.20 -22.54 -3.21
C LEU B 328 14.44 -22.10 -1.78
N LYS B 329 14.77 -20.83 -1.60
CA LYS B 329 15.11 -20.31 -0.28
C LYS B 329 14.35 -19.03 0.04
N PHE B 330 13.63 -19.03 1.16
CA PHE B 330 12.92 -17.85 1.61
C PHE B 330 13.83 -16.96 2.45
N ASP B 331 14.43 -15.97 1.80
CA ASP B 331 15.29 -15.01 2.50
C ASP B 331 15.00 -13.61 1.97
N PRO B 332 14.27 -12.81 2.76
CA PRO B 332 13.90 -11.45 2.36
C PRO B 332 15.10 -10.57 2.04
N GLU B 333 16.27 -10.92 2.58
CA GLU B 333 17.47 -10.11 2.42
C GLU B 333 18.05 -10.19 1.01
N LEU B 334 17.49 -11.04 0.17
CA LEU B 334 17.95 -11.19 -1.20
C LEU B 334 17.58 -9.97 -2.03
N LEU B 335 16.43 -9.38 -1.72
CA LEU B 335 15.96 -8.20 -2.45
C LEU B 335 16.21 -6.92 -1.66
N PHE B 336 17.07 -7.01 -0.65
CA PHE B 336 17.46 -5.85 0.14
C PHE B 336 18.40 -4.95 -0.67
N GLY B 337 19.02 -5.53 -1.68
CA GLY B 337 19.87 -4.78 -2.59
C GLY B 337 19.23 -4.71 -3.96
N ALA B 338 17.90 -4.80 -4.00
CA ALA B 338 17.16 -4.78 -5.25
C ALA B 338 16.06 -3.73 -5.20
N GLN B 339 15.65 -3.24 -6.37
CA GLN B 339 14.59 -2.25 -6.46
C GLN B 339 13.24 -2.95 -6.45
N PHE B 340 12.74 -3.25 -5.25
CA PHE B 340 11.54 -4.06 -5.10
C PHE B 340 10.49 -3.35 -4.24
N GLN B 341 9.23 -3.48 -4.64
CA GLN B 341 8.13 -2.90 -3.90
C GLN B 341 7.52 -3.93 -3.01
N TYR B 342 7.37 -3.61 -1.74
CA TYR B 342 6.78 -4.52 -0.78
C TYR B 342 5.27 -4.30 -0.70
N ARG B 343 4.63 -4.35 -1.87
CA ARG B 343 3.18 -4.21 -1.98
C ARG B 343 2.66 -5.31 -2.89
N ASN B 344 1.38 -5.66 -2.73
CA ASN B 344 0.80 -6.72 -3.56
C ASN B 344 -0.69 -6.51 -3.79
N ARG B 345 -1.14 -6.84 -5.00
CA ARG B 345 -2.56 -6.75 -5.34
C ARG B 345 -2.98 -7.98 -6.14
N ILE B 346 -3.90 -8.76 -5.58
CA ILE B 346 -4.36 -9.98 -6.21
C ILE B 346 -4.99 -9.72 -7.58
N ALA B 347 -4.46 -10.37 -8.61
CA ALA B 347 -4.98 -10.22 -9.96
C ALA B 347 -6.17 -11.14 -10.17
N MET B 348 -6.93 -10.88 -11.24
CA MET B 348 -8.10 -11.69 -11.56
C MET B 348 -7.72 -12.90 -12.41
N GLU B 349 -6.53 -12.86 -12.99
CA GLU B 349 -6.00 -13.99 -13.75
C GLU B 349 -5.22 -14.92 -12.83
N PHE B 350 -4.82 -14.43 -11.67
CA PHE B 350 -4.19 -15.26 -10.66
C PHE B 350 -5.26 -16.07 -9.97
N ASN B 351 -6.39 -15.41 -9.68
CA ASN B 351 -7.57 -16.09 -9.17
C ASN B 351 -8.11 -17.08 -10.20
N GLN B 352 -7.97 -16.72 -11.47
CA GLN B 352 -8.51 -17.52 -12.56
C GLN B 352 -7.78 -18.85 -12.71
N LEU B 353 -6.45 -18.79 -12.80
CA LEU B 353 -5.65 -19.97 -13.10
C LEU B 353 -5.43 -20.85 -11.88
N TYR B 354 -5.65 -20.30 -10.69
CA TYR B 354 -5.37 -21.03 -9.45
C TYR B 354 -6.50 -22.02 -9.13
N HIS B 355 -7.47 -22.12 -10.03
CA HIS B 355 -8.54 -23.10 -9.88
C HIS B 355 -8.03 -24.50 -10.23
N TRP B 356 -7.29 -25.11 -9.30
CA TRP B 356 -6.73 -26.43 -9.55
C TRP B 356 -7.64 -27.52 -8.97
N HIS B 357 -8.79 -27.69 -9.58
CA HIS B 357 -9.73 -28.73 -9.18
C HIS B 357 -9.31 -30.11 -9.68
N PRO B 358 -8.46 -30.16 -10.72
CA PRO B 358 -7.93 -31.45 -11.16
C PRO B 358 -7.16 -32.18 -10.07
N LEU B 359 -6.73 -31.45 -9.04
CA LEU B 359 -5.99 -32.04 -7.93
C LEU B 359 -6.84 -33.02 -7.13
N MET B 360 -8.16 -32.79 -7.12
CA MET B 360 -9.07 -33.64 -6.36
C MET B 360 -9.23 -35.02 -7.02
N PRO B 361 -9.15 -36.08 -6.21
CA PRO B 361 -9.20 -37.46 -6.72
C PRO B 361 -10.61 -37.91 -7.09
N ASP B 362 -10.77 -39.22 -7.31
CA ASP B 362 -12.08 -39.81 -7.53
C ASP B 362 -12.78 -40.01 -6.19
N SER B 363 -11.99 -40.34 -5.17
CA SER B 363 -12.51 -40.54 -3.83
C SER B 363 -11.48 -40.07 -2.80
N PHE B 364 -11.60 -40.56 -1.57
CA PHE B 364 -10.69 -40.17 -0.50
C PHE B 364 -10.40 -41.35 0.43
N ARG B 365 -9.23 -41.95 0.28
CA ARG B 365 -8.84 -43.09 1.09
C ARG B 365 -8.37 -42.66 2.47
N VAL B 366 -8.73 -43.44 3.48
CA VAL B 366 -8.35 -43.16 4.86
C VAL B 366 -8.01 -44.47 5.56
N GLY B 367 -6.84 -45.02 5.26
CA GLY B 367 -6.41 -46.27 5.84
C GLY B 367 -7.17 -47.44 5.25
N PRO B 368 -8.06 -48.06 6.05
CA PRO B 368 -8.91 -49.15 5.55
C PRO B 368 -10.17 -48.65 4.85
N GLN B 369 -10.80 -47.63 5.41
CA GLN B 369 -12.08 -47.15 4.90
C GLN B 369 -11.91 -46.23 3.70
N ASP B 370 -12.94 -46.15 2.86
CA ASP B 370 -12.92 -45.30 1.68
C ASP B 370 -14.21 -44.51 1.57
N TYR B 371 -14.10 -43.18 1.59
CA TYR B 371 -15.26 -42.30 1.50
C TYR B 371 -15.33 -41.66 0.12
N SER B 372 -16.56 -41.48 -0.38
CA SER B 372 -16.77 -40.86 -1.68
C SER B 372 -17.03 -39.36 -1.51
N TYR B 373 -17.35 -38.69 -2.62
CA TYR B 373 -17.63 -37.26 -2.59
C TYR B 373 -18.86 -36.97 -1.74
N GLU B 374 -19.82 -37.89 -1.72
CA GLU B 374 -21.05 -37.69 -0.97
C GLU B 374 -20.81 -37.88 0.52
N GLN B 375 -19.87 -38.75 0.88
CA GLN B 375 -19.58 -39.04 2.27
C GLN B 375 -18.54 -38.10 2.86
N PHE B 376 -17.84 -37.36 2.00
CA PHE B 376 -16.72 -36.54 2.43
C PHE B 376 -17.06 -35.05 2.51
N LEU B 377 -17.97 -34.59 1.65
CA LEU B 377 -18.32 -33.18 1.59
C LEU B 377 -19.28 -32.80 2.72
N PHE B 378 -19.11 -31.58 3.24
CA PHE B 378 -19.96 -31.07 4.30
C PHE B 378 -19.91 -32.00 5.52
N ASN B 379 -18.76 -32.62 5.74
CA ASN B 379 -18.59 -33.55 6.84
C ASN B 379 -18.30 -32.81 8.14
N THR B 380 -19.08 -33.09 9.17
CA THR B 380 -18.97 -32.36 10.43
C THR B 380 -18.28 -33.17 11.53
N SER B 381 -18.45 -34.48 11.51
CA SER B 381 -17.92 -35.33 12.57
C SER B 381 -16.62 -36.02 12.16
N MET B 382 -16.38 -36.13 10.86
CA MET B 382 -15.20 -36.83 10.36
C MET B 382 -13.90 -36.30 10.96
N LEU B 383 -13.81 -34.98 11.09
CA LEU B 383 -12.59 -34.35 11.59
C LEU B 383 -12.24 -34.84 12.98
N VAL B 384 -13.21 -34.84 13.88
CA VAL B 384 -13.00 -35.23 15.27
C VAL B 384 -13.05 -36.74 15.47
N ASP B 385 -13.47 -37.46 14.44
CA ASP B 385 -13.61 -38.91 14.52
C ASP B 385 -12.28 -39.61 14.25
N TYR B 386 -11.43 -38.98 13.46
CA TYR B 386 -10.13 -39.55 13.11
C TYR B 386 -8.99 -38.84 13.83
N GLY B 387 -9.20 -37.56 14.17
CA GLY B 387 -8.17 -36.77 14.80
C GLY B 387 -7.30 -36.07 13.78
N VAL B 388 -6.23 -35.44 14.24
CA VAL B 388 -5.33 -34.70 13.36
C VAL B 388 -4.21 -35.57 12.82
N GLU B 389 -3.52 -36.28 13.72
CA GLU B 389 -2.36 -37.07 13.33
C GLU B 389 -2.75 -38.22 12.40
N ALA B 390 -3.91 -38.82 12.64
CA ALA B 390 -4.36 -39.97 11.85
C ALA B 390 -4.83 -39.54 10.46
N LEU B 391 -5.24 -38.28 10.33
CA LEU B 391 -5.73 -37.78 9.06
C LEU B 391 -4.61 -37.26 8.16
N VAL B 392 -3.67 -36.53 8.75
CA VAL B 392 -2.53 -36.02 8.00
C VAL B 392 -1.76 -37.18 7.37
N ASP B 393 -1.83 -38.34 8.02
CA ASP B 393 -1.16 -39.53 7.54
C ASP B 393 -1.83 -40.07 6.28
N ALA B 394 -3.14 -39.87 6.18
CA ALA B 394 -3.90 -40.37 5.04
C ALA B 394 -3.69 -39.53 3.79
N PHE B 395 -3.75 -38.20 3.94
CA PHE B 395 -3.60 -37.30 2.81
C PHE B 395 -2.22 -37.41 2.19
N SER B 396 -1.21 -37.62 3.05
CA SER B 396 0.17 -37.69 2.61
C SER B 396 0.48 -39.01 1.89
N ARG B 397 -0.39 -39.99 2.07
CA ARG B 397 -0.21 -41.30 1.45
C ARG B 397 -1.06 -41.47 0.19
N GLN B 398 -1.82 -40.44 -0.16
CA GLN B 398 -2.67 -40.49 -1.34
C GLN B 398 -2.25 -39.46 -2.38
N PRO B 399 -2.03 -39.89 -3.63
CA PRO B 399 -1.63 -38.97 -4.70
C PRO B 399 -2.79 -38.08 -5.14
N ALA B 400 -2.46 -36.91 -5.68
CA ALA B 400 -3.46 -35.99 -6.22
C ALA B 400 -3.53 -36.14 -7.72
N GLY B 401 -4.22 -35.22 -8.38
CA GLY B 401 -4.43 -35.28 -9.82
C GLY B 401 -3.66 -34.23 -10.59
N ARG B 402 -3.08 -34.66 -11.71
CA ARG B 402 -2.36 -33.77 -12.61
C ARG B 402 -3.24 -32.60 -13.02
N ILE B 403 -2.67 -31.40 -13.03
CA ILE B 403 -3.44 -30.19 -13.29
C ILE B 403 -3.49 -29.83 -14.77
N GLY B 404 -2.38 -30.02 -15.47
CA GLY B 404 -2.26 -29.59 -16.85
C GLY B 404 -2.48 -30.70 -17.85
N GLY B 405 -2.69 -30.31 -19.11
CA GLY B 405 -2.89 -31.26 -20.18
C GLY B 405 -4.34 -31.66 -20.35
N GLY B 406 -5.01 -31.97 -19.24
CA GLY B 406 -6.37 -32.46 -19.29
C GLY B 406 -6.41 -33.79 -20.02
N ARG B 407 -7.56 -34.49 -19.95
CA ARG B 407 -8.74 -34.02 -19.24
C ARG B 407 -8.84 -34.72 -17.90
N ASN B 408 -8.70 -33.96 -16.81
CA ASN B 408 -8.61 -34.56 -15.48
C ASN B 408 -9.32 -33.74 -14.42
N ILE B 409 -10.64 -33.58 -14.56
CA ILE B 409 -11.44 -32.90 -13.54
C ILE B 409 -12.67 -33.75 -13.21
N ASP B 410 -12.76 -34.20 -11.96
CA ASP B 410 -13.87 -35.04 -11.53
C ASP B 410 -15.19 -34.41 -11.91
N HIS B 411 -16.19 -35.25 -12.16
CA HIS B 411 -17.51 -34.78 -12.60
C HIS B 411 -18.25 -34.03 -11.50
N HIS B 412 -17.76 -34.11 -10.28
CA HIS B 412 -18.40 -33.44 -9.15
C HIS B 412 -18.04 -31.96 -9.09
N ILE B 413 -16.77 -31.65 -9.37
CA ILE B 413 -16.29 -30.27 -9.25
C ILE B 413 -16.17 -29.61 -10.62
N LEU B 414 -16.80 -30.20 -11.64
CA LEU B 414 -16.73 -29.67 -12.99
C LEU B 414 -17.61 -28.44 -13.14
N HIS B 415 -18.58 -28.29 -12.24
CA HIS B 415 -19.49 -27.15 -12.29
C HIS B 415 -18.76 -25.86 -11.90
N VAL B 416 -17.59 -26.01 -11.28
CA VAL B 416 -16.76 -24.86 -10.94
C VAL B 416 -15.92 -24.45 -12.14
N ALA B 417 -15.48 -25.46 -12.90
CA ALA B 417 -14.68 -25.22 -14.09
C ALA B 417 -15.48 -24.44 -15.13
N VAL B 418 -16.80 -24.62 -15.12
CA VAL B 418 -17.67 -23.92 -16.04
C VAL B 418 -18.03 -22.53 -15.50
N ASP B 419 -18.00 -22.39 -14.18
CA ASP B 419 -18.26 -21.10 -13.55
C ASP B 419 -17.00 -20.25 -13.51
N VAL B 420 -15.89 -20.82 -13.96
CA VAL B 420 -14.63 -20.09 -14.07
C VAL B 420 -14.48 -19.52 -15.47
N ILE B 421 -14.86 -20.31 -16.47
CA ILE B 421 -14.83 -19.86 -17.86
C ILE B 421 -15.97 -18.87 -18.09
N LYS B 422 -17.06 -19.05 -17.35
CA LYS B 422 -18.20 -18.15 -17.43
C LYS B 422 -17.82 -16.81 -16.82
N GLU B 423 -17.05 -16.84 -15.74
CA GLU B 423 -16.58 -15.63 -15.09
C GLU B 423 -15.51 -14.96 -15.93
N SER B 424 -14.87 -15.73 -16.80
CA SER B 424 -13.84 -15.21 -17.69
C SER B 424 -14.45 -14.24 -18.70
N ARG B 425 -15.61 -14.61 -19.23
CA ARG B 425 -16.30 -13.80 -20.22
C ARG B 425 -16.98 -12.59 -19.59
N VAL B 426 -17.32 -12.71 -18.31
CA VAL B 426 -17.92 -11.59 -17.57
C VAL B 426 -16.87 -10.51 -17.35
N LEU B 427 -15.64 -10.94 -17.05
CA LEU B 427 -14.54 -10.01 -16.83
C LEU B 427 -13.96 -9.54 -18.16
N ARG B 428 -14.29 -10.27 -19.23
CA ARG B 428 -13.78 -9.96 -20.56
C ARG B 428 -12.25 -10.05 -20.62
N LEU B 429 -11.71 -11.17 -20.18
CA LEU B 429 -10.28 -11.42 -20.27
C LEU B 429 -9.84 -11.46 -21.73
N GLN B 430 -8.56 -11.16 -21.96
CA GLN B 430 -8.00 -11.23 -23.31
C GLN B 430 -7.70 -12.68 -23.69
N PRO B 431 -7.40 -12.91 -24.97
CA PRO B 431 -7.09 -14.25 -25.48
C PRO B 431 -5.93 -14.90 -24.73
N PHE B 432 -5.54 -16.10 -25.17
CA PHE B 432 -4.51 -16.88 -24.50
C PHE B 432 -3.11 -16.44 -24.94
N ASN B 433 -2.99 -16.16 -26.24
CA ASN B 433 -1.70 -15.76 -26.80
C ASN B 433 -1.30 -14.35 -26.38
N GLU B 434 -2.29 -13.51 -26.09
CA GLU B 434 -2.02 -12.15 -25.68
C GLU B 434 -1.37 -12.12 -24.29
N TYR B 435 -1.79 -13.03 -23.43
CA TYR B 435 -1.20 -13.14 -22.10
C TYR B 435 0.16 -13.83 -22.19
N ARG B 436 0.34 -14.68 -23.20
CA ARG B 436 1.63 -15.31 -23.43
C ARG B 436 2.67 -14.24 -23.78
N LYS B 437 2.25 -13.26 -24.58
CA LYS B 437 3.12 -12.15 -24.94
C LYS B 437 3.49 -11.33 -23.72
N ARG B 438 2.60 -11.28 -22.75
CA ARG B 438 2.80 -10.43 -21.61
C ARG B 438 3.79 -11.02 -20.66
N PHE B 439 3.83 -12.33 -20.59
CA PHE B 439 4.73 -13.02 -19.66
C PHE B 439 5.93 -13.61 -20.37
N GLY B 440 6.46 -12.90 -21.36
CA GLY B 440 7.66 -13.31 -22.06
C GLY B 440 7.55 -14.68 -22.69
N MET B 441 6.60 -14.84 -23.61
CA MET B 441 6.41 -16.09 -24.32
C MET B 441 5.88 -15.85 -25.72
N LYS B 442 6.34 -16.66 -26.68
CA LYS B 442 5.93 -16.51 -28.07
C LYS B 442 4.57 -17.16 -28.31
N PRO B 443 3.63 -16.40 -28.90
CA PRO B 443 2.28 -16.90 -29.17
C PRO B 443 2.26 -18.21 -29.95
N TYR B 444 1.28 -19.06 -29.69
CA TYR B 444 1.11 -20.29 -30.44
C TYR B 444 0.53 -19.98 -31.83
N THR B 445 1.07 -20.62 -32.86
CA THR B 445 0.63 -20.37 -34.22
C THR B 445 -0.54 -21.28 -34.59
N SER B 446 -0.65 -22.41 -33.91
CA SER B 446 -1.72 -23.36 -34.17
C SER B 446 -2.19 -24.05 -32.88
N PHE B 447 -3.38 -24.64 -32.94
CA PHE B 447 -3.91 -25.38 -31.80
C PHE B 447 -3.14 -26.67 -31.57
N GLN B 448 -2.52 -27.19 -32.63
CA GLN B 448 -1.73 -28.40 -32.54
C GLN B 448 -0.42 -28.14 -31.80
N GLU B 449 0.00 -26.88 -31.79
CA GLU B 449 1.23 -26.50 -31.10
C GLU B 449 0.97 -26.37 -29.60
N LEU B 450 -0.30 -26.21 -29.24
CA LEU B 450 -0.68 -26.05 -27.84
C LEU B 450 -0.78 -27.39 -27.14
N THR B 451 -1.60 -28.29 -27.70
CA THR B 451 -1.86 -29.59 -27.07
C THR B 451 -0.73 -30.58 -27.32
N GLY B 452 -0.10 -30.48 -28.48
CA GLY B 452 0.99 -31.38 -28.83
C GLY B 452 0.50 -32.66 -29.50
N GLU B 453 -0.79 -32.67 -29.86
CA GLU B 453 -1.38 -33.81 -30.55
C GLU B 453 -2.53 -33.35 -31.45
N LYS B 454 -2.91 -34.20 -32.40
CA LYS B 454 -3.84 -33.82 -33.44
C LYS B 454 -5.31 -33.94 -33.04
N GLU B 455 -5.64 -34.83 -32.12
CA GLU B 455 -7.04 -35.08 -31.82
C GLU B 455 -7.87 -33.99 -31.16
N MET B 456 -7.47 -33.47 -30.01
CA MET B 456 -8.13 -32.30 -29.43
C MET B 456 -7.86 -31.04 -30.22
N ALA B 457 -6.64 -30.92 -30.74
CA ALA B 457 -6.24 -29.73 -31.50
C ALA B 457 -7.23 -29.45 -32.63
N ALA B 458 -7.68 -30.50 -33.30
CA ALA B 458 -8.63 -30.35 -34.40
C ALA B 458 -10.03 -30.05 -33.87
N GLU B 459 -10.36 -30.63 -32.73
CA GLU B 459 -11.65 -30.41 -32.08
C GLU B 459 -11.76 -29.00 -31.53
N LEU B 460 -10.64 -28.28 -31.51
CA LEU B 460 -10.62 -26.90 -31.03
C LEU B 460 -10.60 -25.92 -32.18
N GLU B 461 -9.98 -26.31 -33.28
CA GLU B 461 -9.94 -25.49 -34.48
C GLU B 461 -11.35 -25.23 -34.98
N GLU B 462 -12.25 -26.14 -34.68
CA GLU B 462 -13.65 -26.04 -35.09
C GLU B 462 -14.42 -25.06 -34.20
N LEU B 463 -14.13 -25.11 -32.90
CA LEU B 463 -14.86 -24.31 -31.93
C LEU B 463 -14.43 -22.85 -31.92
N TYR B 464 -13.18 -22.60 -31.54
CA TYR B 464 -12.67 -21.23 -31.44
C TYR B 464 -12.38 -20.62 -32.81
N GLY B 465 -11.88 -21.44 -33.73
CA GLY B 465 -11.57 -20.97 -35.07
C GLY B 465 -10.12 -20.54 -35.22
N ASP B 466 -9.72 -19.56 -34.44
CA ASP B 466 -8.35 -19.05 -34.49
C ASP B 466 -7.62 -19.32 -33.18
N ILE B 467 -6.30 -19.42 -33.25
CA ILE B 467 -5.48 -19.68 -32.06
C ILE B 467 -5.35 -18.41 -31.21
N ASP B 468 -5.41 -17.26 -31.86
CA ASP B 468 -5.30 -15.98 -31.16
C ASP B 468 -6.60 -15.62 -30.44
N ALA B 469 -7.60 -16.50 -30.54
CA ALA B 469 -8.89 -16.26 -29.93
C ALA B 469 -9.17 -17.26 -28.81
N LEU B 470 -8.23 -18.18 -28.59
CA LEU B 470 -8.36 -19.16 -27.52
C LEU B 470 -8.53 -18.46 -26.17
N GLU B 471 -9.38 -18.99 -25.31
CA GLU B 471 -9.62 -18.38 -24.01
C GLU B 471 -8.42 -18.54 -23.13
N PHE B 472 -8.41 -17.80 -22.03
CA PHE B 472 -7.29 -17.83 -21.10
C PHE B 472 -7.27 -19.11 -20.28
N TYR B 473 -8.33 -19.35 -19.51
CA TYR B 473 -8.38 -20.48 -18.59
C TYR B 473 -8.25 -21.82 -19.34
N PRO B 474 -9.03 -22.02 -20.41
CA PRO B 474 -8.94 -23.28 -21.15
C PRO B 474 -7.56 -23.49 -21.77
N GLY B 475 -6.85 -22.41 -22.06
CA GLY B 475 -5.54 -22.50 -22.68
C GLY B 475 -4.51 -23.11 -21.76
N LEU B 476 -4.61 -22.83 -20.46
CA LEU B 476 -3.65 -23.33 -19.49
C LEU B 476 -3.83 -24.83 -19.25
N LEU B 477 -5.08 -25.28 -19.19
CA LEU B 477 -5.38 -26.66 -18.83
C LEU B 477 -5.22 -27.63 -20.00
N LEU B 478 -5.39 -27.13 -21.22
CA LEU B 478 -5.33 -27.97 -22.41
C LEU B 478 -3.91 -28.01 -22.99
N GLU B 479 -3.02 -27.19 -22.45
CA GLU B 479 -1.64 -27.15 -22.90
C GLU B 479 -0.87 -28.37 -22.39
N LYS B 480 -0.11 -29.01 -23.28
CA LYS B 480 0.70 -30.16 -22.89
C LYS B 480 1.77 -29.77 -21.89
N CYS B 481 2.33 -30.77 -21.22
CA CYS B 481 3.32 -30.52 -20.17
C CYS B 481 4.63 -31.22 -20.48
N HIS B 482 5.66 -30.81 -19.76
CA HIS B 482 6.97 -31.41 -19.85
C HIS B 482 6.85 -32.74 -19.24
N PRO B 483 7.82 -33.59 -19.51
CA PRO B 483 7.65 -35.02 -19.29
C PRO B 483 7.15 -35.40 -17.95
N ASN B 484 7.66 -34.90 -16.86
CA ASN B 484 6.94 -35.25 -15.65
C ASN B 484 6.54 -34.01 -14.85
N SER B 485 5.97 -33.04 -15.54
CA SER B 485 5.53 -31.81 -14.89
C SER B 485 4.06 -31.91 -14.49
N ILE B 486 3.63 -31.04 -13.59
CA ILE B 486 2.27 -31.07 -13.08
C ILE B 486 1.32 -30.25 -13.96
N PHE B 487 1.87 -29.29 -14.71
CA PHE B 487 1.06 -28.51 -15.65
C PHE B 487 1.90 -27.90 -16.76
N GLY B 488 1.22 -27.27 -17.72
CA GLY B 488 1.86 -26.74 -18.90
C GLY B 488 2.85 -25.62 -18.65
N GLU B 489 3.57 -25.24 -19.69
CA GLU B 489 4.60 -24.12 -19.62
CA GLU B 489 4.67 -24.16 -19.49
C GLU B 489 3.90 -22.87 -19.03
N SER B 490 2.69 -22.62 -19.55
CA SER B 490 2.04 -21.35 -19.30
C SER B 490 1.63 -21.21 -17.85
N MET B 491 1.30 -22.33 -17.21
CA MET B 491 0.90 -22.32 -15.82
C MET B 491 2.08 -21.95 -14.91
N ILE B 492 3.25 -22.38 -15.32
CA ILE B 492 4.52 -22.03 -14.69
C ILE B 492 5.00 -20.64 -14.94
N GLU B 493 4.86 -20.23 -16.18
CA GLU B 493 5.43 -18.97 -16.65
C GLU B 493 4.57 -17.78 -16.25
N MET B 494 3.32 -18.04 -15.91
CA MET B 494 2.39 -16.98 -15.52
C MET B 494 2.14 -17.00 -14.02
N GLY B 495 2.16 -18.20 -13.43
CA GLY B 495 1.89 -18.36 -12.02
C GLY B 495 3.09 -18.03 -11.15
N ALA B 496 4.29 -18.28 -11.66
CA ALA B 496 5.51 -18.05 -10.90
C ALA B 496 5.65 -16.58 -10.50
N PRO B 497 5.44 -15.66 -11.46
CA PRO B 497 5.50 -14.23 -11.15
C PRO B 497 4.51 -13.81 -10.07
N PHE B 498 3.23 -14.13 -10.26
CA PHE B 498 2.17 -13.70 -9.35
C PHE B 498 2.45 -14.10 -7.90
N SER B 499 2.82 -15.36 -7.69
CA SER B 499 3.00 -15.89 -6.34
C SER B 499 4.27 -15.35 -5.68
N LEU B 500 5.30 -15.11 -6.48
CA LEU B 500 6.58 -14.63 -5.95
C LEU B 500 6.50 -13.18 -5.50
N LYS B 501 5.70 -12.38 -6.18
CA LYS B 501 5.47 -11.00 -5.76
C LYS B 501 4.70 -10.93 -4.50
N GLY B 502 3.77 -11.84 -4.34
CA GLY B 502 2.87 -11.81 -3.20
C GLY B 502 3.48 -12.37 -1.94
N LEU B 503 4.53 -13.16 -2.08
CA LEU B 503 5.22 -13.76 -0.94
C LEU B 503 6.22 -12.79 -0.33
N LEU B 504 7.14 -12.32 -1.15
CA LEU B 504 8.19 -11.42 -0.70
C LEU B 504 7.73 -9.97 -0.70
N GLY B 505 6.62 -9.71 -1.40
CA GLY B 505 6.01 -8.39 -1.37
C GLY B 505 5.36 -8.12 -0.03
N ASN B 506 5.28 -9.15 0.80
CA ASN B 506 4.71 -9.04 2.14
C ASN B 506 5.53 -8.06 2.98
N PRO B 507 4.83 -7.25 3.79
CA PRO B 507 5.49 -6.25 4.65
C PRO B 507 6.60 -6.82 5.54
N ILE B 508 6.39 -8.01 6.08
CA ILE B 508 7.35 -8.60 7.02
C ILE B 508 8.71 -8.81 6.38
N CYS B 509 8.73 -8.95 5.05
CA CYS B 509 9.97 -9.18 4.31
C CYS B 509 10.78 -7.90 4.17
N SER B 510 10.10 -6.77 4.13
CA SER B 510 10.77 -5.48 3.98
C SER B 510 11.85 -5.27 5.02
N PRO B 511 12.77 -4.32 4.78
CA PRO B 511 13.85 -3.99 5.71
C PRO B 511 13.36 -3.52 7.07
N GLU B 512 12.18 -2.91 7.10
CA GLU B 512 11.63 -2.36 8.33
C GLU B 512 11.04 -3.44 9.24
N TYR B 513 10.45 -4.47 8.63
CA TYR B 513 9.71 -5.48 9.38
C TYR B 513 10.52 -6.75 9.65
N TRP B 514 11.61 -6.93 8.92
CA TRP B 514 12.37 -8.18 9.01
C TRP B 514 13.42 -8.13 10.11
N LYS B 515 13.04 -7.63 11.28
CA LYS B 515 13.93 -7.60 12.42
C LYS B 515 13.60 -8.75 13.38
N ALA B 516 14.43 -8.93 14.39
CA ALA B 516 14.22 -9.97 15.39
C ALA B 516 13.22 -9.51 16.44
N SER B 517 13.19 -8.21 16.71
CA SER B 517 12.28 -7.65 17.69
C SER B 517 10.84 -7.66 17.19
N THR B 518 10.69 -7.76 15.88
CA THR B 518 9.36 -7.79 15.26
C THR B 518 8.64 -9.09 15.60
N PHE B 519 9.42 -10.11 15.98
CA PHE B 519 8.86 -11.42 16.32
C PHE B 519 9.06 -11.74 17.79
N GLY B 520 9.40 -10.71 18.58
CA GLY B 520 9.58 -10.89 20.01
C GLY B 520 10.89 -11.57 20.36
N GLY B 521 12.00 -11.05 19.85
CA GLY B 521 13.30 -11.58 20.15
C GLY B 521 13.74 -12.65 19.15
N GLU B 522 14.86 -13.30 19.44
CA GLU B 522 15.40 -14.33 18.57
C GLU B 522 14.55 -15.60 18.59
N VAL B 523 13.85 -15.82 19.71
CA VAL B 523 13.00 -17.00 19.85
C VAL B 523 11.97 -17.09 18.73
N GLY B 524 11.25 -15.99 18.52
CA GLY B 524 10.21 -15.95 17.51
C GLY B 524 10.76 -15.81 16.09
N PHE B 525 11.98 -15.29 15.99
CA PHE B 525 12.61 -15.07 14.69
C PHE B 525 13.27 -16.36 14.20
N ASN B 526 13.44 -17.32 15.10
CA ASN B 526 13.99 -18.62 14.73
C ASN B 526 12.90 -19.58 14.29
N LEU B 527 11.74 -19.47 14.92
CA LEU B 527 10.59 -20.30 14.55
C LEU B 527 10.22 -20.09 13.10
N VAL B 528 10.51 -18.90 12.59
CA VAL B 528 10.20 -18.56 11.20
C VAL B 528 11.26 -19.10 10.25
N LYS B 529 12.50 -19.12 10.71
CA LYS B 529 13.63 -19.54 9.88
C LYS B 529 13.76 -21.07 9.83
N THR B 530 13.05 -21.76 10.72
CA THR B 530 13.11 -23.21 10.78
C THR B 530 11.72 -23.83 10.58
N ALA B 531 10.80 -23.03 10.06
CA ALA B 531 9.44 -23.50 9.83
C ALA B 531 9.42 -24.65 8.82
N THR B 532 8.76 -25.73 9.19
CA THR B 532 8.65 -26.89 8.32
C THR B 532 7.23 -27.45 8.39
N LEU B 533 6.78 -28.07 7.31
CA LEU B 533 5.45 -28.68 7.29
C LEU B 533 5.38 -29.83 8.29
N LYS B 534 6.54 -30.39 8.62
CA LYS B 534 6.60 -31.51 9.55
C LYS B 534 6.52 -31.02 11.00
N LYS B 535 7.08 -29.85 11.27
CA LYS B 535 7.05 -29.29 12.61
C LYS B 535 5.75 -28.56 12.87
N LEU B 536 5.06 -28.16 11.80
CA LEU B 536 3.79 -27.47 11.91
C LEU B 536 2.70 -28.44 12.35
N VAL B 537 2.94 -29.72 12.11
CA VAL B 537 1.95 -30.76 12.42
C VAL B 537 2.33 -31.53 13.69
N CYS B 538 3.52 -32.11 13.69
CA CYS B 538 3.96 -32.99 14.78
C CYS B 538 4.04 -32.27 16.13
N LEU B 539 4.52 -31.03 16.13
CA LEU B 539 4.70 -30.28 17.38
C LEU B 539 3.37 -30.02 18.09
N ASN B 540 2.28 -29.99 17.32
CA ASN B 540 0.96 -29.73 17.88
C ASN B 540 0.19 -31.02 18.17
N THR B 541 0.71 -32.14 17.71
CA THR B 541 0.06 -33.42 17.91
C THR B 541 0.74 -34.23 19.00
N LYS B 542 0.26 -35.46 19.21
CA LYS B 542 0.86 -36.38 20.17
C LYS B 542 1.69 -37.41 19.42
N THR B 543 1.06 -38.07 18.44
CA THR B 543 1.75 -39.03 17.59
C THR B 543 2.25 -38.32 16.34
N CYS B 544 3.32 -38.83 15.75
CA CYS B 544 3.90 -38.22 14.56
C CYS B 544 3.64 -39.08 13.34
N PRO B 545 2.72 -38.63 12.46
CA PRO B 545 2.34 -39.38 11.26
C PRO B 545 3.27 -39.09 10.09
N TYR B 546 2.84 -39.45 8.88
CA TYR B 546 3.57 -39.11 7.67
C TYR B 546 3.04 -37.78 7.12
N VAL B 547 3.88 -36.76 7.13
CA VAL B 547 3.49 -35.44 6.67
C VAL B 547 4.45 -34.93 5.59
N SER B 548 3.89 -34.62 4.43
CA SER B 548 4.69 -34.15 3.30
C SER B 548 3.79 -33.64 2.18
N PHE B 549 4.39 -33.07 1.14
CA PHE B 549 3.65 -32.60 -0.01
C PHE B 549 3.67 -33.64 -1.13
N HIS B 550 4.28 -34.79 -0.87
CA HIS B 550 4.36 -35.86 -1.86
C HIS B 550 4.18 -37.23 -1.21
N VAL B 551 3.54 -38.14 -1.93
CA VAL B 551 3.30 -39.49 -1.45
C VAL B 551 4.61 -40.19 -1.11
N PRO B 552 4.54 -41.26 -0.30
CA PRO B 552 5.72 -42.01 0.12
C PRO B 552 6.58 -42.45 -1.05
N ASP B 553 6.02 -43.28 -1.93
CA ASP B 553 6.73 -43.75 -3.10
C ASP B 553 7.98 -44.53 -2.70
C1 NAG C . -9.36 0.00 12.71
C2 NAG C . -10.63 -0.79 12.54
C3 NAG C . -11.71 -0.18 13.42
C4 NAG C . -11.22 -0.34 14.85
C5 NAG C . -9.91 0.39 14.98
C6 NAG C . -9.37 -0.01 16.33
C7 NAG C . -10.88 -1.63 10.30
C8 NAG C . -11.34 -1.33 8.93
N2 NAG C . -11.02 -0.65 11.16
O3 NAG C . -12.86 -0.96 13.32
O4 NAG C . -12.15 0.37 15.62
O5 NAG C . -8.99 -0.16 14.05
O6 NAG C . -10.53 -0.43 17.03
O7 NAG C . -10.42 -2.72 10.57
H2 NAG C . -10.31 -1.82 12.68
H3 NAG C . -11.96 0.80 13.00
H4 NAG C . -11.32 -1.40 15.07
H5 NAG C . -10.20 1.46 15.10
H61 NAG C . -8.61 0.75 16.59
H62 NAG C . -8.80 -0.92 16.21
H81 NAG C . -10.64 -2.06 8.32
H82 NAG C . -10.87 -0.38 8.68
H83 NAG C . -12.43 -0.98 9.16
HN2 NAG C . -11.41 0.22 10.84
HO3 NAG C . -13.37 -0.91 14.14
HO6 NAG C . -10.28 -0.67 17.95
C1 NAG C . -12.89 -0.36 16.62
C2 NAG C . -14.23 0.31 16.68
C3 NAG C . -14.92 -0.12 17.97
C4 NAG C . -14.93 -1.65 18.14
C5 NAG C . -13.78 -2.38 17.40
C6 NAG C . -14.47 -3.50 16.69
C7 NAG C . -12.97 2.04 17.59
C8 NAG C . -12.67 3.49 17.73
N2 NAG C . -13.94 1.70 16.80
O3 NAG C . -16.27 0.28 17.86
O4 NAG C . -14.75 -1.73 19.54
O5 NAG C . -13.23 -1.65 16.31
O6 NAG C . -14.97 -2.91 15.49
O7 NAG C . -12.35 1.21 18.22
H2 NAG C . -14.69 0.15 15.70
H3 NAG C . -14.48 0.52 18.74
H4 NAG C . -15.96 -2.00 17.93
H5 NAG C . -13.22 -2.87 18.25
H61 NAG C . -15.03 -4.07 17.46
H62 NAG C . -13.69 -4.18 16.37
H81 NAG C . -12.07 3.47 18.74
H82 NAG C . -13.59 3.94 18.07
H83 NAG C . -12.70 3.80 16.60
HN2 NAG C . -14.47 2.38 16.26
HO3 NAG C . -16.64 0.00 17.01
HO6 NAG C . -15.42 -2.06 15.70
C1 MAN C . -15.62 -2.64 20.25
C2 MAN C . -17.00 -2.09 20.57
C3 MAN C . -17.88 -3.28 20.93
C4 MAN C . -16.89 -4.29 21.46
C5 MAN C . -16.06 -3.42 22.39
C6 MAN C . -15.39 -4.26 23.47
O2 MAN C . -17.61 -1.49 19.46
O3 MAN C . -18.44 -3.77 19.76
O4 MAN C . -17.55 -5.28 22.18
O5 MAN C . -15.06 -2.96 21.49
O6 MAN C . -16.45 -4.91 24.17
C1 BMA C . -16.62 -6.35 22.41
C2 BMA C . -17.16 -7.22 23.51
C3 BMA C . -17.83 -8.40 22.85
C4 BMA C . -18.49 -7.85 21.60
C5 BMA C . -17.36 -7.74 20.61
C6 BMA C . -17.64 -6.75 19.50
O2 BMA C . -18.16 -6.44 24.10
O3 BMA C . -18.82 -8.91 23.69
O4 BMA C . -19.41 -8.82 21.17
O5 BMA C . -16.26 -7.11 21.27
O6 BMA C . -16.33 -6.49 19.05
H2 BMA C . -16.35 -7.32 24.24
H3 BMA C . -17.05 -9.18 22.80
H4 BMA C . -19.08 -6.98 21.92
H5 BMA C . -17.35 -8.77 20.13
H61 BMA C . -18.40 -6.07 19.92
H62 BMA C . -18.16 -7.21 18.66
HO2 BMA C . -18.53 -6.92 24.86
HO4 BMA C . -19.88 -8.48 20.37
HO6 BMA C . -16.33 -5.69 18.48
C1 MAN C . -19.71 -9.73 22.92
C2 MAN C . -18.91 -10.43 21.81
C3 MAN C . -19.76 -11.49 21.14
C4 MAN C . -21.21 -11.03 21.21
C5 MAN C . -21.19 -9.51 21.13
C6 MAN C . -22.58 -8.97 20.78
O2 MAN C . -17.76 -11.03 22.37
O3 MAN C . -19.62 -12.72 21.80
O4 MAN C . -21.94 -11.56 20.13
O5 MAN C . -20.79 -9.01 22.39
O6 MAN C . -23.46 -9.20 21.86
C1 NAG D . -18.38 39.61 4.90
C2 NAG D . -19.31 40.48 5.74
C3 NAG D . -20.17 41.38 4.88
C4 NAG D . -19.32 42.05 3.85
C5 NAG D . -18.74 40.91 3.06
C6 NAG D . -18.14 41.29 1.72
C7 NAG D . -19.91 39.44 7.81
C8 NAG D . -20.78 38.51 8.56
N2 NAG D . -20.12 39.61 6.53
O3 NAG D . -20.74 42.38 5.66
O4 NAG D . -20.08 42.95 3.07
O5 NAG D . -17.78 40.34 3.89
O6 NAG D . -18.90 40.65 0.72
O7 NAG D . -19.06 40.03 8.41
H2 NAG D . -18.71 41.16 6.37
H3 NAG D . -20.96 40.76 4.41
H4 NAG D . -18.53 42.69 4.28
H5 NAG D . -19.55 40.22 2.79
H61 NAG D . -17.09 40.97 1.67
H62 NAG D . -18.15 42.38 1.59
H81 NAG D . -20.48 38.49 9.61
H82 NAG D . -20.69 37.50 8.13
H83 NAG D . -21.83 38.84 8.48
HN2 NAG D . -20.87 39.10 6.09
HO3 NAG D . -21.54 42.76 5.20
HO6 NAG D . -19.87 40.74 0.93
C1 NDG D . -19.80 44.25 3.56
C2 NDG D . -20.09 45.13 2.41
C3 NDG D . -18.95 46.08 2.24
C4 NDG D . -18.65 46.64 3.58
C5 NDG D . -17.91 45.54 4.25
C6 NDG D . -18.08 45.59 5.74
C7 NDG D . -21.29 43.84 0.86
C8 NDG D . -21.36 43.03 -0.36
O5 NDG D . -18.43 44.35 3.72
O3 NDG D . -19.38 47.16 1.47
O4 NDG D . -17.80 47.74 3.46
O6 NDG D . -16.86 46.01 6.25
O7 NDG D . -22.28 44.06 1.49
N2 NDG D . -20.14 44.33 1.23
H2 NDG D . -21.04 45.67 2.56
H3 NDG D . -18.09 45.57 1.78
H4 NDG D . -19.54 46.96 4.12
H5 NDG D . -16.84 45.62 4.07
H61 NDG D . -18.36 44.60 6.14
H62 NDG D . -18.89 46.28 6.03
H81 NDG D . -22.39 42.70 -0.53
H82 NDG D . -20.71 42.14 -0.26
H83 NDG D . -21.02 43.63 -1.22
HO3 NDG D . -18.87 47.97 1.74
HO4 NDG D . -17.61 48.10 4.38
HO6 NDG D . -16.55 45.37 6.96
HN2 NDG D . -19.31 44.14 0.71
C1 NAG E . 0.70 -1.42 -36.05
C2 NAG E . 1.25 -1.66 -37.42
C3 NAG E . 0.16 -1.36 -38.41
C4 NAG E . -0.75 -2.53 -38.21
C5 NAG E . -1.36 -2.29 -36.85
C6 NAG E . -2.29 -3.46 -36.58
C7 NAG E . 3.55 -1.12 -37.78
C8 NAG E . 4.52 -0.04 -38.11
N2 NAG E . 2.29 -0.74 -37.71
O3 NAG E . 0.69 -1.46 -39.68
O4 NAG E . -1.78 -2.57 -39.15
O5 NAG E . -0.29 -2.39 -35.90
O6 NAG E . -1.45 -4.57 -36.19
O7 NAG E . 3.95 -2.25 -37.61
H2 NAG E . 1.71 -2.66 -37.33
H3 NAG E . -0.16 -0.33 -38.22
H4 NAG E . -0.15 -3.42 -38.43
H5 NAG E . -2.04 -1.43 -37.02
H61 NAG E . -3.01 -3.47 -37.43
H62 NAG E . -2.91 -3.19 -35.72
H81 NAG E . 5.49 -0.48 -37.63
H82 NAG E . 4.31 0.75 -37.39
H83 NAG E . 4.00 0.42 -39.06
HN2 NAG E . 2.04 0.22 -37.86
HO3 NAG E . 1.42 -0.81 -39.82
HO6 NAG E . -1.06 -4.47 -35.29
C1 NDG E . -1.96 -1.29 -39.76
C2 NDG E . -3.42 -1.26 -40.12
C3 NDG E . -3.63 -2.38 -41.12
C4 NDG E . -2.81 -1.98 -42.32
C5 NDG E . -1.40 -2.22 -41.85
C6 NDG E . -0.51 -1.94 -43.06
C7 NDG E . -5.09 -2.41 -38.70
C8 NDG E . -5.75 -2.45 -37.35
O5 NDG E . -1.21 -1.17 -40.93
O3 NDG E . -4.96 -2.30 -41.56
O4 NDG E . -3.06 -2.90 -43.35
O6 NDG E . -1.40 -1.48 -44.06
O7 NDG E . -5.45 -3.23 -39.53
N2 NDG E . -4.16 -1.47 -38.90
H2 NDG E . -3.63 -0.21 -40.39
H3 NDG E . -3.42 -3.33 -40.57
H4 NDG E . -3.17 -0.98 -42.62
H5 NDG E . -1.40 -3.32 -41.66
H61 NDG E . 0.26 -2.74 -43.15
H62 NDG E . 0.09 -1.06 -42.82
H81 NDG E . -6.72 -3.08 -37.61
H82 NDG E . -6.21 -1.46 -37.25
H83 NDG E . -4.83 -2.32 -36.63
HO3 NDG E . -5.33 -3.16 -41.84
HO4 NDG E . -3.98 -2.85 -43.68
HO6 NDG E . -1.45 -2.12 -44.80
HN2 NDG E . -3.95 -0.84 -38.15
C1 NAG F . -14.93 0.01 -4.15
C2 NAG F . -15.68 0.88 -3.19
C3 NAG F . -17.10 0.37 -3.15
C4 NAG F . -17.71 0.58 -4.49
C5 NAG F . -16.88 -0.22 -5.45
C6 NAG F . -17.35 0.13 -6.86
C7 NAG F . -14.79 1.70 -1.13
C8 NAG F . -14.27 1.38 0.23
N2 NAG F . -15.15 0.69 -1.87
O3 NAG F . -17.85 1.19 -2.31
O4 NAG F . -18.96 -0.04 -4.37
O5 NAG F . -15.55 0.30 -5.35
O6 NAG F . -16.18 0.54 -7.55
O7 NAG F . -14.84 2.85 -1.49
H2 NAG F . -15.42 1.89 -3.49
H3 NAG F . -17.05 -0.61 -2.66
H4 NAG F . -17.89 1.66 -4.59
H5 NAG F . -17.21 -1.26 -5.21
H61 NAG F . -18.30 0.70 -6.72
H62 NAG F . -17.68 -0.75 -7.40
H81 NAG F . -13.63 2.33 0.42
H82 NAG F . -13.48 0.65 0.06
H83 NAG F . -15.13 0.66 0.60
HN2 NAG F . -15.08 -0.25 -1.51
HO3 NAG F . -18.77 0.87 -2.26
HO6 NAG F . -15.95 1.46 -7.30
C1 NAG F . -19.98 0.59 -5.15
C2 NAG F . -21.27 -0.13 -4.94
C3 NAG F . -22.06 0.27 -6.18
C4 NAG F . -22.54 1.69 -5.84
C5 NAG F . -21.29 2.55 -5.60
C6 NAG F . -21.69 3.73 -4.73
C7 NAG F . -20.95 -2.41 -5.82
C8 NAG F . -20.68 -3.83 -5.45
N2 NAG F . -21.03 -1.56 -4.81
O3 NAG F . -23.17 -0.60 -6.22
O4 NAG F . -23.22 2.16 -6.99
O5 NAG F . -20.31 1.89 -4.77
O6 NAG F . -21.45 3.32 -3.37
O7 NAG F . -21.08 -2.13 -7.00
H2 NAG F . -21.63 0.21 -3.94
H3 NAG F . -21.36 0.14 -7.05
H4 NAG F . -23.29 1.58 -5.05
H5 NAG F . -21.10 2.99 -6.61
H61 NAG F . -22.68 4.04 -5.14
H62 NAG F . -21.05 4.59 -4.96
H81 NAG F . -21.20 -4.37 -6.37
H82 NAG F . -21.39 -4.06 -4.66
H83 NAG F . -19.70 -3.70 -4.82
HN2 NAG F . -20.89 -1.96 -3.89
HO3 NAG F . -23.19 -1.24 -6.98
HO6 NAG F . -20.50 3.42 -3.06
C1 MAN F . -24.64 2.33 -6.88
C2 MAN F . -25.30 0.95 -6.95
C3 MAN F . -26.80 1.10 -7.16
C4 MAN F . -27.11 2.54 -6.88
C5 MAN F . -26.52 3.30 -8.05
C6 MAN F . -26.79 4.80 -7.85
O2 MAN F . -25.16 0.39 -5.67
O3 MAN F . -27.52 0.27 -6.26
O4 MAN F . -28.51 2.66 -6.92
O5 MAN F . -25.10 3.13 -7.95
O6 MAN F . -27.45 5.28 -9.03
H2 MAN F . -24.68 0.39 -7.65
H4 MAN F . -26.80 2.73 -5.84
H5 MAN F . -27.17 3.01 -8.90
H61 MAN F . -25.89 5.20 -7.36
H62 MAN F . -27.55 4.85 -7.07
HO2 MAN F . -25.44 -0.55 -5.70
C1 BMA F . -26.77 6.46 -9.46
C2 BMA F . -26.29 6.19 -10.86
C3 BMA F . -26.86 7.23 -11.80
C4 BMA F . -28.36 7.12 -11.70
C5 BMA F . -28.78 7.40 -10.27
C6 BMA F . -29.44 6.14 -9.79
O2 BMA F . -26.89 4.97 -11.23
O3 BMA F . -26.51 6.86 -13.10
O4 BMA F . -28.85 8.14 -12.52
O5 BMA F . -27.61 7.57 -9.47
O6 BMA F . -30.41 5.89 -10.80
H2 BMA F . -25.22 6.01 -10.78
H3 BMA F . -26.32 8.17 -11.57
H4 BMA F . -28.60 6.16 -12.20
H5 BMA F . -29.64 8.09 -10.36
H61 BMA F . -29.56 6.26 -8.70
H62 BMA F . -28.72 5.32 -9.88
HO2 BMA F . -26.67 4.78 -12.16
HO3 BMA F . -27.19 7.13 -13.74
HO4 BMA F . -29.82 8.05 -12.66
HO6 BMA F . -31.02 5.19 -10.51
C1 NAG G . -18.79 -38.16 7.53
C2 NAG G . -19.64 -39.24 6.89
C3 NAG G . -19.93 -40.34 7.89
C4 NAG G . -18.60 -40.96 8.23
C5 NAG G . -17.68 -39.88 8.74
C6 NAG G . -16.29 -40.47 8.86
C7 NAG G . -21.44 -39.32 5.37
C8 NAG G . -22.73 -38.77 4.89
N2 NAG G . -20.89 -38.72 6.41
O3 NAG G . -20.67 -41.32 7.21
O4 NAG G . -18.73 -41.97 9.19
O5 NAG G . -17.59 -38.82 7.80
O6 NAG G . -15.98 -40.50 10.21
O7 NAG G . -20.92 -40.27 4.82
H2 NAG G . -19.07 -39.63 6.04
H3 NAG G . -20.46 -39.96 8.79
H4 NAG G . -18.19 -41.42 7.32
H5 NAG G . -18.05 -39.50 9.70
H61 NAG G . -15.55 -39.87 8.30
H62 NAG G . -16.27 -41.49 8.44
H81 NAG G . -23.07 -39.34 4.02
H82 NAG G . -22.59 -37.71 4.58
H83 NAG G . -23.48 -38.81 5.68
HN2 NAG G . -21.34 -37.95 6.86
HO3 NAG G . -20.24 -41.51 6.32
HO6 NAG G . -16.72 -40.05 10.73
C1 NDG G . -18.90 -43.19 8.42
C2 NDG G . -18.58 -44.50 9.17
C3 NDG G . -18.07 -45.54 8.23
C4 NDG G . -19.05 -45.48 7.12
C5 NDG G . -18.82 -44.24 6.33
C6 NDG G . -19.88 -44.06 5.29
C7 NDG G . -18.11 -43.63 11.33
C8 NDG G . -17.23 -43.55 12.51
O5 NDG G . -18.71 -43.08 7.05
O3 NDG G . -18.11 -46.80 8.81
O4 NDG G . -18.88 -46.59 6.29
O6 NDG G . -20.79 -43.15 5.77
O7 NDG G . -19.11 -42.98 11.25
N2 NDG G . -17.75 -44.41 10.34
H2 NDG G . -19.56 -44.78 9.58
H3 NDG G . -17.02 -45.39 7.93
H4 NDG G . -20.07 -45.46 7.52
H5 NDG G . -17.84 -44.42 5.86
H61 NDG G . -20.37 -45.02 5.07
H62 NDG G . -19.43 -43.70 4.35
H81 NDG G . -17.67 -42.86 13.24
H82 NDG G . -16.24 -43.18 12.19
H83 NDG G . -17.13 -44.55 12.95
HO3 NDG G . -18.11 -47.51 8.10
HO4 NDG G . -19.78 -46.94 6.00
HO6 NDG G . -20.68 -43.06 6.76
HN2 NDG G . -16.91 -44.94 10.40
CHA HEM H . -7.06 21.40 13.40
CHB HEM H . -9.22 25.73 12.98
CHC HEM H . -5.48 27.36 10.37
CHD HEM H . -3.48 22.96 10.43
C1A HEM H . -7.89 22.48 13.64
C2A HEM H . -8.87 22.60 14.70
C3A HEM H . -9.46 23.79 14.59
C4A HEM H . -8.88 24.47 13.44
CMA HEM H . -10.57 24.35 15.51
CAA HEM H . -9.19 21.56 15.79
CBA HEM H . -7.92 20.91 16.30
CGA HEM H . -8.15 20.36 17.69
O1A HEM H . -7.15 19.95 18.34
O2A HEM H . -9.32 20.33 18.14
C1B HEM H . -8.41 26.53 12.22
C2B HEM H . -8.73 27.88 11.81
C3B HEM H . -7.69 28.34 11.08
C4B HEM H . -6.70 27.29 11.03
CMB HEM H . -10.05 28.60 12.17
CAB HEM H . -7.51 29.72 10.40
CBB HEM H . -8.43 30.69 10.44
C1C HEM H . -4.63 26.31 10.13
C2C HEM H . -3.44 26.35 9.31
C3C HEM H . -2.88 25.13 9.33
C4C HEM H . -3.72 24.28 10.16
CMC HEM H . -2.94 27.61 8.59
CAC HEM H . -1.60 24.62 8.64
CBC HEM H . -0.84 25.38 7.84
C1D HEM H . -4.27 22.12 11.19
C2D HEM H . -4.05 20.69 11.35
C3D HEM H . -5.16 20.21 12.28
C4D HEM H . -5.95 21.38 12.59
CMD HEM H . -2.92 19.83 10.73
CAD HEM H . -5.39 18.77 12.77
CBD HEM H . -6.87 18.44 12.67
CGD HEM H . -7.05 17.11 11.97
O1D HEM H . -6.11 16.28 12.01
O2D HEM H . -8.13 16.91 11.36
NA HEM H . -7.92 23.64 12.89
NB HEM H . -7.17 26.20 11.72
NC HEM H . -4.77 25.03 10.64
ND HEM H . -5.38 22.48 11.93
FE HEM H . -6.33 24.31 11.78
HHB HEM H . -10.05 26.12 13.34
HHC HEM H . -5.20 28.25 10.06
HHD HEM H . -2.67 22.55 10.04
HMA HEM H . -11.35 23.75 15.47
HMAA HEM H . -10.82 25.24 15.20
HMAB HEM H . -10.23 24.40 16.43
HAA HEM H . -9.78 20.88 15.43
HAAA HEM H . -9.65 22.00 16.53
HBA HEM H . -7.20 21.56 16.33
HBAA HEM H . -7.66 20.18 15.71
HMB HEM H . -10.04 29.50 11.80
HMBA HEM H . -10.12 28.67 13.14
HMBB HEM H . -10.79 28.11 11.82
HAB HEM H . -6.70 29.88 9.92
HBB HEM H . -9.26 30.55 10.92
HBBA HEM H . -8.27 31.53 9.99
HMC HEM H . -2.12 27.42 8.10
HMCA HEM H . -2.76 28.31 9.23
HMCB HEM H . -3.61 27.92 7.96
HAC HEM H . -1.34 23.71 8.79
HBC HEM H . -0.04 25.02 7.43
HBCA HEM H . -1.10 26.30 7.68
HMD HEM H . -3.03 18.90 11.02
HMDA HEM H . -2.05 20.17 11.02
HMDB HEM H . -2.98 19.88 9.75
HAD HEM H . -5.10 18.69 13.70
HADA HEM H . -4.88 18.15 12.22
HBD HEM H . -7.33 19.13 12.18
HBDA HEM H . -7.25 18.38 13.57
HHA HEM H . -7.29 20.56 13.86
S1 CEL I . 13.25 27.65 6.64
C15 CEL I . 12.96 26.13 5.76
C14 CEL I . 11.73 25.83 5.29
C13 CEL I . 11.54 24.63 4.60
C12 CEL I . 12.62 23.77 4.35
C17 CEL I . 13.90 24.16 4.70
C16 CEL I . 14.08 25.25 5.45
N2 CEL I . 12.50 22.66 3.50
C3 CEL I . 11.61 21.73 3.51
C5 CEL I . 10.46 21.56 4.44
C10 CEL I . 9.25 21.45 3.91
C9 CEL I . 8.14 21.29 4.72
C8 CEL I . 8.30 21.23 6.11
C11 CEL I . 7.08 21.05 6.97
C7 CEL I . 9.56 21.34 6.66
C6 CEL I . 10.64 21.50 5.87
C2 CEL I . 11.90 20.85 2.44
C1 CEL I . 12.97 21.30 1.83
C4 CEL I . 13.62 20.68 0.66
F3 CEL I . 12.77 20.33 -0.28
F2 CEL I . 14.31 19.64 1.06
F1 CEL I . 14.45 21.55 0.11
N1 CEL I . 13.37 22.42 2.46
N3 CEL I . 12.05 28.73 6.19
O2 CEL I . 13.31 27.31 8.21
O1 CEL I . 14.64 28.30 6.15
H14C CEL I . 10.89 26.46 5.54
H13C CEL I . 10.56 24.38 4.24
H17C CEL I . 14.72 23.50 4.48
H16C CEL I . 15.08 25.53 5.76
H10C CEL I . 9.13 21.50 2.84
HC9 CEL I . 7.15 21.21 4.29
H111 CEL I . 7.39 20.80 7.97
H112 CEL I . 6.48 20.25 6.55
H113 CEL I . 6.52 21.97 6.98
HC7 CEL I . 9.69 21.29 7.74
HC6 CEL I . 11.62 21.58 6.31
HC2 CEL I . 11.34 19.96 2.19
HN31 CEL I . 11.80 28.55 5.23
HN32 CEL I . 12.40 29.65 6.26
C1 BOG J . 19.85 16.24 4.71
O1 BOG J . 19.25 16.57 3.51
C2 BOG J . 19.68 17.38 5.65
O2 BOG J . 20.12 18.56 5.05
C3 BOG J . 20.51 17.04 6.84
O3 BOG J . 20.60 18.17 7.68
C4 BOG J . 19.78 15.86 7.45
O4 BOG J . 20.35 15.43 8.67
C5 BOG J . 19.81 14.74 6.44
O5 BOG J . 19.13 15.26 5.35
C6 BOG J . 18.97 13.56 6.84
O6 BOG J . 17.65 13.73 6.36
C1' BOG J . 20.21 17.20 2.72
C2' BOG J . 20.65 16.17 1.70
C3' BOG J . 22.10 16.43 1.35
C4' BOG J . 22.20 17.19 0.05
C5' BOG J . 21.90 18.65 0.28
C6' BOG J . 23.04 19.33 1.04
C7' BOG J . 23.25 20.77 0.59
C8' BOG J . 23.69 20.87 -0.87
H1 BOG J . 20.88 15.94 4.49
H2 BOG J . 18.64 17.55 5.96
HO2 BOG J . 21.11 18.66 5.20
H3 BOG J . 21.55 16.77 6.61
HO3 BOG J . 19.84 18.78 7.51
H4 BOG J . 18.75 16.17 7.69
H5 BOG J . 20.85 14.42 6.30
H61 BOG J . 18.96 13.45 7.93
H62 BOG J . 19.40 12.63 6.42
HO6 BOG J . 17.08 14.09 7.10
H1'1 BOG J . 21.06 17.53 3.34
H1'2 BOG J . 19.81 18.09 2.23
H2'1 BOG J . 20.02 16.23 0.80
H2'2 BOG J . 20.53 15.15 2.10
H3'1 BOG J . 22.65 15.47 1.28
H3'2 BOG J . 22.58 17.00 2.16
H4'1 BOG J . 21.51 16.76 -0.69
H4'2 BOG J . 23.22 17.08 -0.37
H5'1 BOG J . 20.96 18.74 0.85
H5'2 BOG J . 21.73 19.16 -0.68
H6'1 BOG J . 23.96 18.75 0.89
H6'2 BOG J . 22.82 19.30 2.11
H7'1 BOG J . 24.01 21.25 1.24
H7'2 BOG J . 22.32 21.34 0.73
H8'1 BOG J . 24.23 21.81 -1.03
H8'2 BOG J . 22.81 20.84 -1.52
H8'3 BOG J . 24.36 20.02 -1.10
C1 BOG K . 27.49 25.76 12.02
O1 BOG K . 28.26 24.74 12.60
C2 BOG K . 26.79 26.49 13.11
O2 BOG K . 26.18 25.55 13.94
C3 BOG K . 25.80 27.34 12.42
O3 BOG K . 24.90 27.89 13.35
C4 BOG K . 26.62 28.38 11.68
O4 BOG K . 25.82 29.35 11.03
C5 BOG K . 27.46 27.60 10.69
O5 BOG K . 28.23 26.79 11.48
C6 BOG K . 28.48 28.43 9.97
O6 BOG K . 27.84 29.19 8.96
C1' BOG K . 29.63 24.98 12.40
C2' BOG K . 29.88 24.86 10.91
C3' BOG K . 31.06 23.96 10.64
C4' BOG K . 30.65 22.50 10.75
C5' BOG K . 31.85 21.65 10.43
C6' BOG K . 31.49 20.57 9.41
C7' BOG K . 31.35 21.12 7.97
C8' BOG K . 32.54 21.98 7.54
H1 BOG K . 26.83 25.27 11.29
H2 BOG K . 27.46 27.09 13.74
HO2 BOG K . 25.99 24.72 13.42
H3 BOG K . 25.16 26.80 11.71
HO3 BOG K . 25.30 28.73 13.74
H4 BOG K . 27.24 28.93 12.39
HO4 BOG K . 25.07 29.61 11.62
H5 BOG K . 26.79 27.15 9.95
H61 BOG K . 29.24 27.78 9.52
H62 BOG K . 29.00 29.10 10.67
HO6 BOG K . 28.53 29.66 8.41
H1'1 BOG K . 30.22 24.24 12.96
H1'2 BOG K . 29.93 25.97 12.78
H2'1 BOG K . 30.07 25.85 10.47
H2'2 BOG K . 28.98 24.46 10.41
H3'1 BOG K . 31.87 24.18 11.35
H3'2 BOG K . 31.46 24.17 9.64
H4'1 BOG K . 29.83 22.29 10.05
H4'2 BOG K . 30.26 22.28 11.75
H5'1 BOG K . 32.23 21.16 11.34
H5'2 BOG K . 32.67 22.27 10.04
H6'1 BOG K . 30.54 20.09 9.70
H6'2 BOG K . 32.26 19.79 9.42
H7'1 BOG K . 30.43 21.72 7.90
H7'2 BOG K . 31.24 20.28 7.27
H8'1 BOG K . 32.62 21.97 6.44
H8'2 BOG K . 33.47 21.59 7.99
H8'3 BOG K . 32.39 23.02 7.88
CAC FLC L . -10.66 17.59 15.19
CA FLC L . -11.89 18.21 14.53
CB FLC L . -11.69 18.11 13.05
CBC FLC L . -11.83 19.43 12.45
CG FLC L . -12.60 17.12 12.34
CGC FLC L . -12.14 16.74 10.94
OA1 FLC L . -9.90 18.33 15.80
OA2 FLC L . -10.59 16.37 15.18
OB1 FLC L . -11.03 20.25 12.85
OB2 FLC L . -12.62 19.51 11.53
OG1 FLC L . -12.96 16.27 10.16
OG2 FLC L . -10.99 16.39 10.92
OHB FLC L . -10.37 17.80 12.92
HA1 FLC L . -12.02 19.26 14.84
HA2 FLC L . -12.78 17.65 14.82
HG1 FLC L . -13.61 17.56 12.25
HG2 FLC L . -12.68 16.22 12.97
HOB FLC L . -9.99 18.12 12.06
CHA HEM M . -13.82 -21.61 -6.66
CHB HEM M . -15.53 -25.71 -4.73
CHC HEM M . -10.99 -27.43 -4.47
CHD HEM M . -9.24 -23.08 -5.75
C1A HEM M . -14.71 -22.57 -6.21
C2A HEM M . -16.16 -22.52 -6.22
C3A HEM M . -16.61 -23.66 -5.69
C4A HEM M . -15.47 -24.47 -5.31
CMA HEM M . -18.10 -24.04 -5.50
CAA HEM M . -17.07 -21.38 -6.75
CBA HEM M . -16.48 -20.74 -8.00
CGA HEM M . -17.56 -19.96 -8.72
O1A HEM M . -17.27 -19.43 -9.82
O2A HEM M . -18.69 -19.87 -8.19
C1B HEM M . -14.45 -26.55 -4.52
C2B HEM M . -14.52 -27.92 -4.04
C3B HEM M . -13.26 -28.39 -3.97
C4B HEM M . -12.37 -27.34 -4.41
CMB HEM M . -15.83 -28.62 -3.69
CAB HEM M . -12.78 -29.79 -3.52
CBB HEM M . -13.60 -30.74 -3.05
C1C HEM M . -10.11 -26.41 -4.78
C2C HEM M . -8.68 -26.49 -4.76
C3C HEM M . -8.17 -25.31 -5.11
C4C HEM M . -9.29 -24.41 -5.36
CMC HEM M . -7.84 -27.75 -4.41
CAC HEM M . -6.66 -25.03 -5.21
CBC HEM M . -6.16 -23.81 -5.45
C1D HEM M . -10.33 -22.25 -5.94
C2D HEM M . -10.28 -20.81 -5.91
C3D HEM M . -11.71 -20.35 -6.20
C4D HEM M . -12.47 -21.57 -6.38
CMD HEM M . -9.05 -19.92 -5.64
CAD HEM M . -12.25 -18.92 -6.28
CBD HEM M . -12.10 -18.27 -4.91
CGD HEM M . -13.01 -17.09 -4.81
O1D HEM M . -13.49 -16.61 -5.88
O2D HEM M . -13.28 -16.61 -3.67
NA HEM M . -14.33 -23.78 -5.65
NB HEM M . -13.12 -26.23 -4.74
NC HEM M . -10.46 -25.12 -5.15
ND HEM M . -11.63 -22.66 -6.22
FE HEM M . -12.38 -24.40 -5.37
HHB HEM M . -16.38 -26.00 -4.35
HHC HEM M . -10.60 -28.32 -4.30
HHD HEM M . -8.35 -22.69 -5.88
HMA HEM M . -18.54 -24.06 -6.37
HMAA HEM M . -18.53 -23.38 -4.92
HMAB HEM M . -18.15 -24.93 -5.09
HAA HEM M . -17.15 -20.70 -6.05
HAAA HEM M . -17.94 -21.74 -6.95
HBA HEM M . -16.14 -21.43 -8.59
HBAA HEM M . -15.76 -20.14 -7.76
HMB HEM M . -15.65 -29.52 -3.39
HMBA HEM M . -16.40 -28.66 -4.48
HMBB HEM M . -16.30 -28.13 -2.99
HAB HEM M . -11.84 -29.99 -3.58
HBB HEM M . -13.25 -31.59 -2.77
HBBA HEM M . -14.56 -30.55 -2.98
HMC HEM M . -6.90 -27.54 -4.48
HMCA HEM M . -8.06 -28.47 -5.02
HMCB HEM M . -8.05 -28.03 -3.51
HAC HEM M . -6.05 -25.75 -5.08
HBC HEM M . -5.20 -23.68 -5.50
HBCA HEM M . -6.76 -23.06 -5.57
HMD HEM M . -9.31 -18.97 -5.67
HMDA HEM M . -8.37 -20.09 -6.32
HMDB HEM M . -8.68 -20.12 -4.75
HAD HEM M . -13.19 -18.92 -6.53
HADA HEM M . -11.74 -18.41 -6.93
HBD HEM M . -11.18 -17.98 -4.79
HBDA HEM M . -12.33 -18.91 -4.22
HHA HEM M . -14.21 -20.84 -7.12
S1 CEL N . 6.11 -27.58 -13.26
C15 CEL N . 6.57 -26.20 -12.03
C14 CEL N . 5.88 -25.88 -10.93
C13 CEL N . 6.15 -24.70 -10.26
C12 CEL N . 7.19 -23.86 -10.71
C17 CEL N . 8.00 -24.26 -11.74
C16 CEL N . 7.68 -25.35 -12.46
N2 CEL N . 7.63 -22.75 -9.96
C3 CEL N . 6.93 -21.80 -9.44
C5 CEL N . 5.44 -21.60 -9.50
C10 CEL N . 4.79 -21.47 -8.35
C9 CEL N . 3.43 -21.29 -8.34
C8 CEL N . 2.73 -21.22 -9.55
C11 CEL N . 1.24 -21.01 -9.50
C7 CEL N . 3.41 -21.34 -10.75
C6 CEL N . 4.74 -21.53 -10.76
C2 CEL N . 7.81 -20.93 -8.76
C1 CEL N . 9.02 -21.41 -8.89
C4 CEL N . 10.26 -20.82 -8.36
F3 CEL N . 10.14 -20.45 -7.09
F2 CEL N . 10.59 -19.77 -9.09
F1 CEL N . 11.24 -21.71 -8.41
N1 CEL N . 8.94 -22.53 -9.64
N3 CEL N . 6.02 -28.94 -12.30
O2 CEL N . 7.17 -27.89 -14.41
O1 CEL N . 4.66 -27.19 -13.83
H14C CEL N . 5.05 -26.50 -10.62
H13C CEL N . 5.59 -24.42 -9.39
H17C CEL N . 8.80 -23.61 -12.07
H16C CEL N . 8.28 -25.64 -13.30
H10C CEL N . 5.34 -21.54 -7.42
HC9 CEL N . 2.90 -21.19 -7.40
H111 CEL N . 0.89 -20.75 -10.49
H112 CEL N . 1.02 -20.20 -8.82
H113 CEL N . 0.76 -21.92 -9.17
HC7 CEL N . 2.87 -21.30 -11.68
HC6 CEL N . 5.27 -21.62 -11.69
HC2 CEL N . 7.54 -20.03 -8.22
HN31 CEL N . 6.26 -28.88 -11.33
HN32 CEL N . 5.73 -29.81 -12.71
C1 BOG O . 12.36 -16.34 -17.31
O1 BOG O . 12.87 -17.54 -16.86
C2 BOG O . 11.51 -16.72 -18.43
O2 BOG O . 12.40 -17.49 -19.15
C3 BOG O . 11.06 -15.51 -19.17
O3 BOG O . 9.97 -15.81 -20.03
C4 BOG O . 10.68 -14.41 -18.20
O4 BOG O . 11.15 -13.17 -18.70
C5 BOG O . 11.23 -14.53 -16.79
O5 BOG O . 11.40 -15.83 -16.50
C6 BOG O . 10.22 -14.23 -15.76
O6 BOG O . 9.07 -14.99 -16.08
C1' BOG O . 12.41 -17.89 -15.60
C2' BOG O . 13.08 -17.01 -14.58
C3' BOG O . 14.56 -17.08 -14.82
C4' BOG O . 15.31 -17.45 -13.56
C5' BOG O . 16.78 -17.25 -13.85
C6' BOG O . 17.65 -18.34 -13.26
C7' BOG O . 17.58 -19.63 -14.07
C8' BOG O . 18.96 -20.08 -14.53
H1 BOG O . 13.19 -15.67 -17.51
H2 BOG O . 10.66 -17.36 -18.16
HO2 BOG O . 13.18 -16.93 -19.44
H3 BOG O . 11.82 -15.13 -19.88
HO3 BOG O . 9.21 -16.18 -19.49
H4 BOG O . 9.59 -14.31 -18.21
HO4 BOG O . 10.90 -12.43 -18.07
H5 BOG O . 12.07 -13.84 -16.68
H61 BOG O . 9.98 -13.17 -15.76
H62 BOG O . 10.60 -14.49 -14.76
HO6 BOG O . 9.20 -15.95 -15.85
H1'1 BOG O . 12.71 -18.93 -15.40
H1'2 BOG O . 11.32 -17.90 -15.50
H2'1 BOG O . 12.85 -17.37 -13.56
H2'2 BOG O . 12.71 -15.98 -14.61
H3'1 BOG O . 14.93 -16.11 -15.20
H3'2 BOG O . 14.77 -17.82 -15.59
H4'1 BOG O . 15.11 -18.50 -13.30
H4'2 BOG O . 14.98 -16.84 -12.72
H5'1 BOG O . 17.10 -16.28 -13.44
H5'2 BOG O . 16.94 -17.20 -14.93
H6'1 BOG O . 17.34 -18.52 -12.23
H6'2 BOG O . 18.69 -17.99 -13.23
H7'1 BOG O . 16.94 -19.48 -14.95
H7'2 BOG O . 17.13 -20.44 -13.47
H8'1 BOG O . 18.90 -21.12 -14.90
H8'2 BOG O . 19.66 -20.04 -13.68
H8'3 BOG O . 19.31 -19.41 -15.32
C1 BOG P . 20.17 -3.39 -36.96
O1 BOG P . 21.47 -2.96 -36.73
C2 BOG P . 19.91 -4.66 -37.70
O2 BOG P . 19.18 -4.35 -38.84
C3 BOG P . 19.16 -5.60 -36.81
O3 BOG P . 20.09 -6.33 -36.04
C4 BOG P . 18.21 -4.78 -35.94
O4 BOG P . 17.01 -5.49 -35.65
C5 BOG P . 17.87 -3.49 -36.66
O5 BOG P . 19.03 -2.74 -36.54
C6 BOG P . 16.86 -2.62 -35.96
O6 BOG P . 15.64 -3.34 -35.82
C1' BOG P . 21.76 -2.09 -37.76
C2' BOG P . 23.24 -2.21 -38.00
C3' BOG P . 23.98 -1.50 -36.88
C4' BOG P . 23.86 0.00 -37.06
C5' BOG P . 23.50 0.60 -35.72
C6' BOG P . 22.02 0.41 -35.39
C7' BOG P . 21.10 1.28 -36.26
C8' BOG P . 19.66 0.77 -36.29
H1 BOG P . 20.28 -3.88 -35.97
H2 BOG P . 20.83 -5.15 -38.04
HO2 BOG P . 19.77 -4.44 -39.65
H3 BOG P . 18.59 -6.37 -37.34
HO3 BOG P . 19.73 -7.25 -35.87
H4 BOG P . 18.68 -4.58 -34.98
HO4 BOG P . 16.51 -5.67 -36.50
H5 BOG P . 17.51 -3.73 -37.67
H61 BOG P . 16.68 -1.71 -36.53
H62 BOG P . 17.24 -2.32 -34.98
HO6 BOG P . 15.00 -2.80 -35.27
H1'1 BOG P . 21.47 -1.06 -37.50
H1'2 BOG P . 21.19 -2.35 -38.67
H2'1 BOG P . 23.51 -1.76 -38.97
H2'2 BOG P . 23.54 -3.26 -38.04
H3'1 BOG P . 25.04 -1.78 -36.90
H3'2 BOG P . 23.58 -1.80 -35.92
H4'1 BOG P . 23.09 0.24 -37.80
H4'2 BOG P . 24.81 0.43 -37.41
H5'1 BOG P . 23.73 1.68 -35.72
H5'2 BOG P . 24.11 0.14 -34.92
H6'1 BOG P . 21.83 0.63 -34.34
H6'2 BOG P . 21.75 -0.65 -35.54
H7'1 BOG P . 21.49 1.31 -37.30
H7'2 BOG P . 21.11 2.31 -35.89
H8'1 BOG P . 19.18 1.06 -37.23
H8'2 BOG P . 19.10 1.20 -35.44
H8'3 BOG P . 19.66 -0.33 -36.21
#